data_6GL8
# 
_entry.id   6GL8 
# 
_audit_conform.dict_name       mmcif_pdbx.dic 
_audit_conform.dict_version    5.383 
_audit_conform.dict_location   http://mmcif.pdb.org/dictionaries/ascii/mmcif_pdbx.dic 
# 
loop_
_database_2.database_id 
_database_2.database_code 
_database_2.pdbx_database_accession 
_database_2.pdbx_DOI 
PDB   6GL8         pdb_00006gl8 10.2210/pdb6gl8/pdb 
WWPDB D_1200009904 ?            ?                   
# 
loop_
_pdbx_audit_revision_history.ordinal 
_pdbx_audit_revision_history.data_content_type 
_pdbx_audit_revision_history.major_revision 
_pdbx_audit_revision_history.minor_revision 
_pdbx_audit_revision_history.revision_date 
1 'Structure model' 1 0 2018-11-07 
2 'Structure model' 1 1 2018-11-14 
3 'Structure model' 1 2 2024-01-17 
# 
_pdbx_audit_revision_details.ordinal             1 
_pdbx_audit_revision_details.revision_ordinal    1 
_pdbx_audit_revision_details.data_content_type   'Structure model' 
_pdbx_audit_revision_details.provider            repository 
_pdbx_audit_revision_details.type                'Initial release' 
_pdbx_audit_revision_details.description         ? 
_pdbx_audit_revision_details.details             ? 
# 
loop_
_pdbx_audit_revision_group.ordinal 
_pdbx_audit_revision_group.revision_ordinal 
_pdbx_audit_revision_group.data_content_type 
_pdbx_audit_revision_group.group 
1 2 'Structure model' 'Data collection'        
2 2 'Structure model' 'Database references'    
3 3 'Structure model' 'Data collection'        
4 3 'Structure model' 'Database references'    
5 3 'Structure model' 'Refinement description' 
# 
loop_
_pdbx_audit_revision_category.ordinal 
_pdbx_audit_revision_category.revision_ordinal 
_pdbx_audit_revision_category.data_content_type 
_pdbx_audit_revision_category.category 
1 2 'Structure model' citation                      
2 2 'Structure model' citation_author               
3 3 'Structure model' chem_comp_atom                
4 3 'Structure model' chem_comp_bond                
5 3 'Structure model' database_2                    
6 3 'Structure model' pdbx_initial_refinement_model 
# 
loop_
_pdbx_audit_revision_item.ordinal 
_pdbx_audit_revision_item.revision_ordinal 
_pdbx_audit_revision_item.data_content_type 
_pdbx_audit_revision_item.item 
1 3 'Structure model' '_database_2.pdbx_DOI'                
2 3 'Structure model' '_database_2.pdbx_database_accession' 
# 
_pdbx_database_status.status_code                     REL 
_pdbx_database_status.status_code_sf                  REL 
_pdbx_database_status.status_code_mr                  ? 
_pdbx_database_status.entry_id                        6GL8 
_pdbx_database_status.recvd_initial_deposition_date   2018-05-23 
_pdbx_database_status.SG_entry                        N 
_pdbx_database_status.deposit_site                    PDBE 
_pdbx_database_status.process_site                    PDBE 
_pdbx_database_status.status_code_cs                  ? 
_pdbx_database_status.methods_development_category    ? 
_pdbx_database_status.pdb_format_compatible           Y 
_pdbx_database_status.status_code_nmr_data            ? 
# 
loop_
_audit_author.name 
_audit_author.pdbx_ordinal 
_audit_author.identifier_ORCID 
'Casara, P.'              1  ? 
'Davidson, J.'            2  ? 
'Claperon, A.'            3  ? 
'Le Toumelin-Braizat, G.' 4  ? 
'Vogler, M.'              5  ? 
'Bruno, A.'               6  ? 
'Chanrion, M.'            7  ? 
'Lysiak-Auvity, G.'       8  ? 
'Le Diguarher, T.'        9  ? 
'Starck, J.B.'            10 ? 
'Chen, I.'                11 ? 
'Whitehead, N.'           12 ? 
'Graham, C.'              13 ? 
'Matassova, N.'           14 ? 
'Dokurno, P.'             15 ? 
'Pedder, C.'              16 ? 
'Wang, Y.'                17 ? 
'Qiu, S.'                 18 ? 
'Girard, A.M.'            19 ? 
'Schneider, E.'           20 ? 
'Grave, F.'               21 ? 
'Studeny, A.'             22 ? 
'Guasconi, G.'            23 ? 
'Rocchetti, F.'           24 ? 
'Maiga, S.'               25 ? 
'Henlin, J.M.'            26 ? 
'Colland, F.'             27 ? 
'Kraus-Berthier, L.'      28 ? 
'Le Gouill, S.'           29 ? 
'Dyer, M.J.S.'            30 ? 
'Hubbard, R.'             31 ? 
'Wood, M.'                32 ? 
'Amiot, M.'               33 ? 
'Cohen, G.M.'             34 ? 
'Hickman, J.A.'           35 ? 
'Morris, E.'              36 ? 
'Murray, J.'              37 ? 
'Geneste, O.'             38 ? 
# 
_citation.abstract                  ? 
_citation.abstract_id_CAS           ? 
_citation.book_id_ISBN              ? 
_citation.book_publisher            ? 
_citation.book_publisher_city       ? 
_citation.book_title                ? 
_citation.coordinate_linkage        ? 
_citation.country                   US 
_citation.database_id_Medline       ? 
_citation.details                   ? 
_citation.id                        primary 
_citation.journal_abbrev            Oncotarget 
_citation.journal_id_ASTM           ? 
_citation.journal_id_CSD            ? 
_citation.journal_id_ISSN           1949-2553 
_citation.journal_full              ? 
_citation.journal_issue             ? 
_citation.journal_volume            9 
_citation.language                  ? 
_citation.page_first                20075 
_citation.page_last                 20088 
_citation.title                     
'S55746 is a novel orally active BCL-2 selective and potent inhibitor that impairs hematological tumor growth.' 
_citation.year                      2018 
_citation.database_id_CSD           ? 
_citation.pdbx_database_id_DOI      10.18632/oncotarget.24744 
_citation.pdbx_database_id_PubMed   29732004 
_citation.unpublished_flag          ? 
# 
loop_
_citation_author.citation_id 
_citation_author.name 
_citation_author.ordinal 
_citation_author.identifier_ORCID 
primary 'Casara, P.'              1  ? 
primary 'Davidson, J.'            2  ? 
primary 'Claperon, A.'            3  ? 
primary 'Le Toumelin-Braizat, G.' 4  ? 
primary 'Vogler, M.'              5  ? 
primary 'Bruno, A.'               6  ? 
primary 'Chanrion, M.'            7  ? 
primary 'Lysiak-Auvity, G.'       8  ? 
primary 'Le Diguarher, T.'        9  ? 
primary 'Starck, J.B.'            10 ? 
primary 'Chen, I.'                11 ? 
primary 'Whitehead, N.'           12 ? 
primary 'Graham, C.'              13 ? 
primary 'Matassova, N.'           14 ? 
primary 'Dokurno, P.'             15 ? 
primary 'Pedder, C.'              16 ? 
primary 'Wang, Y.'                17 ? 
primary 'Qiu, S.'                 18 ? 
primary 'Girard, A.M.'            19 ? 
primary 'Schneider, E.'           20 ? 
primary 'Grave, F.'               21 ? 
primary 'Studeny, A.'             22 ? 
primary 'Guasconi, G.'            23 ? 
primary 'Rocchetti, F.'           24 ? 
primary 'Maiga, S.'               25 ? 
primary 'Henlin, J.M.'            26 ? 
primary 'Colland, F.'             27 ? 
primary 'Kraus-Berthier, L.'      28 ? 
primary 'Le Gouill, S.'           29 ? 
primary 'Dyer, M.J.S.'            30 ? 
primary 'Hubbard, R.'             31 ? 
primary 'Wood, M.'                32 ? 
primary 'Amiot, M.'               33 ? 
primary 'Cohen, G.M.'             34 ? 
primary 'Hickman, J.A.'           35 ? 
primary 'Morris, E.'              36 ? 
primary 'Murray, J.'              37 ? 
primary 'Geneste, O.'             38 ? 
# 
loop_
_entity.id 
_entity.type 
_entity.src_method 
_entity.pdbx_description 
_entity.formula_weight 
_entity.pdbx_number_of_molecules 
_entity.pdbx_ec 
_entity.pdbx_mutation 
_entity.pdbx_fragment 
_entity.details 
1 polymer     man 
;Apoptosis regulator Bcl-2,Apoptosis regulator Bcl-2,Apoptosis regulator Bcl-2,Bcl-2-like protein 1,Apoptosis regulator Bcl-2,Apoptosis regulator Bcl-2,Apoptosis regulator Bcl-2
;
20236.555 1   ? 
;L95K, Q99E,L95K, Q99E,L95K, Q99E,L95K, Q99E,L95K, Q99E,L95K, Q99E,L95K, Q99E,L95K, Q99E,L95K, Q99E,L95K, Q99E,L95K, Q99E,L95K, Q99E,L95K, Q99E,L95K, Q99E,L95K, Q99E,L95K, Q99E,L95K, Q99E,L95K, Q99E,L95K, Q99E,L95K, Q99E,L95K, Q99E,L95K, Q99E,L95K, Q99E,L95K, Q99E,L95K, Q99E,L95K, Q99E,L95K, Q99E,L95K, Q99E,L95K, Q99E,L95K, Q99E,L95K, Q99E,L95K, Q99E,L95K, Q99E,L95K, Q99E,L95K, Q99E,L95K, Q99E,L95K, Q99E,L95K, Q99E,L95K, Q99E,L95K, Q99E,L95K, Q99E,L95K, Q99E,L95K, Q99E,L95K, Q99E,L95K, Q99E,L95K, Q99E,L95K, Q99E,L95K, Q99E,L95K, Q99E,L95K, Q99E,L95K, Q99E,L95K, Q99E,L95K, Q99E,L95K, Q99E,L95K, Q99E,L95K, Q99E,L95K, Q99E,L95K, Q99E,L95K, Q99E,L95K, Q99E,L95K, Q99E,L95K, Q99E,L95K, Q99E,L95K, Q99E,L95K, Q99E,L95K, Q99E,L95K, Q99E,L95K, Q99E,L95K, Q99E,L95K, Q99E,L95K, Q99E,L95K, Q99E,L95K, Q99E,L95K, Q99E,L95K, Q99E,L95K, Q99E,L95K, Q99E,L95K, Q99E,L95K, Q99E,L95K, Q99E,L95K, Q99E,L95K, Q99E,L95K, Q99E,L95K, Q99E,L95K, Q99E,L95K, Q99E,L95K, Q99E,L95K, Q99E,L95K, Q99E,L95K, Q99E,L95K, Q99E,L95K, Q99E,L95K, Q99E,L95K, Q99E,L95K, Q99E,L95K, Q99E,L95K, Q99E,L95K, Q99E,L95K, Q99E,L95K, Q99E,L95K, Q99E,L95K, Q99E,L95K, Q99E,L95K, Q99E,L95K, Q99E,L95K, Q99E,L95K, Q99E,L95K, Q99E,L95K, Q99E,L95K, Q99E,L95K, Q99E,L95K, Q99E,L95K, Q99E,L95K, Q99E,L95K, Q99E,L95K, Q99E,L95K, Q99E,L95K, Q99E,L95K, Q99E,L95K, Q99E,L95K, Q99E,L95K, Q99E,L95K, Q99E,L95K, Q99E,L95K, Q99E,L95K, Q99E,L95K, Q99E,L95K, Q99E,L95K, Q99E,L95K, Q99E,L95K, Q99E,L95K, Q99E,L95K, Q99E,L95K, Q99E,L95K, Q99E,L95K, Q99E,L95K, Q99E,L95K, Q99E,L95K, Q99E,L95K, Q99E,L95K, Q99E,L95K, Q99E,L95K, Q99E,L95K, Q99E,L95K, Q99E,L95K, Q99E,L95K, Q99E,L95K, Q99E,L95K, Q99E,L95K, Q99E,L95K, Q99E,L95K, Q99E,L95K, Q99E,L95K, Q99E,L95K, Q99E,L95K, Q99E,L95K, Q99E,L95K, Q99E,L95K, Q99E,L95K, Q99E,L95K, Q99E,L95K, Q99E,L95K, Q99E,L95K, Q99E,L95K, Q99E,L95K, Q99E,L95K, Q99E,L95K, Q99E,L95K, Q99E,L95K, Q99E,L95K, Q99E,L95K, Q99E,L95K, Q99E,L95K, Q99E,L95K, Q99E,L95K, Q99E,L95K, Q99E,L95K, Q99E,L95K, Q99E,L95K, Q99E,L95K, Q99E,L95K, Q99E,L95K, Q99E,L95K, Q99E,L95K, Q99E,L95K, Q99E,L95K, Q99E,L95K, Q99E,L95K, Q99E,L95K, Q99E,L95K, Q99E,L95K, Q99E,L95K, Q99E,L95K, Q99E,L95K, Q99E,L95K, Q99E,L95K, Q99E,L95K, Q99E,L95K, Q99E,L95K, Q99E,L95K, Q99E,L95K, Q99E,L95K, Q99E,L95K, Q99E,L95K, Q99E,L95K, Q99E,L95K, Q99E,L95K, Q99E,L95K, Q99E,L95K, Q99E,L95K, Q99E,L95K, Q99E,L95K, Q99E,L95K, Q99E,L95K, Q99E,L95K, Q99E
;
? ? 
2 non-polymer syn 
;~{N}-(4-hydroxyphenyl)-3-[6-[[(3~{S})-3-(morpholin-4-ylmethyl)-3,4-dihydro-1~{H}-isoquinolin-2-yl]carbonyl]-1,3-benzodioxol-5-yl]-~{N}-phenyl-5,6,7,8-tetrahydroindolizine-1-carboxamide
;
710.817   1   ? ? ? ? 
3 water       nat water 18.015    151 ? ? ? ? 
# 
_entity_name_com.entity_id   1 
_entity_name_com.name        'Bcl2-L-1,Apoptosis regulator Bcl-X' 
# 
_entity_poly.entity_id                      1 
_entity_poly.type                           'polypeptide(L)' 
_entity_poly.nstd_linkage                   no 
_entity_poly.nstd_monomer                   no 
_entity_poly.pdbx_seq_one_letter_code       
;MHHHHHHHHLVPRGSYDNREIVMKYIHYKLSQRGYEWDAGADVEENRTEAPEGTESEVVHKTLREAGDDFSRRYRRDFAE
MSSQLHLTPFTARGRFATVVEELFRDGVNWGRIVAFFEFGGVMCVESVNREMSPLVDNIALWMTEYLNRHLHTWIQDNGG
WDAFVELYGPSM
;
_entity_poly.pdbx_seq_one_letter_code_can   
;MHHHHHHHHLVPRGSYDNREIVMKYIHYKLSQRGYEWDAGADVEENRTEAPEGTESEVVHKTLREAGDDFSRRYRRDFAE
MSSQLHLTPFTARGRFATVVEELFRDGVNWGRIVAFFEFGGVMCVESVNREMSPLVDNIALWMTEYLNRHLHTWIQDNGG
WDAFVELYGPSM
;
_entity_poly.pdbx_strand_id                 A 
_entity_poly.pdbx_target_identifier         ? 
# 
loop_
_pdbx_entity_nonpoly.entity_id 
_pdbx_entity_nonpoly.name 
_pdbx_entity_nonpoly.comp_id 
2 
;~{N}-(4-hydroxyphenyl)-3-[6-[[(3~{S})-3-(morpholin-4-ylmethyl)-3,4-dihydro-1~{H}-isoquinolin-2-yl]carbonyl]-1,3-benzodioxol-5-yl]-~{N}-phenyl-5,6,7,8-tetrahydroindolizine-1-carboxamide
;
F3Q 
3 water HOH 
# 
loop_
_entity_poly_seq.entity_id 
_entity_poly_seq.num 
_entity_poly_seq.mon_id 
_entity_poly_seq.hetero 
1 1   MET n 
1 2   HIS n 
1 3   HIS n 
1 4   HIS n 
1 5   HIS n 
1 6   HIS n 
1 7   HIS n 
1 8   HIS n 
1 9   HIS n 
1 10  LEU n 
1 11  VAL n 
1 12  PRO n 
1 13  ARG n 
1 14  GLY n 
1 15  SER n 
1 16  TYR n 
1 17  ASP n 
1 18  ASN n 
1 19  ARG n 
1 20  GLU n 
1 21  ILE n 
1 22  VAL n 
1 23  MET n 
1 24  LYS n 
1 25  TYR n 
1 26  ILE n 
1 27  HIS n 
1 28  TYR n 
1 29  LYS n 
1 30  LEU n 
1 31  SER n 
1 32  GLN n 
1 33  ARG n 
1 34  GLY n 
1 35  TYR n 
1 36  GLU n 
1 37  TRP n 
1 38  ASP n 
1 39  ALA n 
1 40  GLY n 
1 41  ALA n 
1 42  ASP n 
1 43  VAL n 
1 44  GLU n 
1 45  GLU n 
1 46  ASN n 
1 47  ARG n 
1 48  THR n 
1 49  GLU n 
1 50  ALA n 
1 51  PRO n 
1 52  GLU n 
1 53  GLY n 
1 54  THR n 
1 55  GLU n 
1 56  SER n 
1 57  GLU n 
1 58  VAL n 
1 59  VAL n 
1 60  HIS n 
1 61  LYS n 
1 62  THR n 
1 63  LEU n 
1 64  ARG n 
1 65  GLU n 
1 66  ALA n 
1 67  GLY n 
1 68  ASP n 
1 69  ASP n 
1 70  PHE n 
1 71  SER n 
1 72  ARG n 
1 73  ARG n 
1 74  TYR n 
1 75  ARG n 
1 76  ARG n 
1 77  ASP n 
1 78  PHE n 
1 79  ALA n 
1 80  GLU n 
1 81  MET n 
1 82  SER n 
1 83  SER n 
1 84  GLN n 
1 85  LEU n 
1 86  HIS n 
1 87  LEU n 
1 88  THR n 
1 89  PRO n 
1 90  PHE n 
1 91  THR n 
1 92  ALA n 
1 93  ARG n 
1 94  GLY n 
1 95  ARG n 
1 96  PHE n 
1 97  ALA n 
1 98  THR n 
1 99  VAL n 
1 100 VAL n 
1 101 GLU n 
1 102 GLU n 
1 103 LEU n 
1 104 PHE n 
1 105 ARG n 
1 106 ASP n 
1 107 GLY n 
1 108 VAL n 
1 109 ASN n 
1 110 TRP n 
1 111 GLY n 
1 112 ARG n 
1 113 ILE n 
1 114 VAL n 
1 115 ALA n 
1 116 PHE n 
1 117 PHE n 
1 118 GLU n 
1 119 PHE n 
1 120 GLY n 
1 121 GLY n 
1 122 VAL n 
1 123 MET n 
1 124 CYS n 
1 125 VAL n 
1 126 GLU n 
1 127 SER n 
1 128 VAL n 
1 129 ASN n 
1 130 ARG n 
1 131 GLU n 
1 132 MET n 
1 133 SER n 
1 134 PRO n 
1 135 LEU n 
1 136 VAL n 
1 137 ASP n 
1 138 ASN n 
1 139 ILE n 
1 140 ALA n 
1 141 LEU n 
1 142 TRP n 
1 143 MET n 
1 144 THR n 
1 145 GLU n 
1 146 TYR n 
1 147 LEU n 
1 148 ASN n 
1 149 ARG n 
1 150 HIS n 
1 151 LEU n 
1 152 HIS n 
1 153 THR n 
1 154 TRP n 
1 155 ILE n 
1 156 GLN n 
1 157 ASP n 
1 158 ASN n 
1 159 GLY n 
1 160 GLY n 
1 161 TRP n 
1 162 ASP n 
1 163 ALA n 
1 164 PHE n 
1 165 VAL n 
1 166 GLU n 
1 167 LEU n 
1 168 TYR n 
1 169 GLY n 
1 170 PRO n 
1 171 SER n 
1 172 MET n 
# 
loop_
_entity_src_gen.entity_id 
_entity_src_gen.pdbx_src_id 
_entity_src_gen.pdbx_alt_source_flag 
_entity_src_gen.pdbx_seq_type 
_entity_src_gen.pdbx_beg_seq_num 
_entity_src_gen.pdbx_end_seq_num 
_entity_src_gen.gene_src_common_name 
_entity_src_gen.gene_src_genus 
_entity_src_gen.pdbx_gene_src_gene 
_entity_src_gen.gene_src_species 
_entity_src_gen.gene_src_strain 
_entity_src_gen.gene_src_tissue 
_entity_src_gen.gene_src_tissue_fraction 
_entity_src_gen.gene_src_details 
_entity_src_gen.pdbx_gene_src_fragment 
_entity_src_gen.pdbx_gene_src_scientific_name 
_entity_src_gen.pdbx_gene_src_ncbi_taxonomy_id 
_entity_src_gen.pdbx_gene_src_variant 
_entity_src_gen.pdbx_gene_src_cell_line 
_entity_src_gen.pdbx_gene_src_atcc 
_entity_src_gen.pdbx_gene_src_organ 
_entity_src_gen.pdbx_gene_src_organelle 
_entity_src_gen.pdbx_gene_src_cell 
_entity_src_gen.pdbx_gene_src_cellular_location 
_entity_src_gen.host_org_common_name 
_entity_src_gen.pdbx_host_org_scientific_name 
_entity_src_gen.pdbx_host_org_ncbi_taxonomy_id 
_entity_src_gen.host_org_genus 
_entity_src_gen.pdbx_host_org_gene 
_entity_src_gen.pdbx_host_org_organ 
_entity_src_gen.host_org_species 
_entity_src_gen.pdbx_host_org_tissue 
_entity_src_gen.pdbx_host_org_tissue_fraction 
_entity_src_gen.pdbx_host_org_strain 
_entity_src_gen.pdbx_host_org_variant 
_entity_src_gen.pdbx_host_org_cell_line 
_entity_src_gen.pdbx_host_org_atcc 
_entity_src_gen.pdbx_host_org_culture_collection 
_entity_src_gen.pdbx_host_org_cell 
_entity_src_gen.pdbx_host_org_organelle 
_entity_src_gen.pdbx_host_org_cellular_location 
_entity_src_gen.pdbx_host_org_vector_type 
_entity_src_gen.pdbx_host_org_vector 
_entity_src_gen.host_org_details 
_entity_src_gen.expression_system_id 
_entity_src_gen.plasmid_name 
_entity_src_gen.plasmid_details 
_entity_src_gen.pdbx_description 
1 1 sample 'Biological sequence' 1  40  Human ? BCL2                  ? ? ? ? ? ? 'Homo sapiens' 9606 ? ? ? ? ? ? ? ? 
'Escherichia coli BL21(DE3)' 469008 ? ? ? ? ? ? ? pLysS ? ? ? ? ? ? ? ? ? ? ? ? ? 
1 2 sample 'Biological sequence' 41 57  Human ? 'BCL2L1, BCL2L, BCLX' ? ? ? ? ? ? 'Homo sapiens' 9606 ? ? ? ? ? ? ? ? 
'Escherichia coli BL21(DE3)' 469008 ? ? ? ? ? ? ? pLysS ? ? ? ? ? ? ? ? ? ? ? ? ? 
1 3 sample 'Biological sequence' 58 172 Human ? BCL2                  ? ? ? ? ? ? 'Homo sapiens' 9606 ? ? ? ? ? ? ? ? 
'Escherichia coli BL21(DE3)' 469008 ? ? ? ? ? ? ? pLysS ? ? ? ? ? ? ? ? ? ? ? ? ? 
# 
loop_
_chem_comp.id 
_chem_comp.type 
_chem_comp.mon_nstd_flag 
_chem_comp.name 
_chem_comp.pdbx_synonyms 
_chem_comp.formula 
_chem_comp.formula_weight 
ALA 'L-peptide linking' y ALANINE ? 'C3 H7 N O2'     89.093  
ARG 'L-peptide linking' y ARGININE ? 'C6 H15 N4 O2 1' 175.209 
ASN 'L-peptide linking' y ASPARAGINE ? 'C4 H8 N2 O3'    132.118 
ASP 'L-peptide linking' y 'ASPARTIC ACID' ? 'C4 H7 N O4'     133.103 
CYS 'L-peptide linking' y CYSTEINE ? 'C3 H7 N O2 S'   121.158 
F3Q non-polymer         . 
;~{N}-(4-hydroxyphenyl)-3-[6-[[(3~{S})-3-(morpholin-4-ylmethyl)-3,4-dihydro-1~{H}-isoquinolin-2-yl]carbonyl]-1,3-benzodioxol-5-yl]-~{N}-phenyl-5,6,7,8-tetrahydroindolizine-1-carboxamide
;
? 'C43 H42 N4 O6'  710.817 
GLN 'L-peptide linking' y GLUTAMINE ? 'C5 H10 N2 O3'   146.144 
GLU 'L-peptide linking' y 'GLUTAMIC ACID' ? 'C5 H9 N O4'     147.129 
GLY 'peptide linking'   y GLYCINE ? 'C2 H5 N O2'     75.067  
HIS 'L-peptide linking' y HISTIDINE ? 'C6 H10 N3 O2 1' 156.162 
HOH non-polymer         . WATER ? 'H2 O'           18.015  
ILE 'L-peptide linking' y ISOLEUCINE ? 'C6 H13 N O2'    131.173 
LEU 'L-peptide linking' y LEUCINE ? 'C6 H13 N O2'    131.173 
LYS 'L-peptide linking' y LYSINE ? 'C6 H15 N2 O2 1' 147.195 
MET 'L-peptide linking' y METHIONINE ? 'C5 H11 N O2 S'  149.211 
PHE 'L-peptide linking' y PHENYLALANINE ? 'C9 H11 N O2'    165.189 
PRO 'L-peptide linking' y PROLINE ? 'C5 H9 N O2'     115.130 
SER 'L-peptide linking' y SERINE ? 'C3 H7 N O3'     105.093 
THR 'L-peptide linking' y THREONINE ? 'C4 H9 N O3'     119.119 
TRP 'L-peptide linking' y TRYPTOPHAN ? 'C11 H12 N2 O2'  204.225 
TYR 'L-peptide linking' y TYROSINE ? 'C9 H11 N O3'    181.189 
VAL 'L-peptide linking' y VALINE ? 'C5 H11 N O2'    117.146 
# 
loop_
_pdbx_poly_seq_scheme.asym_id 
_pdbx_poly_seq_scheme.entity_id 
_pdbx_poly_seq_scheme.seq_id 
_pdbx_poly_seq_scheme.mon_id 
_pdbx_poly_seq_scheme.ndb_seq_num 
_pdbx_poly_seq_scheme.pdb_seq_num 
_pdbx_poly_seq_scheme.auth_seq_num 
_pdbx_poly_seq_scheme.pdb_mon_id 
_pdbx_poly_seq_scheme.auth_mon_id 
_pdbx_poly_seq_scheme.pdb_strand_id 
_pdbx_poly_seq_scheme.pdb_ins_code 
_pdbx_poly_seq_scheme.hetero 
A 1 1   MET 1   -6  ?   ?   ?   A . n 
A 1 2   HIS 2   -5  ?   ?   ?   A . n 
A 1 3   HIS 3   -4  ?   ?   ?   A . n 
A 1 4   HIS 4   -3  ?   ?   ?   A . n 
A 1 5   HIS 5   -2  ?   ?   ?   A . n 
A 1 6   HIS 6   -1  ?   ?   ?   A . n 
A 1 7   HIS 7   0   ?   ?   ?   A . n 
A 1 8   HIS 8   1   ?   ?   ?   A . n 
A 1 9   HIS 9   2   ?   ?   ?   A . n 
A 1 10  LEU 10  3   ?   ?   ?   A . n 
A 1 11  VAL 11  4   ?   ?   ?   A . n 
A 1 12  PRO 12  5   ?   ?   ?   A . n 
A 1 13  ARG 13  6   ?   ?   ?   A . n 
A 1 14  GLY 14  7   7   GLY GLY A . n 
A 1 15  SER 15  8   8   SER SER A . n 
A 1 16  TYR 16  9   9   TYR TYR A . n 
A 1 17  ASP 17  10  10  ASP ASP A . n 
A 1 18  ASN 18  11  11  ASN ASN A . n 
A 1 19  ARG 19  12  12  ARG ARG A . n 
A 1 20  GLU 20  13  13  GLU GLU A . n 
A 1 21  ILE 21  14  14  ILE ILE A . n 
A 1 22  VAL 22  15  15  VAL VAL A . n 
A 1 23  MET 23  16  16  MET MET A . n 
A 1 24  LYS 24  17  17  LYS LYS A . n 
A 1 25  TYR 25  18  18  TYR TYR A . n 
A 1 26  ILE 26  19  19  ILE ILE A . n 
A 1 27  HIS 27  20  20  HIS HIS A . n 
A 1 28  TYR 28  21  21  TYR TYR A . n 
A 1 29  LYS 29  22  22  LYS LYS A . n 
A 1 30  LEU 30  23  23  LEU LEU A . n 
A 1 31  SER 31  24  24  SER SER A . n 
A 1 32  GLN 32  25  25  GLN GLN A . n 
A 1 33  ARG 33  26  26  ARG ARG A . n 
A 1 34  GLY 34  27  27  GLY GLY A . n 
A 1 35  TYR 35  28  28  TYR TYR A . n 
A 1 36  GLU 36  29  29  GLU GLU A . n 
A 1 37  TRP 37  30  30  TRP TRP A . n 
A 1 38  ASP 38  31  31  ASP ASP A . n 
A 1 39  ALA 39  32  32  ALA ALA A . n 
A 1 40  GLY 40  33  33  GLY GLY A . n 
A 1 41  ALA 41  34  34  ALA ALA A . n 
A 1 42  ASP 42  35  35  ASP ASP A . n 
A 1 43  VAL 43  36  ?   ?   ?   A . n 
A 1 44  GLU 44  37  ?   ?   ?   A . n 
A 1 45  GLU 45  38  ?   ?   ?   A . n 
A 1 46  ASN 46  39  ?   ?   ?   A . n 
A 1 47  ARG 47  40  ?   ?   ?   A . n 
A 1 48  THR 48  41  ?   ?   ?   A . n 
A 1 49  GLU 49  42  ?   ?   ?   A . n 
A 1 50  ALA 50  43  ?   ?   ?   A . n 
A 1 51  PRO 51  44  ?   ?   ?   A . n 
A 1 52  GLU 52  45  ?   ?   ?   A . n 
A 1 53  GLY 53  46  ?   ?   ?   A . n 
A 1 54  THR 54  47  ?   ?   ?   A . n 
A 1 55  GLU 55  48  89  GLU GLU A . n 
A 1 56  SER 56  49  90  SER SER A . n 
A 1 57  GLU 57  50  91  GLU GLU A . n 
A 1 58  VAL 58  92  92  VAL VAL A . n 
A 1 59  VAL 59  93  93  VAL VAL A . n 
A 1 60  HIS 60  94  94  HIS HIS A . n 
A 1 61  LYS 61  95  95  LYS LYS A . n 
A 1 62  THR 62  96  96  THR THR A . n 
A 1 63  LEU 63  97  97  LEU LEU A . n 
A 1 64  ARG 64  98  98  ARG ARG A . n 
A 1 65  GLU 65  99  99  GLU GLU A . n 
A 1 66  ALA 66  100 100 ALA ALA A . n 
A 1 67  GLY 67  101 101 GLY GLY A . n 
A 1 68  ASP 68  102 102 ASP ASP A . n 
A 1 69  ASP 69  103 103 ASP ASP A . n 
A 1 70  PHE 70  104 104 PHE PHE A . n 
A 1 71  SER 71  105 105 SER SER A . n 
A 1 72  ARG 72  106 106 ARG ARG A . n 
A 1 73  ARG 73  107 107 ARG ARG A . n 
A 1 74  TYR 74  108 108 TYR TYR A . n 
A 1 75  ARG 75  109 109 ARG ARG A . n 
A 1 76  ARG 76  110 110 ARG ARG A . n 
A 1 77  ASP 77  111 111 ASP ASP A . n 
A 1 78  PHE 78  112 112 PHE PHE A . n 
A 1 79  ALA 79  113 113 ALA ALA A . n 
A 1 80  GLU 80  114 114 GLU GLU A . n 
A 1 81  MET 81  115 115 MET MET A . n 
A 1 82  SER 82  116 116 SER SER A . n 
A 1 83  SER 83  117 117 SER SER A . n 
A 1 84  GLN 84  118 118 GLN GLN A . n 
A 1 85  LEU 85  119 119 LEU LEU A . n 
A 1 86  HIS 86  120 120 HIS HIS A . n 
A 1 87  LEU 87  121 121 LEU LEU A . n 
A 1 88  THR 88  122 122 THR THR A . n 
A 1 89  PRO 89  123 123 PRO PRO A . n 
A 1 90  PHE 90  124 124 PHE PHE A . n 
A 1 91  THR 91  125 125 THR THR A . n 
A 1 92  ALA 92  126 126 ALA ALA A . n 
A 1 93  ARG 93  127 127 ARG ARG A . n 
A 1 94  GLY 94  128 128 GLY GLY A . n 
A 1 95  ARG 95  129 129 ARG ARG A . n 
A 1 96  PHE 96  130 130 PHE PHE A . n 
A 1 97  ALA 97  131 131 ALA ALA A . n 
A 1 98  THR 98  132 132 THR THR A . n 
A 1 99  VAL 99  133 133 VAL VAL A . n 
A 1 100 VAL 100 134 134 VAL VAL A . n 
A 1 101 GLU 101 135 135 GLU GLU A . n 
A 1 102 GLU 102 136 136 GLU GLU A . n 
A 1 103 LEU 103 137 137 LEU LEU A . n 
A 1 104 PHE 104 138 138 PHE PHE A . n 
A 1 105 ARG 105 139 139 ARG ARG A . n 
A 1 106 ASP 106 140 140 ASP ASP A . n 
A 1 107 GLY 107 141 141 GLY GLY A . n 
A 1 108 VAL 108 142 142 VAL VAL A . n 
A 1 109 ASN 109 143 143 ASN ASN A . n 
A 1 110 TRP 110 144 144 TRP TRP A . n 
A 1 111 GLY 111 145 145 GLY GLY A . n 
A 1 112 ARG 112 146 146 ARG ARG A . n 
A 1 113 ILE 113 147 147 ILE ILE A . n 
A 1 114 VAL 114 148 148 VAL VAL A . n 
A 1 115 ALA 115 149 149 ALA ALA A . n 
A 1 116 PHE 116 150 150 PHE PHE A . n 
A 1 117 PHE 117 151 151 PHE PHE A . n 
A 1 118 GLU 118 152 152 GLU GLU A . n 
A 1 119 PHE 119 153 153 PHE PHE A . n 
A 1 120 GLY 120 154 154 GLY GLY A . n 
A 1 121 GLY 121 155 155 GLY GLY A . n 
A 1 122 VAL 122 156 156 VAL VAL A . n 
A 1 123 MET 123 157 157 MET MET A . n 
A 1 124 CYS 124 158 158 CYS CYS A . n 
A 1 125 VAL 125 159 159 VAL VAL A . n 
A 1 126 GLU 126 160 160 GLU GLU A . n 
A 1 127 SER 127 161 161 SER SER A . n 
A 1 128 VAL 128 162 162 VAL VAL A . n 
A 1 129 ASN 129 163 163 ASN ASN A . n 
A 1 130 ARG 130 164 164 ARG ARG A . n 
A 1 131 GLU 131 165 165 GLU GLU A . n 
A 1 132 MET 132 166 166 MET MET A . n 
A 1 133 SER 133 167 167 SER SER A . n 
A 1 134 PRO 134 168 168 PRO PRO A . n 
A 1 135 LEU 135 169 169 LEU LEU A . n 
A 1 136 VAL 136 170 170 VAL VAL A . n 
A 1 137 ASP 137 171 171 ASP ASP A . n 
A 1 138 ASN 138 172 172 ASN ASN A . n 
A 1 139 ILE 139 173 173 ILE ILE A . n 
A 1 140 ALA 140 174 174 ALA ALA A . n 
A 1 141 LEU 141 175 175 LEU LEU A . n 
A 1 142 TRP 142 176 176 TRP TRP A . n 
A 1 143 MET 143 177 177 MET MET A . n 
A 1 144 THR 144 178 178 THR THR A . n 
A 1 145 GLU 145 179 179 GLU GLU A . n 
A 1 146 TYR 146 180 180 TYR TYR A . n 
A 1 147 LEU 147 181 181 LEU LEU A . n 
A 1 148 ASN 148 182 182 ASN ASN A . n 
A 1 149 ARG 149 183 183 ARG ARG A . n 
A 1 150 HIS 150 184 184 HIS HIS A . n 
A 1 151 LEU 151 185 185 LEU LEU A . n 
A 1 152 HIS 152 186 186 HIS HIS A . n 
A 1 153 THR 153 187 187 THR THR A . n 
A 1 154 TRP 154 188 188 TRP TRP A . n 
A 1 155 ILE 155 189 189 ILE ILE A . n 
A 1 156 GLN 156 190 190 GLN GLN A . n 
A 1 157 ASP 157 191 191 ASP ASP A . n 
A 1 158 ASN 158 192 192 ASN ASN A . n 
A 1 159 GLY 159 193 193 GLY GLY A . n 
A 1 160 GLY 160 194 194 GLY GLY A . n 
A 1 161 TRP 161 195 195 TRP TRP A . n 
A 1 162 ASP 162 196 196 ASP ASP A . n 
A 1 163 ALA 163 197 197 ALA ALA A . n 
A 1 164 PHE 164 198 198 PHE PHE A . n 
A 1 165 VAL 165 199 199 VAL VAL A . n 
A 1 166 GLU 166 200 200 GLU GLU A . n 
A 1 167 LEU 167 201 201 LEU LEU A . n 
A 1 168 TYR 168 202 202 TYR TYR A . n 
A 1 169 GLY 169 203 203 GLY GLY A . n 
A 1 170 PRO 170 204 ?   ?   ?   A . n 
A 1 171 SER 171 205 ?   ?   ?   A . n 
A 1 172 MET 172 206 ?   ?   ?   A . n 
# 
loop_
_pdbx_nonpoly_scheme.asym_id 
_pdbx_nonpoly_scheme.entity_id 
_pdbx_nonpoly_scheme.mon_id 
_pdbx_nonpoly_scheme.ndb_seq_num 
_pdbx_nonpoly_scheme.pdb_seq_num 
_pdbx_nonpoly_scheme.auth_seq_num 
_pdbx_nonpoly_scheme.pdb_mon_id 
_pdbx_nonpoly_scheme.auth_mon_id 
_pdbx_nonpoly_scheme.pdb_strand_id 
_pdbx_nonpoly_scheme.pdb_ins_code 
B 2 F3Q 1   301 1204 F3Q F3Q A . 
C 3 HOH 1   401 2072 HOH HOH A . 
C 3 HOH 2   402 2147 HOH HOH A . 
C 3 HOH 3   403 2138 HOH HOH A . 
C 3 HOH 4   404 2108 HOH HOH A . 
C 3 HOH 5   405 2118 HOH HOH A . 
C 3 HOH 6   406 2039 HOH HOH A . 
C 3 HOH 7   407 2091 HOH HOH A . 
C 3 HOH 8   408 2075 HOH HOH A . 
C 3 HOH 9   409 2060 HOH HOH A . 
C 3 HOH 10  410 2009 HOH HOH A . 
C 3 HOH 11  411 2031 HOH HOH A . 
C 3 HOH 12  412 2013 HOH HOH A . 
C 3 HOH 13  413 2121 HOH HOH A . 
C 3 HOH 14  414 2150 HOH HOH A . 
C 3 HOH 15  415 2024 HOH HOH A . 
C 3 HOH 16  416 2115 HOH HOH A . 
C 3 HOH 17  417 2045 HOH HOH A . 
C 3 HOH 18  418 2105 HOH HOH A . 
C 3 HOH 19  419 2140 HOH HOH A . 
C 3 HOH 20  420 2044 HOH HOH A . 
C 3 HOH 21  421 2114 HOH HOH A . 
C 3 HOH 22  422 2113 HOH HOH A . 
C 3 HOH 23  423 2035 HOH HOH A . 
C 3 HOH 24  424 2068 HOH HOH A . 
C 3 HOH 25  425 2120 HOH HOH A . 
C 3 HOH 26  426 2010 HOH HOH A . 
C 3 HOH 27  427 2096 HOH HOH A . 
C 3 HOH 28  428 2041 HOH HOH A . 
C 3 HOH 29  429 2141 HOH HOH A . 
C 3 HOH 30  430 2066 HOH HOH A . 
C 3 HOH 31  431 2038 HOH HOH A . 
C 3 HOH 32  432 2054 HOH HOH A . 
C 3 HOH 33  433 2003 HOH HOH A . 
C 3 HOH 34  434 2112 HOH HOH A . 
C 3 HOH 35  435 2077 HOH HOH A . 
C 3 HOH 36  436 2100 HOH HOH A . 
C 3 HOH 37  437 2026 HOH HOH A . 
C 3 HOH 38  438 2015 HOH HOH A . 
C 3 HOH 39  439 2127 HOH HOH A . 
C 3 HOH 40  440 2005 HOH HOH A . 
C 3 HOH 41  441 2128 HOH HOH A . 
C 3 HOH 42  442 2134 HOH HOH A . 
C 3 HOH 43  443 2049 HOH HOH A . 
C 3 HOH 44  444 2123 HOH HOH A . 
C 3 HOH 45  445 2107 HOH HOH A . 
C 3 HOH 46  446 2043 HOH HOH A . 
C 3 HOH 47  447 2149 HOH HOH A . 
C 3 HOH 48  448 2144 HOH HOH A . 
C 3 HOH 49  449 2074 HOH HOH A . 
C 3 HOH 50  450 2047 HOH HOH A . 
C 3 HOH 51  451 2014 HOH HOH A . 
C 3 HOH 52  452 2071 HOH HOH A . 
C 3 HOH 53  453 2008 HOH HOH A . 
C 3 HOH 54  454 2001 HOH HOH A . 
C 3 HOH 55  455 2018 HOH HOH A . 
C 3 HOH 56  456 2022 HOH HOH A . 
C 3 HOH 57  457 2083 HOH HOH A . 
C 3 HOH 58  458 2076 HOH HOH A . 
C 3 HOH 59  459 2056 HOH HOH A . 
C 3 HOH 60  460 2117 HOH HOH A . 
C 3 HOH 61  461 2028 HOH HOH A . 
C 3 HOH 62  462 2143 HOH HOH A . 
C 3 HOH 63  463 2050 HOH HOH A . 
C 3 HOH 64  464 2111 HOH HOH A . 
C 3 HOH 65  465 2011 HOH HOH A . 
C 3 HOH 66  466 2101 HOH HOH A . 
C 3 HOH 67  467 2017 HOH HOH A . 
C 3 HOH 68  468 2116 HOH HOH A . 
C 3 HOH 69  469 2046 HOH HOH A . 
C 3 HOH 70  470 2037 HOH HOH A . 
C 3 HOH 71  471 2020 HOH HOH A . 
C 3 HOH 72  472 2027 HOH HOH A . 
C 3 HOH 73  473 2051 HOH HOH A . 
C 3 HOH 74  474 2057 HOH HOH A . 
C 3 HOH 75  475 2109 HOH HOH A . 
C 3 HOH 76  476 2059 HOH HOH A . 
C 3 HOH 77  477 2110 HOH HOH A . 
C 3 HOH 78  478 2032 HOH HOH A . 
C 3 HOH 79  479 2053 HOH HOH A . 
C 3 HOH 80  480 2130 HOH HOH A . 
C 3 HOH 81  481 2019 HOH HOH A . 
C 3 HOH 82  482 2069 HOH HOH A . 
C 3 HOH 83  483 2021 HOH HOH A . 
C 3 HOH 84  484 2085 HOH HOH A . 
C 3 HOH 85  485 2090 HOH HOH A . 
C 3 HOH 86  486 2070 HOH HOH A . 
C 3 HOH 87  487 2081 HOH HOH A . 
C 3 HOH 88  488 2058 HOH HOH A . 
C 3 HOH 89  489 2133 HOH HOH A . 
C 3 HOH 90  490 2064 HOH HOH A . 
C 3 HOH 91  491 2052 HOH HOH A . 
C 3 HOH 92  492 2097 HOH HOH A . 
C 3 HOH 93  493 2063 HOH HOH A . 
C 3 HOH 94  494 2132 HOH HOH A . 
C 3 HOH 95  495 2040 HOH HOH A . 
C 3 HOH 96  496 2139 HOH HOH A . 
C 3 HOH 97  497 2146 HOH HOH A . 
C 3 HOH 98  498 2062 HOH HOH A . 
C 3 HOH 99  499 2033 HOH HOH A . 
C 3 HOH 100 500 2016 HOH HOH A . 
C 3 HOH 101 501 2082 HOH HOH A . 
C 3 HOH 102 502 2095 HOH HOH A . 
C 3 HOH 103 503 2030 HOH HOH A . 
C 3 HOH 104 504 2119 HOH HOH A . 
C 3 HOH 105 505 2029 HOH HOH A . 
C 3 HOH 106 506 2103 HOH HOH A . 
C 3 HOH 107 507 2094 HOH HOH A . 
C 3 HOH 108 508 2073 HOH HOH A . 
C 3 HOH 109 509 2055 HOH HOH A . 
C 3 HOH 110 510 2004 HOH HOH A . 
C 3 HOH 111 511 2002 HOH HOH A . 
C 3 HOH 112 512 2065 HOH HOH A . 
C 3 HOH 113 513 2137 HOH HOH A . 
C 3 HOH 114 514 2087 HOH HOH A . 
C 3 HOH 115 515 2131 HOH HOH A . 
C 3 HOH 116 516 2125 HOH HOH A . 
C 3 HOH 117 517 2084 HOH HOH A . 
C 3 HOH 118 518 2148 HOH HOH A . 
C 3 HOH 119 519 2034 HOH HOH A . 
C 3 HOH 120 520 2079 HOH HOH A . 
C 3 HOH 121 521 2067 HOH HOH A . 
C 3 HOH 122 522 2042 HOH HOH A . 
C 3 HOH 123 523 2136 HOH HOH A . 
C 3 HOH 124 524 2080 HOH HOH A . 
C 3 HOH 125 525 2006 HOH HOH A . 
C 3 HOH 126 526 2129 HOH HOH A . 
C 3 HOH 127 527 2092 HOH HOH A . 
C 3 HOH 128 528 2126 HOH HOH A . 
C 3 HOH 129 529 2093 HOH HOH A . 
C 3 HOH 130 530 2089 HOH HOH A . 
C 3 HOH 131 531 2012 HOH HOH A . 
C 3 HOH 132 532 2135 HOH HOH A . 
C 3 HOH 133 533 2078 HOH HOH A . 
C 3 HOH 134 534 2023 HOH HOH A . 
C 3 HOH 135 535 2106 HOH HOH A . 
C 3 HOH 136 536 2061 HOH HOH A . 
C 3 HOH 137 537 2048 HOH HOH A . 
C 3 HOH 138 538 2088 HOH HOH A . 
C 3 HOH 139 539 2025 HOH HOH A . 
C 3 HOH 140 540 2122 HOH HOH A . 
C 3 HOH 141 541 2007 HOH HOH A . 
C 3 HOH 142 542 2086 HOH HOH A . 
C 3 HOH 143 543 2145 HOH HOH A . 
C 3 HOH 144 544 2036 HOH HOH A . 
C 3 HOH 145 545 2098 HOH HOH A . 
C 3 HOH 146 546 2142 HOH HOH A . 
C 3 HOH 147 547 2151 HOH HOH A . 
C 3 HOH 148 548 2124 HOH HOH A . 
C 3 HOH 149 549 2102 HOH HOH A . 
C 3 HOH 150 550 2104 HOH HOH A . 
C 3 HOH 151 551 2099 HOH HOH A . 
# 
loop_
_pdbx_unobs_or_zero_occ_atoms.id 
_pdbx_unobs_or_zero_occ_atoms.PDB_model_num 
_pdbx_unobs_or_zero_occ_atoms.polymer_flag 
_pdbx_unobs_or_zero_occ_atoms.occupancy_flag 
_pdbx_unobs_or_zero_occ_atoms.auth_asym_id 
_pdbx_unobs_or_zero_occ_atoms.auth_comp_id 
_pdbx_unobs_or_zero_occ_atoms.auth_seq_id 
_pdbx_unobs_or_zero_occ_atoms.PDB_ins_code 
_pdbx_unobs_or_zero_occ_atoms.auth_atom_id 
_pdbx_unobs_or_zero_occ_atoms.label_alt_id 
_pdbx_unobs_or_zero_occ_atoms.label_asym_id 
_pdbx_unobs_or_zero_occ_atoms.label_comp_id 
_pdbx_unobs_or_zero_occ_atoms.label_seq_id 
_pdbx_unobs_or_zero_occ_atoms.label_atom_id 
1 1 Y 1 A GLU 50 ? CG  ? A GLU 57 CG  
2 1 Y 1 A GLU 50 ? CD  ? A GLU 57 CD  
3 1 Y 1 A GLU 50 ? OE1 ? A GLU 57 OE1 
4 1 Y 1 A GLU 50 ? OE2 ? A GLU 57 OE2 
# 
loop_
_software.citation_id 
_software.classification 
_software.compiler_name 
_software.compiler_version 
_software.contact_author 
_software.contact_author_email 
_software.date 
_software.description 
_software.dependencies 
_software.hardware 
_software.language 
_software.location 
_software.mods 
_software.name 
_software.os 
_software.os_version 
_software.type 
_software.version 
_software.pdbx_ordinal 
? refinement       ? ? ? ? ? ? ? ? ? ? ? REFMAC  ? ? ? 5.8.0222 1 
? 'data reduction' ? ? ? ? ? ? ? ? ? ? ? XDS     ? ? ? .        2 
? 'data scaling'   ? ? ? ? ? ? ? ? ? ? ? Aimless ? ? ? 0.5.17   3 
? phasing          ? ? ? ? ? ? ? ? ? ? ? MOLREP  ? ? ? 11.5.02  4 
# 
_cell.angle_alpha                  90.00 
_cell.angle_alpha_esd              ? 
_cell.angle_beta                   90.00 
_cell.angle_beta_esd               ? 
_cell.angle_gamma                  90.00 
_cell.angle_gamma_esd              ? 
_cell.entry_id                     6GL8 
_cell.details                      ? 
_cell.formula_units_Z              ? 
_cell.length_a                     35.090 
_cell.length_a_esd                 ? 
_cell.length_b                     46.900 
_cell.length_b_esd                 ? 
_cell.length_c                     85.040 
_cell.length_c_esd                 ? 
_cell.volume                       ? 
_cell.volume_esd                   ? 
_cell.Z_PDB                        4 
_cell.reciprocal_angle_alpha       ? 
_cell.reciprocal_angle_beta        ? 
_cell.reciprocal_angle_gamma       ? 
_cell.reciprocal_angle_alpha_esd   ? 
_cell.reciprocal_angle_beta_esd    ? 
_cell.reciprocal_angle_gamma_esd   ? 
_cell.reciprocal_length_a          ? 
_cell.reciprocal_length_b          ? 
_cell.reciprocal_length_c          ? 
_cell.reciprocal_length_a_esd      ? 
_cell.reciprocal_length_b_esd      ? 
_cell.reciprocal_length_c_esd      ? 
_cell.pdbx_unique_axis             ? 
# 
_symmetry.entry_id                         6GL8 
_symmetry.cell_setting                     ? 
_symmetry.Int_Tables_number                19 
_symmetry.space_group_name_Hall            ? 
_symmetry.space_group_name_H-M             'P 21 21 21' 
_symmetry.pdbx_full_space_group_name_H-M   ? 
# 
_exptl.absorpt_coefficient_mu     ? 
_exptl.absorpt_correction_T_max   ? 
_exptl.absorpt_correction_T_min   ? 
_exptl.absorpt_correction_type    ? 
_exptl.absorpt_process_details    ? 
_exptl.entry_id                   6GL8 
_exptl.crystals_number            1 
_exptl.details                    ? 
_exptl.method                     'X-RAY DIFFRACTION' 
_exptl.method_details             ? 
# 
_exptl_crystal.colour                      ? 
_exptl_crystal.density_diffrn              ? 
_exptl_crystal.density_Matthews            1.76 
_exptl_crystal.density_method              ? 
_exptl_crystal.density_percent_sol         29.7 
_exptl_crystal.description                 ? 
_exptl_crystal.F_000                       ? 
_exptl_crystal.id                          1 
_exptl_crystal.preparation                 ? 
_exptl_crystal.size_max                    ? 
_exptl_crystal.size_mid                    ? 
_exptl_crystal.size_min                    ? 
_exptl_crystal.size_rad                    ? 
_exptl_crystal.colour_lustre               ? 
_exptl_crystal.colour_modifier             ? 
_exptl_crystal.colour_primary              ? 
_exptl_crystal.density_meas                ? 
_exptl_crystal.density_meas_esd            ? 
_exptl_crystal.density_meas_gt             ? 
_exptl_crystal.density_meas_lt             ? 
_exptl_crystal.density_meas_temp           ? 
_exptl_crystal.density_meas_temp_esd       ? 
_exptl_crystal.density_meas_temp_gt        ? 
_exptl_crystal.density_meas_temp_lt        ? 
_exptl_crystal.pdbx_crystal_image_url      ? 
_exptl_crystal.pdbx_crystal_image_format   ? 
_exptl_crystal.pdbx_mosaicity              ? 
_exptl_crystal.pdbx_mosaicity_esd          ? 
# 
_exptl_crystal_grow.apparatus       ? 
_exptl_crystal_grow.atmosphere      ? 
_exptl_crystal_grow.crystal_id      1 
_exptl_crystal_grow.details         ? 
_exptl_crystal_grow.method          'VAPOR DIFFUSION, HANGING DROP' 
_exptl_crystal_grow.method_ref      ? 
_exptl_crystal_grow.pH              5.25 
_exptl_crystal_grow.pressure        ? 
_exptl_crystal_grow.pressure_esd    ? 
_exptl_crystal_grow.seeding         ? 
_exptl_crystal_grow.seeding_ref     ? 
_exptl_crystal_grow.temp            284 
_exptl_crystal_grow.temp_details    ? 
_exptl_crystal_grow.temp_esd        ? 
_exptl_crystal_grow.time            ? 
_exptl_crystal_grow.pdbx_details    '0.1 M sodium acetate buffer pH 5.25, 20% Jeffamine600, 10% PEG3350' 
_exptl_crystal_grow.pdbx_pH_range   ? 
# 
_diffrn.ambient_environment    ? 
_diffrn.ambient_temp           100 
_diffrn.ambient_temp_details   ? 
_diffrn.ambient_temp_esd       ? 
_diffrn.crystal_id             1 
_diffrn.crystal_support        ? 
_diffrn.crystal_treatment      ? 
_diffrn.details                ? 
_diffrn.id                     1 
_diffrn.ambient_pressure       ? 
_diffrn.ambient_pressure_esd   ? 
_diffrn.ambient_pressure_gt    ? 
_diffrn.ambient_pressure_lt    ? 
_diffrn.ambient_temp_gt        ? 
_diffrn.ambient_temp_lt        ? 
# 
_diffrn_detector.details                      ? 
_diffrn_detector.detector                     PIXEL 
_diffrn_detector.diffrn_id                    1 
_diffrn_detector.type                         'DECTRIS PILATUS3 S 6M' 
_diffrn_detector.area_resol_mean              ? 
_diffrn_detector.dtime                        ? 
_diffrn_detector.pdbx_frames_total            ? 
_diffrn_detector.pdbx_collection_time_total   ? 
_diffrn_detector.pdbx_collection_date         2016-11-23 
# 
_diffrn_radiation.collimation                      ? 
_diffrn_radiation.diffrn_id                        1 
_diffrn_radiation.filter_edge                      ? 
_diffrn_radiation.inhomogeneity                    ? 
_diffrn_radiation.monochromator                    ? 
_diffrn_radiation.polarisn_norm                    ? 
_diffrn_radiation.polarisn_ratio                   ? 
_diffrn_radiation.probe                            ? 
_diffrn_radiation.type                             ? 
_diffrn_radiation.xray_symbol                      ? 
_diffrn_radiation.wavelength_id                    1 
_diffrn_radiation.pdbx_monochromatic_or_laue_m_l   M 
_diffrn_radiation.pdbx_wavelength_list             ? 
_diffrn_radiation.pdbx_wavelength                  ? 
_diffrn_radiation.pdbx_diffrn_protocol             'SINGLE WAVELENGTH' 
_diffrn_radiation.pdbx_analyzer                    ? 
_diffrn_radiation.pdbx_scattering_type             x-ray 
# 
_diffrn_radiation_wavelength.id           1 
_diffrn_radiation_wavelength.wavelength   0.97857 
_diffrn_radiation_wavelength.wt           1.0 
# 
_diffrn_source.current                     ? 
_diffrn_source.details                     ? 
_diffrn_source.diffrn_id                   1 
_diffrn_source.power                       ? 
_diffrn_source.size                        ? 
_diffrn_source.source                      SYNCHROTRON 
_diffrn_source.target                      ? 
_diffrn_source.type                        'SOLEIL BEAMLINE PROXIMA 1' 
_diffrn_source.voltage                     ? 
_diffrn_source.take-off_angle              ? 
_diffrn_source.pdbx_wavelength_list        0.97857 
_diffrn_source.pdbx_wavelength             ? 
_diffrn_source.pdbx_synchrotron_beamline   'PROXIMA 1' 
_diffrn_source.pdbx_synchrotron_site       SOLEIL 
# 
_reflns.B_iso_Wilson_estimate            ? 
_reflns.entry_id                         6GL8 
_reflns.data_reduction_details           ? 
_reflns.data_reduction_method            ? 
_reflns.d_resolution_high                1.39 
_reflns.d_resolution_low                 42.5 
_reflns.details                          ? 
_reflns.limit_h_max                      ? 
_reflns.limit_h_min                      ? 
_reflns.limit_k_max                      ? 
_reflns.limit_k_min                      ? 
_reflns.limit_l_max                      ? 
_reflns.limit_l_min                      ? 
_reflns.number_all                       ? 
_reflns.number_obs                       28969 
_reflns.observed_criterion               ? 
_reflns.observed_criterion_F_max         ? 
_reflns.observed_criterion_F_min         ? 
_reflns.observed_criterion_I_max         ? 
_reflns.observed_criterion_I_min         ? 
_reflns.observed_criterion_sigma_F       ? 
_reflns.observed_criterion_sigma_I       ? 
_reflns.percent_possible_obs             98.9 
_reflns.R_free_details                   ? 
_reflns.Rmerge_F_all                     ? 
_reflns.Rmerge_F_obs                     ? 
_reflns.Friedel_coverage                 ? 
_reflns.number_gt                        ? 
_reflns.threshold_expression             ? 
_reflns.pdbx_redundancy                  4.2 
_reflns.pdbx_Rmerge_I_obs                0.034 
_reflns.pdbx_Rmerge_I_all                ? 
_reflns.pdbx_Rsym_value                  ? 
_reflns.pdbx_netI_over_av_sigmaI         ? 
_reflns.pdbx_netI_over_sigmaI            19.5 
_reflns.pdbx_res_netI_over_av_sigmaI_2   ? 
_reflns.pdbx_res_netI_over_sigmaI_2      ? 
_reflns.pdbx_chi_squared                 ? 
_reflns.pdbx_scaling_rejects             ? 
_reflns.pdbx_d_res_high_opt              ? 
_reflns.pdbx_d_res_low_opt               ? 
_reflns.pdbx_d_res_opt_method            ? 
_reflns.phase_calculation_details        ? 
_reflns.pdbx_Rrim_I_all                  0.039 
_reflns.pdbx_Rpim_I_all                  0.019 
_reflns.pdbx_d_opt                       ? 
_reflns.pdbx_number_measured_all         ? 
_reflns.pdbx_diffrn_id                   1 
_reflns.pdbx_ordinal                     1 
_reflns.pdbx_CC_half                     0.999 
_reflns.pdbx_R_split                     ? 
# 
_reflns_shell.d_res_high                  1.39 
_reflns_shell.d_res_low                   1.42 
_reflns_shell.meanI_over_sigI_all         ? 
_reflns_shell.meanI_over_sigI_obs         2.2 
_reflns_shell.number_measured_all         ? 
_reflns_shell.number_measured_obs         ? 
_reflns_shell.number_possible             ? 
_reflns_shell.number_unique_all           ? 
_reflns_shell.number_unique_obs           1967 
_reflns_shell.percent_possible_all        91.7 
_reflns_shell.percent_possible_obs        ? 
_reflns_shell.Rmerge_F_all                ? 
_reflns_shell.Rmerge_F_obs                ? 
_reflns_shell.Rmerge_I_all                ? 
_reflns_shell.Rmerge_I_obs                0.54 
_reflns_shell.meanI_over_sigI_gt          ? 
_reflns_shell.meanI_over_uI_all           ? 
_reflns_shell.meanI_over_uI_gt            ? 
_reflns_shell.number_measured_gt          ? 
_reflns_shell.number_unique_gt            ? 
_reflns_shell.percent_possible_gt         ? 
_reflns_shell.Rmerge_F_gt                 ? 
_reflns_shell.Rmerge_I_gt                 ? 
_reflns_shell.pdbx_redundancy             3.7 
_reflns_shell.pdbx_Rsym_value             ? 
_reflns_shell.pdbx_chi_squared            ? 
_reflns_shell.pdbx_netI_over_sigmaI_all   ? 
_reflns_shell.pdbx_netI_over_sigmaI_obs   ? 
_reflns_shell.pdbx_Rrim_I_all             0.63 
_reflns_shell.pdbx_Rpim_I_all             0.31 
_reflns_shell.pdbx_rejects                ? 
_reflns_shell.pdbx_ordinal                1 
_reflns_shell.pdbx_diffrn_id              1 
_reflns_shell.pdbx_CC_half                0.877 
_reflns_shell.pdbx_R_split                ? 
# 
_refine.aniso_B[1][1]                            1.00 
_refine.aniso_B[1][2]                            -0.00 
_refine.aniso_B[1][3]                            0.00 
_refine.aniso_B[2][2]                            -0.62 
_refine.aniso_B[2][3]                            0.00 
_refine.aniso_B[3][3]                            -0.38 
_refine.B_iso_max                                ? 
_refine.B_iso_mean                               23.100 
_refine.B_iso_min                                ? 
_refine.correlation_coeff_Fo_to_Fc               0.970 
_refine.correlation_coeff_Fo_to_Fc_free          0.966 
_refine.details                                  'HYDROGENS HAVE BEEN ADDED IN THE RIDING POSITIONS' 
_refine.diff_density_max                         ? 
_refine.diff_density_max_esd                     ? 
_refine.diff_density_min                         ? 
_refine.diff_density_min_esd                     ? 
_refine.diff_density_rms                         ? 
_refine.diff_density_rms_esd                     ? 
_refine.entry_id                                 6GL8 
_refine.pdbx_refine_id                           'X-RAY DIFFRACTION' 
_refine.ls_abs_structure_details                 ? 
_refine.ls_abs_structure_Flack                   ? 
_refine.ls_abs_structure_Flack_esd               ? 
_refine.ls_abs_structure_Rogers                  ? 
_refine.ls_abs_structure_Rogers_esd              ? 
_refine.ls_d_res_high                            1.40 
_refine.ls_d_res_low                             20.00 
_refine.ls_extinction_coef                       ? 
_refine.ls_extinction_coef_esd                   ? 
_refine.ls_extinction_expression                 ? 
_refine.ls_extinction_method                     ? 
_refine.ls_goodness_of_fit_all                   ? 
_refine.ls_goodness_of_fit_all_esd               ? 
_refine.ls_goodness_of_fit_obs                   ? 
_refine.ls_goodness_of_fit_obs_esd               ? 
_refine.ls_hydrogen_treatment                    ? 
_refine.ls_matrix_type                           ? 
_refine.ls_number_constraints                    ? 
_refine.ls_number_parameters                     ? 
_refine.ls_number_reflns_all                     ? 
_refine.ls_number_reflns_obs                     26743 
_refine.ls_number_reflns_R_free                  1447 
_refine.ls_number_reflns_R_work                  ? 
_refine.ls_number_restraints                     ? 
_refine.ls_percent_reflns_obs                    99.20 
_refine.ls_percent_reflns_R_free                 5.1 
_refine.ls_R_factor_all                          ? 
_refine.ls_R_factor_obs                          0.17904 
_refine.ls_R_factor_R_free                       0.19439 
_refine.ls_R_factor_R_free_error                 ? 
_refine.ls_R_factor_R_free_error_details         ? 
_refine.ls_R_factor_R_work                       0.17818 
_refine.ls_R_Fsqd_factor_obs                     ? 
_refine.ls_R_I_factor_obs                        ? 
_refine.ls_redundancy_reflns_all                 ? 
_refine.ls_redundancy_reflns_obs                 ? 
_refine.ls_restrained_S_all                      ? 
_refine.ls_restrained_S_obs                      ? 
_refine.ls_shift_over_esd_max                    ? 
_refine.ls_shift_over_esd_mean                   ? 
_refine.ls_structure_factor_coef                 ? 
_refine.ls_weighting_details                     ? 
_refine.ls_weighting_scheme                      ? 
_refine.ls_wR_factor_all                         ? 
_refine.ls_wR_factor_obs                         ? 
_refine.ls_wR_factor_R_free                      ? 
_refine.ls_wR_factor_R_work                      ? 
_refine.occupancy_max                            ? 
_refine.occupancy_min                            ? 
_refine.solvent_model_details                    ? 
_refine.solvent_model_param_bsol                 ? 
_refine.solvent_model_param_ksol                 ? 
_refine.ls_R_factor_gt                           ? 
_refine.ls_goodness_of_fit_gt                    ? 
_refine.ls_goodness_of_fit_ref                   ? 
_refine.ls_shift_over_su_max                     ? 
_refine.ls_shift_over_su_max_lt                  ? 
_refine.ls_shift_over_su_mean                    ? 
_refine.ls_shift_over_su_mean_lt                 ? 
_refine.pdbx_ls_sigma_I                          ? 
_refine.pdbx_ls_sigma_F                          ? 
_refine.pdbx_ls_sigma_Fsqd                       ? 
_refine.pdbx_data_cutoff_high_absF               ? 
_refine.pdbx_data_cutoff_high_rms_absF           ? 
_refine.pdbx_data_cutoff_low_absF                ? 
_refine.pdbx_isotropic_thermal_model             ? 
_refine.pdbx_ls_cross_valid_method               THROUGHOUT 
_refine.pdbx_method_to_determine_struct          'MOLECULAR REPLACEMENT' 
_refine.pdbx_starting_model                      2W3L 
_refine.pdbx_stereochemistry_target_values       ? 
_refine.pdbx_R_Free_selection_details            RANDOM 
_refine.pdbx_stereochem_target_val_spec_case     ? 
_refine.pdbx_overall_ESU_R                       0.066 
_refine.pdbx_overall_ESU_R_Free                  0.064 
_refine.pdbx_solvent_vdw_probe_radii             1.20 
_refine.pdbx_solvent_ion_probe_radii             0.80 
_refine.pdbx_solvent_shrinkage_radii             0.80 
_refine.pdbx_real_space_R                        ? 
_refine.pdbx_density_correlation                 ? 
_refine.pdbx_pd_number_of_powder_patterns        ? 
_refine.pdbx_pd_number_of_points                 ? 
_refine.pdbx_pd_meas_number_of_points            ? 
_refine.pdbx_pd_proc_ls_prof_R_factor            ? 
_refine.pdbx_pd_proc_ls_prof_wR_factor           ? 
_refine.pdbx_pd_Marquardt_correlation_coeff      ? 
_refine.pdbx_pd_Fsqrd_R_factor                   ? 
_refine.pdbx_pd_ls_matrix_band_width             ? 
_refine.pdbx_overall_phase_error                 ? 
_refine.pdbx_overall_SU_R_free_Cruickshank_DPI   ? 
_refine.pdbx_overall_SU_R_free_Blow_DPI          ? 
_refine.pdbx_overall_SU_R_Blow_DPI               ? 
_refine.pdbx_TLS_residual_ADP_flag               ? 
_refine.pdbx_diffrn_id                           1 
_refine.overall_SU_B                             1.120 
_refine.overall_SU_ML                            0.044 
_refine.overall_SU_R_Cruickshank_DPI             ? 
_refine.overall_SU_R_free                        ? 
_refine.overall_FOM_free_R_set                   ? 
_refine.overall_FOM_work_R_set                   ? 
_refine.pdbx_average_fsc_overall                 ? 
_refine.pdbx_average_fsc_work                    ? 
_refine.pdbx_average_fsc_free                    ? 
# 
_refine_hist.pdbx_refine_id                   'X-RAY DIFFRACTION' 
_refine_hist.cycle_id                         1 
_refine_hist.pdbx_number_atoms_protein        1188 
_refine_hist.pdbx_number_atoms_nucleic_acid   0 
_refine_hist.pdbx_number_atoms_ligand         53 
_refine_hist.number_atoms_solvent             151 
_refine_hist.number_atoms_total               1392 
_refine_hist.d_res_high                       1.40 
_refine_hist.d_res_low                        20.00 
# 
loop_
_refine_ls_restr.pdbx_refine_id 
_refine_ls_restr.criterion 
_refine_ls_restr.dev_ideal 
_refine_ls_restr.dev_ideal_target 
_refine_ls_restr.number 
_refine_ls_restr.rejects 
_refine_ls_restr.type 
_refine_ls_restr.weight 
_refine_ls_restr.pdbx_restraint_function 
'X-RAY DIFFRACTION' ? 0.015  0.014  1306 ? r_bond_refined_d             ? ? 
'X-RAY DIFFRACTION' ? 0.001  0.017  1083 ? r_bond_other_d               ? ? 
'X-RAY DIFFRACTION' ? 1.820  1.714  1775 ? r_angle_refined_deg          ? ? 
'X-RAY DIFFRACTION' ? 1.139  1.661  2479 ? r_angle_other_deg            ? ? 
'X-RAY DIFFRACTION' ? 5.360  5.000  148  ? r_dihedral_angle_1_deg       ? ? 
'X-RAY DIFFRACTION' ? 29.067 20.465 86   ? r_dihedral_angle_2_deg       ? ? 
'X-RAY DIFFRACTION' ? 16.350 15.000 203  ? r_dihedral_angle_3_deg       ? ? 
'X-RAY DIFFRACTION' ? 17.262 15.000 14   ? r_dihedral_angle_4_deg       ? ? 
'X-RAY DIFFRACTION' ? 0.090  0.200  148  ? r_chiral_restr               ? ? 
'X-RAY DIFFRACTION' ? 0.010  0.020  1507 ? r_gen_planes_refined         ? ? 
'X-RAY DIFFRACTION' ? 0.001  0.020  271  ? r_gen_planes_other           ? ? 
'X-RAY DIFFRACTION' ? ?      ?      ?    ? r_nbd_refined                ? ? 
'X-RAY DIFFRACTION' ? ?      ?      ?    ? r_nbd_other                  ? ? 
'X-RAY DIFFRACTION' ? ?      ?      ?    ? r_nbtor_refined              ? ? 
'X-RAY DIFFRACTION' ? ?      ?      ?    ? r_nbtor_other                ? ? 
'X-RAY DIFFRACTION' ? ?      ?      ?    ? r_xyhbond_nbd_refined        ? ? 
'X-RAY DIFFRACTION' ? ?      ?      ?    ? r_xyhbond_nbd_other          ? ? 
'X-RAY DIFFRACTION' ? ?      ?      ?    ? r_metal_ion_refined          ? ? 
'X-RAY DIFFRACTION' ? ?      ?      ?    ? r_metal_ion_other            ? ? 
'X-RAY DIFFRACTION' ? ?      ?      ?    ? r_symmetry_vdw_refined       ? ? 
'X-RAY DIFFRACTION' ? ?      ?      ?    ? r_symmetry_vdw_other         ? ? 
'X-RAY DIFFRACTION' ? ?      ?      ?    ? r_symmetry_hbond_refined     ? ? 
'X-RAY DIFFRACTION' ? ?      ?      ?    ? r_symmetry_hbond_other       ? ? 
'X-RAY DIFFRACTION' ? ?      ?      ?    ? r_symmetry_metal_ion_refined ? ? 
'X-RAY DIFFRACTION' ? ?      ?      ?    ? r_symmetry_metal_ion_other   ? ? 
'X-RAY DIFFRACTION' ? 2.290  2.093  582  ? r_mcbond_it                  ? ? 
'X-RAY DIFFRACTION' ? 2.252  2.085  581  ? r_mcbond_other               ? ? 
'X-RAY DIFFRACTION' ? 3.284  3.118  726  ? r_mcangle_it                 ? ? 
'X-RAY DIFFRACTION' ? 3.297  3.122  727  ? r_mcangle_other              ? ? 
'X-RAY DIFFRACTION' ? 3.540  2.498  724  ? r_scbond_it                  ? ? 
'X-RAY DIFFRACTION' ? 3.538  2.497  725  ? r_scbond_other               ? ? 
'X-RAY DIFFRACTION' ? ?      ?      ?    ? r_scangle_it                 ? ? 
'X-RAY DIFFRACTION' ? 5.316  3.595  1044 ? r_scangle_other              ? ? 
'X-RAY DIFFRACTION' ? 8.336  43.836 6794 ? r_long_range_B_refined       ? ? 
'X-RAY DIFFRACTION' ? 8.334  43.446 6649 ? r_long_range_B_other         ? ? 
'X-RAY DIFFRACTION' ? ?      ?      ?    ? r_rigid_bond_restr           ? ? 
'X-RAY DIFFRACTION' ? ?      ?      ?    ? r_sphericity_free            ? ? 
'X-RAY DIFFRACTION' ? ?      ?      ?    ? r_sphericity_bonded          ? ? 
# 
_refine_ls_shell.pdbx_refine_id                   'X-RAY DIFFRACTION' 
_refine_ls_shell.d_res_high                       1.400 
_refine_ls_shell.d_res_low                        1.475 
_refine_ls_shell.number_reflns_all                ? 
_refine_ls_shell.number_reflns_obs                ? 
_refine_ls_shell.number_reflns_R_free             211 
_refine_ls_shell.number_reflns_R_work             3844 
_refine_ls_shell.percent_reflns_obs               99.80 
_refine_ls_shell.percent_reflns_R_free            ? 
_refine_ls_shell.R_factor_all                     ? 
_refine_ls_shell.R_factor_obs                     ? 
_refine_ls_shell.R_factor_R_free                  0.266 
_refine_ls_shell.R_factor_R_free_error            ? 
_refine_ls_shell.R_factor_R_work                  0.256 
_refine_ls_shell.redundancy_reflns_all            ? 
_refine_ls_shell.redundancy_reflns_obs            ? 
_refine_ls_shell.wR_factor_all                    ? 
_refine_ls_shell.wR_factor_obs                    ? 
_refine_ls_shell.wR_factor_R_free                 ? 
_refine_ls_shell.wR_factor_R_work                 ? 
_refine_ls_shell.pdbx_total_number_of_bins_used   10 
_refine_ls_shell.pdbx_phase_error                 ? 
_refine_ls_shell.pdbx_fsc_work                    ? 
_refine_ls_shell.pdbx_fsc_free                    ? 
# 
_struct.entry_id                     6GL8 
_struct.title                        'Crystal structure of Bcl-2 in complex with the novel orally active inhibitor S55746' 
_struct.pdbx_model_details           ? 
_struct.pdbx_formula_weight          ? 
_struct.pdbx_formula_weight_method   ? 
_struct.pdbx_model_type_details      ? 
_struct.pdbx_CASP_flag               N 
# 
_struct_keywords.entry_id        6GL8 
_struct_keywords.text            'APOPTOSIS-INHIBITOR COMPLEX, BCL-2, BH3-mimetics, APOPTOSIS' 
_struct_keywords.pdbx_keywords   APOPTOSIS 
# 
loop_
_struct_asym.id 
_struct_asym.pdbx_blank_PDB_chainid_flag 
_struct_asym.pdbx_modified 
_struct_asym.entity_id 
_struct_asym.details 
A N N 1 ? 
B N N 2 ? 
C N N 3 ? 
# 
loop_
_struct_ref.id 
_struct_ref.db_name 
_struct_ref.db_code 
_struct_ref.pdbx_db_accession 
_struct_ref.pdbx_db_isoform 
_struct_ref.entity_id 
_struct_ref.pdbx_seq_one_letter_code 
_struct_ref.pdbx_align_begin 
1 UNP BCL2_HUMAN P10415 ? 1 YDNREIVMKYIHYKLSQRGYEWDAG 9  
2 PDB 6GL8       6GL8   ? 1 ? 41 
3 UNP BCL2_HUMAN P10415 ? 1 
;VVHLTLRQAGDDFSRRYRRDFAEMSSQLHLTPFTARGRFATVVEELFRDGVNWGRIVAFFEFGGVMCVESVNREMSPLVD
NIALWMTEYLNRHLHTWIQDNGGWDAFVELYGPSM
;
92 
# 
loop_
_struct_ref_seq.align_id 
_struct_ref_seq.ref_id 
_struct_ref_seq.pdbx_PDB_id_code 
_struct_ref_seq.pdbx_strand_id 
_struct_ref_seq.seq_align_beg 
_struct_ref_seq.pdbx_seq_align_beg_ins_code 
_struct_ref_seq.seq_align_end 
_struct_ref_seq.pdbx_seq_align_end_ins_code 
_struct_ref_seq.pdbx_db_accession 
_struct_ref_seq.db_align_beg 
_struct_ref_seq.pdbx_db_align_beg_ins_code 
_struct_ref_seq.db_align_end 
_struct_ref_seq.pdbx_db_align_end_ins_code 
_struct_ref_seq.pdbx_auth_seq_align_beg 
_struct_ref_seq.pdbx_auth_seq_align_end 
1 1 6GL8 A 16 ? 40  ? P10415 9  ? 33  ? 9  33  
2 2 6GL8 A 41 ? 57  ? 6GL8   34 ? 50  ? 34 50  
3 3 6GL8 A 58 ? 172 ? P10415 92 ? 206 ? 92 206 
# 
loop_
_struct_ref_seq_dif.align_id 
_struct_ref_seq_dif.pdbx_pdb_id_code 
_struct_ref_seq_dif.mon_id 
_struct_ref_seq_dif.pdbx_pdb_strand_id 
_struct_ref_seq_dif.seq_num 
_struct_ref_seq_dif.pdbx_pdb_ins_code 
_struct_ref_seq_dif.pdbx_seq_db_name 
_struct_ref_seq_dif.pdbx_seq_db_accession_code 
_struct_ref_seq_dif.db_mon_id 
_struct_ref_seq_dif.pdbx_seq_db_seq_num 
_struct_ref_seq_dif.details 
_struct_ref_seq_dif.pdbx_auth_seq_num 
_struct_ref_seq_dif.pdbx_ordinal 
1 6GL8 MET A 1  ? UNP P10415 ?   ?  'initiating methionine' -6 1  
1 6GL8 HIS A 2  ? UNP P10415 ?   ?  'expression tag'        -5 2  
1 6GL8 HIS A 3  ? UNP P10415 ?   ?  'expression tag'        -4 3  
1 6GL8 HIS A 4  ? UNP P10415 ?   ?  'expression tag'        -3 4  
1 6GL8 HIS A 5  ? UNP P10415 ?   ?  'expression tag'        -2 5  
1 6GL8 HIS A 6  ? UNP P10415 ?   ?  'expression tag'        -1 6  
1 6GL8 HIS A 7  ? UNP P10415 ?   ?  'expression tag'        0  7  
1 6GL8 HIS A 8  ? UNP P10415 ?   ?  'expression tag'        1  8  
1 6GL8 HIS A 9  ? UNP P10415 ?   ?  'expression tag'        2  9  
1 6GL8 LEU A 10 ? UNP P10415 ?   ?  'expression tag'        3  10 
1 6GL8 VAL A 11 ? UNP P10415 ?   ?  'expression tag'        4  11 
1 6GL8 PRO A 12 ? UNP P10415 ?   ?  'expression tag'        5  12 
1 6GL8 ARG A 13 ? UNP P10415 ?   ?  'expression tag'        6  13 
1 6GL8 GLY A 14 ? UNP P10415 ?   ?  'expression tag'        7  14 
1 6GL8 SER A 15 ? UNP P10415 ?   ?  'expression tag'        8  15 
3 6GL8 LYS A 61 ? UNP P10415 LEU 95 'engineered mutation'   95 16 
3 6GL8 GLU A 65 ? UNP P10415 GLN 99 'engineered mutation'   99 17 
# 
_pdbx_struct_assembly.id                   1 
_pdbx_struct_assembly.details              author_and_software_defined_assembly 
_pdbx_struct_assembly.method_details       PISA 
_pdbx_struct_assembly.oligomeric_details   monomeric 
_pdbx_struct_assembly.oligomeric_count     1 
# 
loop_
_pdbx_struct_assembly_prop.biol_id 
_pdbx_struct_assembly_prop.type 
_pdbx_struct_assembly_prop.value 
_pdbx_struct_assembly_prop.details 
1 'ABSA (A^2)' 0    ? 
1 MORE         0    ? 
1 'SSA (A^2)'  8150 ? 
# 
_pdbx_struct_assembly_gen.assembly_id       1 
_pdbx_struct_assembly_gen.oper_expression   1 
_pdbx_struct_assembly_gen.asym_id_list      A,B,C 
# 
_pdbx_struct_assembly_auth_evidence.id                     1 
_pdbx_struct_assembly_auth_evidence.assembly_id            1 
_pdbx_struct_assembly_auth_evidence.experimental_support   'gel filtration' 
_pdbx_struct_assembly_auth_evidence.details                ? 
# 
_pdbx_struct_oper_list.id                   1 
_pdbx_struct_oper_list.type                 'identity operation' 
_pdbx_struct_oper_list.name                 1_555 
_pdbx_struct_oper_list.symmetry_operation   x,y,z 
_pdbx_struct_oper_list.matrix[1][1]         1.0000000000 
_pdbx_struct_oper_list.matrix[1][2]         0.0000000000 
_pdbx_struct_oper_list.matrix[1][3]         0.0000000000 
_pdbx_struct_oper_list.vector[1]            0.0000000000 
_pdbx_struct_oper_list.matrix[2][1]         0.0000000000 
_pdbx_struct_oper_list.matrix[2][2]         1.0000000000 
_pdbx_struct_oper_list.matrix[2][3]         0.0000000000 
_pdbx_struct_oper_list.vector[2]            0.0000000000 
_pdbx_struct_oper_list.matrix[3][1]         0.0000000000 
_pdbx_struct_oper_list.matrix[3][2]         0.0000000000 
_pdbx_struct_oper_list.matrix[3][3]         1.0000000000 
_pdbx_struct_oper_list.vector[3]            0.0000000000 
# 
loop_
_struct_conf.conf_type_id 
_struct_conf.id 
_struct_conf.pdbx_PDB_helix_id 
_struct_conf.beg_label_comp_id 
_struct_conf.beg_label_asym_id 
_struct_conf.beg_label_seq_id 
_struct_conf.pdbx_beg_PDB_ins_code 
_struct_conf.end_label_comp_id 
_struct_conf.end_label_asym_id 
_struct_conf.end_label_seq_id 
_struct_conf.pdbx_end_PDB_ins_code 
_struct_conf.beg_auth_comp_id 
_struct_conf.beg_auth_asym_id 
_struct_conf.beg_auth_seq_id 
_struct_conf.end_auth_comp_id 
_struct_conf.end_auth_asym_id 
_struct_conf.end_auth_seq_id 
_struct_conf.pdbx_PDB_helix_class 
_struct_conf.details 
_struct_conf.pdbx_PDB_helix_length 
HELX_P HELX_P1 AA1 ASP A 17  ? ARG A 33  ? ASP A 10  ARG A 26  1 ? 17 
HELX_P HELX_P2 AA2 TRP A 37  ? ALA A 41  ? TRP A 30  ALA A 34  5 ? 5  
HELX_P HELX_P3 AA3 SER A 56  ? TYR A 74  ? SER A 49  TYR A 108 1 ? 19 
HELX_P HELX_P4 AA4 TYR A 74  ? HIS A 86  ? TYR A 108 HIS A 120 1 ? 13 
HELX_P HELX_P5 AA5 THR A 91  ? ARG A 105 ? THR A 125 ARG A 139 1 ? 15 
HELX_P HELX_P6 AA6 ASN A 109 ? ARG A 130 ? ASN A 143 ARG A 164 1 ? 22 
HELX_P HELX_P7 AA7 PRO A 134 ? LEU A 151 ? PRO A 168 LEU A 185 1 ? 18 
HELX_P HELX_P8 AA8 LEU A 151 ? ASN A 158 ? LEU A 185 ASN A 192 1 ? 8  
HELX_P HELX_P9 AA9 GLY A 159 ? GLY A 169 ? GLY A 193 GLY A 203 1 ? 11 
# 
_struct_conf_type.id          HELX_P 
_struct_conf_type.criteria    ? 
_struct_conf_type.reference   ? 
# 
_struct_site.id                   AC1 
_struct_site.pdbx_evidence_code   Software 
_struct_site.pdbx_auth_asym_id    A 
_struct_site.pdbx_auth_comp_id    F3Q 
_struct_site.pdbx_auth_seq_id     301 
_struct_site.pdbx_auth_ins_code   ? 
_struct_site.pdbx_num_residues    18 
_struct_site.details              'binding site for residue F3Q A 301' 
# 
loop_
_struct_site_gen.id 
_struct_site_gen.site_id 
_struct_site_gen.pdbx_num_res 
_struct_site_gen.label_comp_id 
_struct_site_gen.label_asym_id 
_struct_site_gen.label_seq_id 
_struct_site_gen.pdbx_auth_ins_code 
_struct_site_gen.auth_comp_id 
_struct_site_gen.auth_asym_id 
_struct_site_gen.auth_seq_id 
_struct_site_gen.label_atom_id 
_struct_site_gen.label_alt_id 
_struct_site_gen.symmetry 
_struct_site_gen.details 
1  AC1 18 PHE A 70  ? PHE A 104 . ? 1_555 ? 
2  AC1 18 TYR A 74  ? TYR A 108 . ? 1_555 ? 
3  AC1 18 ASP A 77  ? ASP A 111 . ? 1_555 ? 
4  AC1 18 PHE A 78  ? PHE A 112 . ? 1_555 ? 
5  AC1 18 GLN A 84  ? GLN A 118 . ? 1_555 ? 
6  AC1 18 LEU A 103 ? LEU A 137 . ? 1_555 ? 
7  AC1 18 GLY A 111 ? GLY A 145 . ? 1_555 ? 
8  AC1 18 ARG A 112 ? ARG A 146 . ? 1_555 ? 
9  AC1 18 ALA A 115 ? ALA A 149 . ? 1_555 ? 
10 AC1 18 PHE A 119 ? PHE A 153 . ? 1_555 ? 
11 AC1 18 ASP A 137 ? ASP A 171 . ? 1_655 ? 
12 AC1 18 HOH C .   ? HOH A 415 . ? 1_655 ? 
13 AC1 18 HOH C .   ? HOH A 421 . ? 1_555 ? 
14 AC1 18 HOH C .   ? HOH A 431 . ? 1_555 ? 
15 AC1 18 HOH C .   ? HOH A 482 . ? 1_555 ? 
16 AC1 18 HOH C .   ? HOH A 484 . ? 1_555 ? 
17 AC1 18 HOH C .   ? HOH A 489 . ? 1_555 ? 
18 AC1 18 HOH C .   ? HOH A 525 . ? 1_555 ? 
# 
loop_
_pdbx_validate_close_contact.id 
_pdbx_validate_close_contact.PDB_model_num 
_pdbx_validate_close_contact.auth_atom_id_1 
_pdbx_validate_close_contact.auth_asym_id_1 
_pdbx_validate_close_contact.auth_comp_id_1 
_pdbx_validate_close_contact.auth_seq_id_1 
_pdbx_validate_close_contact.PDB_ins_code_1 
_pdbx_validate_close_contact.label_alt_id_1 
_pdbx_validate_close_contact.auth_atom_id_2 
_pdbx_validate_close_contact.auth_asym_id_2 
_pdbx_validate_close_contact.auth_comp_id_2 
_pdbx_validate_close_contact.auth_seq_id_2 
_pdbx_validate_close_contact.PDB_ins_code_2 
_pdbx_validate_close_contact.label_alt_id_2 
_pdbx_validate_close_contact.dist 
1 1 O A HOH 498 ? ? O A HOH 503 ? ? 1.70 
2 1 O A HOH 413 ? ? O A HOH 515 ? ? 1.83 
3 1 O A HOH 436 ? ? O A HOH 515 ? ? 1.91 
4 1 O A HOH 481 ? ? O A HOH 529 ? ? 2.19 
# 
_pdbx_validate_torsion.id              1 
_pdbx_validate_torsion.PDB_model_num   1 
_pdbx_validate_torsion.auth_comp_id    HIS 
_pdbx_validate_torsion.auth_asym_id    A 
_pdbx_validate_torsion.auth_seq_id     120 
_pdbx_validate_torsion.PDB_ins_code    ? 
_pdbx_validate_torsion.label_alt_id    ? 
_pdbx_validate_torsion.phi             33.91 
_pdbx_validate_torsion.psi             59.51 
# 
_pdbx_validate_planes.id              1 
_pdbx_validate_planes.PDB_model_num   1 
_pdbx_validate_planes.auth_comp_id    ARG 
_pdbx_validate_planes.auth_asym_id    A 
_pdbx_validate_planes.auth_seq_id     139 
_pdbx_validate_planes.PDB_ins_code    ? 
_pdbx_validate_planes.label_alt_id    ? 
_pdbx_validate_planes.rmsd            0.085 
_pdbx_validate_planes.type            'SIDE CHAIN' 
# 
loop_
_pdbx_unobs_or_zero_occ_residues.id 
_pdbx_unobs_or_zero_occ_residues.PDB_model_num 
_pdbx_unobs_or_zero_occ_residues.polymer_flag 
_pdbx_unobs_or_zero_occ_residues.occupancy_flag 
_pdbx_unobs_or_zero_occ_residues.auth_asym_id 
_pdbx_unobs_or_zero_occ_residues.auth_comp_id 
_pdbx_unobs_or_zero_occ_residues.auth_seq_id 
_pdbx_unobs_or_zero_occ_residues.PDB_ins_code 
_pdbx_unobs_or_zero_occ_residues.label_asym_id 
_pdbx_unobs_or_zero_occ_residues.label_comp_id 
_pdbx_unobs_or_zero_occ_residues.label_seq_id 
1  1 Y 1 A MET -6  ? A MET 1   
2  1 Y 1 A HIS -5  ? A HIS 2   
3  1 Y 1 A HIS -4  ? A HIS 3   
4  1 Y 1 A HIS -3  ? A HIS 4   
5  1 Y 1 A HIS -2  ? A HIS 5   
6  1 Y 1 A HIS -1  ? A HIS 6   
7  1 Y 1 A HIS 0   ? A HIS 7   
8  1 Y 1 A HIS 1   ? A HIS 8   
9  1 Y 1 A HIS 2   ? A HIS 9   
10 1 Y 1 A LEU 3   ? A LEU 10  
11 1 Y 1 A VAL 4   ? A VAL 11  
12 1 Y 1 A PRO 5   ? A PRO 12  
13 1 Y 1 A ARG 6   ? A ARG 13  
14 1 Y 1 A VAL 36  ? A VAL 43  
15 1 Y 1 A GLU 37  ? A GLU 44  
16 1 Y 1 A GLU 38  ? A GLU 45  
17 1 Y 1 A ASN 39  ? A ASN 46  
18 1 Y 1 A ARG 40  ? A ARG 47  
19 1 Y 1 A THR 41  ? A THR 48  
20 1 Y 1 A GLU 42  ? A GLU 49  
21 1 Y 1 A ALA 43  ? A ALA 50  
22 1 Y 1 A PRO 44  ? A PRO 51  
23 1 Y 1 A GLU 45  ? A GLU 52  
24 1 Y 1 A GLY 46  ? A GLY 53  
25 1 Y 1 A THR 47  ? A THR 54  
26 1 Y 1 A PRO 204 ? A PRO 170 
27 1 Y 1 A SER 205 ? A SER 171 
28 1 Y 1 A MET 206 ? A MET 172 
# 
loop_
_chem_comp_atom.comp_id 
_chem_comp_atom.atom_id 
_chem_comp_atom.type_symbol 
_chem_comp_atom.pdbx_aromatic_flag 
_chem_comp_atom.pdbx_stereo_config 
_chem_comp_atom.pdbx_ordinal 
ALA N    N N N 1   
ALA CA   C N S 2   
ALA C    C N N 3   
ALA O    O N N 4   
ALA CB   C N N 5   
ALA OXT  O N N 6   
ALA H    H N N 7   
ALA H2   H N N 8   
ALA HA   H N N 9   
ALA HB1  H N N 10  
ALA HB2  H N N 11  
ALA HB3  H N N 12  
ALA HXT  H N N 13  
ARG N    N N N 14  
ARG CA   C N S 15  
ARG C    C N N 16  
ARG O    O N N 17  
ARG CB   C N N 18  
ARG CG   C N N 19  
ARG CD   C N N 20  
ARG NE   N N N 21  
ARG CZ   C N N 22  
ARG NH1  N N N 23  
ARG NH2  N N N 24  
ARG OXT  O N N 25  
ARG H    H N N 26  
ARG H2   H N N 27  
ARG HA   H N N 28  
ARG HB2  H N N 29  
ARG HB3  H N N 30  
ARG HG2  H N N 31  
ARG HG3  H N N 32  
ARG HD2  H N N 33  
ARG HD3  H N N 34  
ARG HE   H N N 35  
ARG HH11 H N N 36  
ARG HH12 H N N 37  
ARG HH21 H N N 38  
ARG HH22 H N N 39  
ARG HXT  H N N 40  
ASN N    N N N 41  
ASN CA   C N S 42  
ASN C    C N N 43  
ASN O    O N N 44  
ASN CB   C N N 45  
ASN CG   C N N 46  
ASN OD1  O N N 47  
ASN ND2  N N N 48  
ASN OXT  O N N 49  
ASN H    H N N 50  
ASN H2   H N N 51  
ASN HA   H N N 52  
ASN HB2  H N N 53  
ASN HB3  H N N 54  
ASN HD21 H N N 55  
ASN HD22 H N N 56  
ASN HXT  H N N 57  
ASP N    N N N 58  
ASP CA   C N S 59  
ASP C    C N N 60  
ASP O    O N N 61  
ASP CB   C N N 62  
ASP CG   C N N 63  
ASP OD1  O N N 64  
ASP OD2  O N N 65  
ASP OXT  O N N 66  
ASP H    H N N 67  
ASP H2   H N N 68  
ASP HA   H N N 69  
ASP HB2  H N N 70  
ASP HB3  H N N 71  
ASP HD2  H N N 72  
ASP HXT  H N N 73  
CYS N    N N N 74  
CYS CA   C N R 75  
CYS C    C N N 76  
CYS O    O N N 77  
CYS CB   C N N 78  
CYS SG   S N N 79  
CYS OXT  O N N 80  
CYS H    H N N 81  
CYS H2   H N N 82  
CYS HA   H N N 83  
CYS HB2  H N N 84  
CYS HB3  H N N 85  
CYS HG   H N N 86  
CYS HXT  H N N 87  
F3Q C1   C N N 88  
F3Q C2   C N N 89  
F3Q C3   C N N 90  
F3Q C4   C N N 91  
F3Q C5   C Y N 92  
F3Q N6   N Y N 93  
F3Q C7   C Y N 94  
F3Q C8   C Y N 95  
F3Q C9   C Y N 96  
F3Q C10  C N N 97  
F3Q O11  O N N 98  
F3Q N12  N N N 99  
F3Q C13  C Y N 100 
F3Q C14  C Y N 101 
F3Q C15  C Y N 102 
F3Q C16  C Y N 103 
F3Q C17  C Y N 104 
F3Q O18  O N N 105 
F3Q C19  C N N 106 
F3Q O20  O N N 107 
F3Q C21  C N N 108 
F3Q N22  N N N 109 
F3Q O23  O N N 110 
F3Q C24  C N S 111 
F3Q C25  C N N 112 
F3Q C26  C N N 113 
F3Q C27  C Y N 114 
F3Q C28  C Y N 115 
F3Q C29  C Y N 116 
F3Q C30  C Y N 117 
F3Q C31  C Y N 118 
F3Q C32  C Y N 119 
F3Q C33  C N N 120 
F3Q C34  C Y N 121 
F3Q N35  N N N 122 
F3Q C36  C N N 123 
F3Q C37  C N N 124 
F3Q O38  O N N 125 
F3Q C39  C N N 126 
F3Q C40  C N N 127 
F3Q C41  C Y N 128 
F3Q C42  C Y N 129 
F3Q C43  C Y N 130 
F3Q C44  C Y N 131 
F3Q C45  C Y N 132 
F3Q C46  C Y N 133 
F3Q C47  C Y N 134 
F3Q C48  C Y N 135 
F3Q C49  C Y N 136 
F3Q C50  C Y N 137 
F3Q C51  C Y N 138 
F3Q C52  C Y N 139 
F3Q O53  O N N 140 
F3Q H1   H N N 141 
F3Q H2   H N N 142 
F3Q H3   H N N 143 
F3Q H4   H N N 144 
F3Q H5   H N N 145 
F3Q H6   H N N 146 
F3Q H7   H N N 147 
F3Q H8   H N N 148 
F3Q H9   H N N 149 
F3Q H10  H N N 150 
F3Q H11  H N N 151 
F3Q H12  H N N 152 
F3Q H13  H N N 153 
F3Q H14  H N N 154 
F3Q H15  H N N 155 
F3Q H16  H N N 156 
F3Q H17  H N N 157 
F3Q H18  H N N 158 
F3Q H19  H N N 159 
F3Q H20  H N N 160 
F3Q H21  H N N 161 
F3Q H22  H N N 162 
F3Q H23  H N N 163 
F3Q H25  H N N 164 
F3Q H26  H N N 165 
F3Q H27  H N N 166 
F3Q H28  H N N 167 
F3Q H29  H N N 168 
F3Q H30  H N N 169 
F3Q H31  H N N 170 
F3Q H32  H N N 171 
F3Q H33  H N N 172 
F3Q H34  H N N 173 
F3Q H35  H N N 174 
F3Q H36  H N N 175 
F3Q H37  H N N 176 
F3Q H38  H N N 177 
F3Q H39  H N N 178 
F3Q H40  H N N 179 
F3Q H41  H N N 180 
F3Q H42  H N N 181 
F3Q H24  H N N 182 
GLN N    N N N 183 
GLN CA   C N S 184 
GLN C    C N N 185 
GLN O    O N N 186 
GLN CB   C N N 187 
GLN CG   C N N 188 
GLN CD   C N N 189 
GLN OE1  O N N 190 
GLN NE2  N N N 191 
GLN OXT  O N N 192 
GLN H    H N N 193 
GLN H2   H N N 194 
GLN HA   H N N 195 
GLN HB2  H N N 196 
GLN HB3  H N N 197 
GLN HG2  H N N 198 
GLN HG3  H N N 199 
GLN HE21 H N N 200 
GLN HE22 H N N 201 
GLN HXT  H N N 202 
GLU N    N N N 203 
GLU CA   C N S 204 
GLU C    C N N 205 
GLU O    O N N 206 
GLU CB   C N N 207 
GLU CG   C N N 208 
GLU CD   C N N 209 
GLU OE1  O N N 210 
GLU OE2  O N N 211 
GLU OXT  O N N 212 
GLU H    H N N 213 
GLU H2   H N N 214 
GLU HA   H N N 215 
GLU HB2  H N N 216 
GLU HB3  H N N 217 
GLU HG2  H N N 218 
GLU HG3  H N N 219 
GLU HE2  H N N 220 
GLU HXT  H N N 221 
GLY N    N N N 222 
GLY CA   C N N 223 
GLY C    C N N 224 
GLY O    O N N 225 
GLY OXT  O N N 226 
GLY H    H N N 227 
GLY H2   H N N 228 
GLY HA2  H N N 229 
GLY HA3  H N N 230 
GLY HXT  H N N 231 
HIS N    N N N 232 
HIS CA   C N S 233 
HIS C    C N N 234 
HIS O    O N N 235 
HIS CB   C N N 236 
HIS CG   C Y N 237 
HIS ND1  N Y N 238 
HIS CD2  C Y N 239 
HIS CE1  C Y N 240 
HIS NE2  N Y N 241 
HIS OXT  O N N 242 
HIS H    H N N 243 
HIS H2   H N N 244 
HIS HA   H N N 245 
HIS HB2  H N N 246 
HIS HB3  H N N 247 
HIS HD1  H N N 248 
HIS HD2  H N N 249 
HIS HE1  H N N 250 
HIS HE2  H N N 251 
HIS HXT  H N N 252 
HOH O    O N N 253 
HOH H1   H N N 254 
HOH H2   H N N 255 
ILE N    N N N 256 
ILE CA   C N S 257 
ILE C    C N N 258 
ILE O    O N N 259 
ILE CB   C N S 260 
ILE CG1  C N N 261 
ILE CG2  C N N 262 
ILE CD1  C N N 263 
ILE OXT  O N N 264 
ILE H    H N N 265 
ILE H2   H N N 266 
ILE HA   H N N 267 
ILE HB   H N N 268 
ILE HG12 H N N 269 
ILE HG13 H N N 270 
ILE HG21 H N N 271 
ILE HG22 H N N 272 
ILE HG23 H N N 273 
ILE HD11 H N N 274 
ILE HD12 H N N 275 
ILE HD13 H N N 276 
ILE HXT  H N N 277 
LEU N    N N N 278 
LEU CA   C N S 279 
LEU C    C N N 280 
LEU O    O N N 281 
LEU CB   C N N 282 
LEU CG   C N N 283 
LEU CD1  C N N 284 
LEU CD2  C N N 285 
LEU OXT  O N N 286 
LEU H    H N N 287 
LEU H2   H N N 288 
LEU HA   H N N 289 
LEU HB2  H N N 290 
LEU HB3  H N N 291 
LEU HG   H N N 292 
LEU HD11 H N N 293 
LEU HD12 H N N 294 
LEU HD13 H N N 295 
LEU HD21 H N N 296 
LEU HD22 H N N 297 
LEU HD23 H N N 298 
LEU HXT  H N N 299 
LYS N    N N N 300 
LYS CA   C N S 301 
LYS C    C N N 302 
LYS O    O N N 303 
LYS CB   C N N 304 
LYS CG   C N N 305 
LYS CD   C N N 306 
LYS CE   C N N 307 
LYS NZ   N N N 308 
LYS OXT  O N N 309 
LYS H    H N N 310 
LYS H2   H N N 311 
LYS HA   H N N 312 
LYS HB2  H N N 313 
LYS HB3  H N N 314 
LYS HG2  H N N 315 
LYS HG3  H N N 316 
LYS HD2  H N N 317 
LYS HD3  H N N 318 
LYS HE2  H N N 319 
LYS HE3  H N N 320 
LYS HZ1  H N N 321 
LYS HZ2  H N N 322 
LYS HZ3  H N N 323 
LYS HXT  H N N 324 
MET N    N N N 325 
MET CA   C N S 326 
MET C    C N N 327 
MET O    O N N 328 
MET CB   C N N 329 
MET CG   C N N 330 
MET SD   S N N 331 
MET CE   C N N 332 
MET OXT  O N N 333 
MET H    H N N 334 
MET H2   H N N 335 
MET HA   H N N 336 
MET HB2  H N N 337 
MET HB3  H N N 338 
MET HG2  H N N 339 
MET HG3  H N N 340 
MET HE1  H N N 341 
MET HE2  H N N 342 
MET HE3  H N N 343 
MET HXT  H N N 344 
PHE N    N N N 345 
PHE CA   C N S 346 
PHE C    C N N 347 
PHE O    O N N 348 
PHE CB   C N N 349 
PHE CG   C Y N 350 
PHE CD1  C Y N 351 
PHE CD2  C Y N 352 
PHE CE1  C Y N 353 
PHE CE2  C Y N 354 
PHE CZ   C Y N 355 
PHE OXT  O N N 356 
PHE H    H N N 357 
PHE H2   H N N 358 
PHE HA   H N N 359 
PHE HB2  H N N 360 
PHE HB3  H N N 361 
PHE HD1  H N N 362 
PHE HD2  H N N 363 
PHE HE1  H N N 364 
PHE HE2  H N N 365 
PHE HZ   H N N 366 
PHE HXT  H N N 367 
PRO N    N N N 368 
PRO CA   C N S 369 
PRO C    C N N 370 
PRO O    O N N 371 
PRO CB   C N N 372 
PRO CG   C N N 373 
PRO CD   C N N 374 
PRO OXT  O N N 375 
PRO H    H N N 376 
PRO HA   H N N 377 
PRO HB2  H N N 378 
PRO HB3  H N N 379 
PRO HG2  H N N 380 
PRO HG3  H N N 381 
PRO HD2  H N N 382 
PRO HD3  H N N 383 
PRO HXT  H N N 384 
SER N    N N N 385 
SER CA   C N S 386 
SER C    C N N 387 
SER O    O N N 388 
SER CB   C N N 389 
SER OG   O N N 390 
SER OXT  O N N 391 
SER H    H N N 392 
SER H2   H N N 393 
SER HA   H N N 394 
SER HB2  H N N 395 
SER HB3  H N N 396 
SER HG   H N N 397 
SER HXT  H N N 398 
THR N    N N N 399 
THR CA   C N S 400 
THR C    C N N 401 
THR O    O N N 402 
THR CB   C N R 403 
THR OG1  O N N 404 
THR CG2  C N N 405 
THR OXT  O N N 406 
THR H    H N N 407 
THR H2   H N N 408 
THR HA   H N N 409 
THR HB   H N N 410 
THR HG1  H N N 411 
THR HG21 H N N 412 
THR HG22 H N N 413 
THR HG23 H N N 414 
THR HXT  H N N 415 
TRP N    N N N 416 
TRP CA   C N S 417 
TRP C    C N N 418 
TRP O    O N N 419 
TRP CB   C N N 420 
TRP CG   C Y N 421 
TRP CD1  C Y N 422 
TRP CD2  C Y N 423 
TRP NE1  N Y N 424 
TRP CE2  C Y N 425 
TRP CE3  C Y N 426 
TRP CZ2  C Y N 427 
TRP CZ3  C Y N 428 
TRP CH2  C Y N 429 
TRP OXT  O N N 430 
TRP H    H N N 431 
TRP H2   H N N 432 
TRP HA   H N N 433 
TRP HB2  H N N 434 
TRP HB3  H N N 435 
TRP HD1  H N N 436 
TRP HE1  H N N 437 
TRP HE3  H N N 438 
TRP HZ2  H N N 439 
TRP HZ3  H N N 440 
TRP HH2  H N N 441 
TRP HXT  H N N 442 
TYR N    N N N 443 
TYR CA   C N S 444 
TYR C    C N N 445 
TYR O    O N N 446 
TYR CB   C N N 447 
TYR CG   C Y N 448 
TYR CD1  C Y N 449 
TYR CD2  C Y N 450 
TYR CE1  C Y N 451 
TYR CE2  C Y N 452 
TYR CZ   C Y N 453 
TYR OH   O N N 454 
TYR OXT  O N N 455 
TYR H    H N N 456 
TYR H2   H N N 457 
TYR HA   H N N 458 
TYR HB2  H N N 459 
TYR HB3  H N N 460 
TYR HD1  H N N 461 
TYR HD2  H N N 462 
TYR HE1  H N N 463 
TYR HE2  H N N 464 
TYR HH   H N N 465 
TYR HXT  H N N 466 
VAL N    N N N 467 
VAL CA   C N S 468 
VAL C    C N N 469 
VAL O    O N N 470 
VAL CB   C N N 471 
VAL CG1  C N N 472 
VAL CG2  C N N 473 
VAL OXT  O N N 474 
VAL H    H N N 475 
VAL H2   H N N 476 
VAL HA   H N N 477 
VAL HB   H N N 478 
VAL HG11 H N N 479 
VAL HG12 H N N 480 
VAL HG13 H N N 481 
VAL HG21 H N N 482 
VAL HG22 H N N 483 
VAL HG23 H N N 484 
VAL HXT  H N N 485 
# 
loop_
_chem_comp_bond.comp_id 
_chem_comp_bond.atom_id_1 
_chem_comp_bond.atom_id_2 
_chem_comp_bond.value_order 
_chem_comp_bond.pdbx_aromatic_flag 
_chem_comp_bond.pdbx_stereo_config 
_chem_comp_bond.pdbx_ordinal 
ALA N   CA   sing N N 1   
ALA N   H    sing N N 2   
ALA N   H2   sing N N 3   
ALA CA  C    sing N N 4   
ALA CA  CB   sing N N 5   
ALA CA  HA   sing N N 6   
ALA C   O    doub N N 7   
ALA C   OXT  sing N N 8   
ALA CB  HB1  sing N N 9   
ALA CB  HB2  sing N N 10  
ALA CB  HB3  sing N N 11  
ALA OXT HXT  sing N N 12  
ARG N   CA   sing N N 13  
ARG N   H    sing N N 14  
ARG N   H2   sing N N 15  
ARG CA  C    sing N N 16  
ARG CA  CB   sing N N 17  
ARG CA  HA   sing N N 18  
ARG C   O    doub N N 19  
ARG C   OXT  sing N N 20  
ARG CB  CG   sing N N 21  
ARG CB  HB2  sing N N 22  
ARG CB  HB3  sing N N 23  
ARG CG  CD   sing N N 24  
ARG CG  HG2  sing N N 25  
ARG CG  HG3  sing N N 26  
ARG CD  NE   sing N N 27  
ARG CD  HD2  sing N N 28  
ARG CD  HD3  sing N N 29  
ARG NE  CZ   sing N N 30  
ARG NE  HE   sing N N 31  
ARG CZ  NH1  sing N N 32  
ARG CZ  NH2  doub N N 33  
ARG NH1 HH11 sing N N 34  
ARG NH1 HH12 sing N N 35  
ARG NH2 HH21 sing N N 36  
ARG NH2 HH22 sing N N 37  
ARG OXT HXT  sing N N 38  
ASN N   CA   sing N N 39  
ASN N   H    sing N N 40  
ASN N   H2   sing N N 41  
ASN CA  C    sing N N 42  
ASN CA  CB   sing N N 43  
ASN CA  HA   sing N N 44  
ASN C   O    doub N N 45  
ASN C   OXT  sing N N 46  
ASN CB  CG   sing N N 47  
ASN CB  HB2  sing N N 48  
ASN CB  HB3  sing N N 49  
ASN CG  OD1  doub N N 50  
ASN CG  ND2  sing N N 51  
ASN ND2 HD21 sing N N 52  
ASN ND2 HD22 sing N N 53  
ASN OXT HXT  sing N N 54  
ASP N   CA   sing N N 55  
ASP N   H    sing N N 56  
ASP N   H2   sing N N 57  
ASP CA  C    sing N N 58  
ASP CA  CB   sing N N 59  
ASP CA  HA   sing N N 60  
ASP C   O    doub N N 61  
ASP C   OXT  sing N N 62  
ASP CB  CG   sing N N 63  
ASP CB  HB2  sing N N 64  
ASP CB  HB3  sing N N 65  
ASP CG  OD1  doub N N 66  
ASP CG  OD2  sing N N 67  
ASP OD2 HD2  sing N N 68  
ASP OXT HXT  sing N N 69  
CYS N   CA   sing N N 70  
CYS N   H    sing N N 71  
CYS N   H2   sing N N 72  
CYS CA  C    sing N N 73  
CYS CA  CB   sing N N 74  
CYS CA  HA   sing N N 75  
CYS C   O    doub N N 76  
CYS C   OXT  sing N N 77  
CYS CB  SG   sing N N 78  
CYS CB  HB2  sing N N 79  
CYS CB  HB3  sing N N 80  
CYS SG  HG   sing N N 81  
CYS OXT HXT  sing N N 82  
F3Q C19 O20  sing N N 83  
F3Q C19 O18  sing N N 84  
F3Q O20 C16  sing N N 85  
F3Q O18 C17  sing N N 86  
F3Q C16 C17  doub Y N 87  
F3Q C16 C34  sing Y N 88  
F3Q C17 C14  sing Y N 89  
F3Q C34 C15  doub Y N 90  
F3Q C14 C13  doub Y N 91  
F3Q O53 C45  sing N N 92  
F3Q C15 C13  sing Y N 93  
F3Q C15 C21  sing N N 94  
F3Q C13 C7   sing N N 95  
F3Q C45 C44  doub Y N 96  
F3Q C45 C46  sing Y N 97  
F3Q C3  N6   sing N N 98  
F3Q C3  C4   sing N N 99  
F3Q C44 C43  sing Y N 100 
F3Q C21 O23  doub N N 101 
F3Q C21 N22  sing N N 102 
F3Q C7  N6   sing Y N 103 
F3Q C7  C8   doub Y N 104 
F3Q C26 N22  sing N N 105 
F3Q C26 C27  sing N N 106 
F3Q N6  C5   sing Y N 107 
F3Q N22 C24  sing N N 108 
F3Q C46 C47  doub Y N 109 
F3Q C32 C27  doub Y N 110 
F3Q C32 C31  sing Y N 111 
F3Q C8  C9   sing Y N 112 
F3Q C4  C2   sing N N 113 
F3Q C43 C41  doub Y N 114 
F3Q C27 C28  sing Y N 115 
F3Q C31 C30  doub Y N 116 
F3Q C36 C37  sing N N 117 
F3Q C36 N35  sing N N 118 
F3Q C5  C9   doub Y N 119 
F3Q C5  C1   sing N N 120 
F3Q C47 C41  sing Y N 121 
F3Q C33 C24  sing N N 122 
F3Q C33 N35  sing N N 123 
F3Q C2  C1   sing N N 124 
F3Q O38 C37  sing N N 125 
F3Q O38 C39  sing N N 126 
F3Q C24 C25  sing N N 127 
F3Q C9  C10  sing N N 128 
F3Q C41 N12  sing N N 129 
F3Q C40 N35  sing N N 130 
F3Q C40 C39  sing N N 131 
F3Q C28 C25  sing N N 132 
F3Q C28 C29  doub Y N 133 
F3Q C30 C29  sing Y N 134 
F3Q C10 N12  sing N N 135 
F3Q C10 O11  doub N N 136 
F3Q N12 C42  sing N N 137 
F3Q C42 C48  doub Y N 138 
F3Q C42 C52  sing Y N 139 
F3Q C48 C49  sing Y N 140 
F3Q C52 C51  doub Y N 141 
F3Q C49 C50  doub Y N 142 
F3Q C51 C50  sing Y N 143 
F3Q C1  H1   sing N N 144 
F3Q C1  H2   sing N N 145 
F3Q C2  H3   sing N N 146 
F3Q C2  H4   sing N N 147 
F3Q C3  H5   sing N N 148 
F3Q C3  H6   sing N N 149 
F3Q C4  H7   sing N N 150 
F3Q C4  H8   sing N N 151 
F3Q C8  H9   sing N N 152 
F3Q C14 H10  sing N N 153 
F3Q C19 H11  sing N N 154 
F3Q C24 H12  sing N N 155 
F3Q C25 H13  sing N N 156 
F3Q C25 H14  sing N N 157 
F3Q C26 H15  sing N N 158 
F3Q C26 H16  sing N N 159 
F3Q C29 H17  sing N N 160 
F3Q C30 H18  sing N N 161 
F3Q C31 H19  sing N N 162 
F3Q C32 H20  sing N N 163 
F3Q C33 H21  sing N N 164 
F3Q C33 H22  sing N N 165 
F3Q C34 H23  sing N N 166 
F3Q C36 H25  sing N N 167 
F3Q C36 H26  sing N N 168 
F3Q C37 H27  sing N N 169 
F3Q C37 H28  sing N N 170 
F3Q C39 H29  sing N N 171 
F3Q C39 H30  sing N N 172 
F3Q C40 H31  sing N N 173 
F3Q C40 H32  sing N N 174 
F3Q C43 H33  sing N N 175 
F3Q C44 H34  sing N N 176 
F3Q C46 H35  sing N N 177 
F3Q C47 H36  sing N N 178 
F3Q C48 H37  sing N N 179 
F3Q C49 H38  sing N N 180 
F3Q C50 H39  sing N N 181 
F3Q C51 H40  sing N N 182 
F3Q C52 H41  sing N N 183 
F3Q O53 H42  sing N N 184 
F3Q C19 H24  sing N N 185 
GLN N   CA   sing N N 186 
GLN N   H    sing N N 187 
GLN N   H2   sing N N 188 
GLN CA  C    sing N N 189 
GLN CA  CB   sing N N 190 
GLN CA  HA   sing N N 191 
GLN C   O    doub N N 192 
GLN C   OXT  sing N N 193 
GLN CB  CG   sing N N 194 
GLN CB  HB2  sing N N 195 
GLN CB  HB3  sing N N 196 
GLN CG  CD   sing N N 197 
GLN CG  HG2  sing N N 198 
GLN CG  HG3  sing N N 199 
GLN CD  OE1  doub N N 200 
GLN CD  NE2  sing N N 201 
GLN NE2 HE21 sing N N 202 
GLN NE2 HE22 sing N N 203 
GLN OXT HXT  sing N N 204 
GLU N   CA   sing N N 205 
GLU N   H    sing N N 206 
GLU N   H2   sing N N 207 
GLU CA  C    sing N N 208 
GLU CA  CB   sing N N 209 
GLU CA  HA   sing N N 210 
GLU C   O    doub N N 211 
GLU C   OXT  sing N N 212 
GLU CB  CG   sing N N 213 
GLU CB  HB2  sing N N 214 
GLU CB  HB3  sing N N 215 
GLU CG  CD   sing N N 216 
GLU CG  HG2  sing N N 217 
GLU CG  HG3  sing N N 218 
GLU CD  OE1  doub N N 219 
GLU CD  OE2  sing N N 220 
GLU OE2 HE2  sing N N 221 
GLU OXT HXT  sing N N 222 
GLY N   CA   sing N N 223 
GLY N   H    sing N N 224 
GLY N   H2   sing N N 225 
GLY CA  C    sing N N 226 
GLY CA  HA2  sing N N 227 
GLY CA  HA3  sing N N 228 
GLY C   O    doub N N 229 
GLY C   OXT  sing N N 230 
GLY OXT HXT  sing N N 231 
HIS N   CA   sing N N 232 
HIS N   H    sing N N 233 
HIS N   H2   sing N N 234 
HIS CA  C    sing N N 235 
HIS CA  CB   sing N N 236 
HIS CA  HA   sing N N 237 
HIS C   O    doub N N 238 
HIS C   OXT  sing N N 239 
HIS CB  CG   sing N N 240 
HIS CB  HB2  sing N N 241 
HIS CB  HB3  sing N N 242 
HIS CG  ND1  sing Y N 243 
HIS CG  CD2  doub Y N 244 
HIS ND1 CE1  doub Y N 245 
HIS ND1 HD1  sing N N 246 
HIS CD2 NE2  sing Y N 247 
HIS CD2 HD2  sing N N 248 
HIS CE1 NE2  sing Y N 249 
HIS CE1 HE1  sing N N 250 
HIS NE2 HE2  sing N N 251 
HIS OXT HXT  sing N N 252 
HOH O   H1   sing N N 253 
HOH O   H2   sing N N 254 
ILE N   CA   sing N N 255 
ILE N   H    sing N N 256 
ILE N   H2   sing N N 257 
ILE CA  C    sing N N 258 
ILE CA  CB   sing N N 259 
ILE CA  HA   sing N N 260 
ILE C   O    doub N N 261 
ILE C   OXT  sing N N 262 
ILE CB  CG1  sing N N 263 
ILE CB  CG2  sing N N 264 
ILE CB  HB   sing N N 265 
ILE CG1 CD1  sing N N 266 
ILE CG1 HG12 sing N N 267 
ILE CG1 HG13 sing N N 268 
ILE CG2 HG21 sing N N 269 
ILE CG2 HG22 sing N N 270 
ILE CG2 HG23 sing N N 271 
ILE CD1 HD11 sing N N 272 
ILE CD1 HD12 sing N N 273 
ILE CD1 HD13 sing N N 274 
ILE OXT HXT  sing N N 275 
LEU N   CA   sing N N 276 
LEU N   H    sing N N 277 
LEU N   H2   sing N N 278 
LEU CA  C    sing N N 279 
LEU CA  CB   sing N N 280 
LEU CA  HA   sing N N 281 
LEU C   O    doub N N 282 
LEU C   OXT  sing N N 283 
LEU CB  CG   sing N N 284 
LEU CB  HB2  sing N N 285 
LEU CB  HB3  sing N N 286 
LEU CG  CD1  sing N N 287 
LEU CG  CD2  sing N N 288 
LEU CG  HG   sing N N 289 
LEU CD1 HD11 sing N N 290 
LEU CD1 HD12 sing N N 291 
LEU CD1 HD13 sing N N 292 
LEU CD2 HD21 sing N N 293 
LEU CD2 HD22 sing N N 294 
LEU CD2 HD23 sing N N 295 
LEU OXT HXT  sing N N 296 
LYS N   CA   sing N N 297 
LYS N   H    sing N N 298 
LYS N   H2   sing N N 299 
LYS CA  C    sing N N 300 
LYS CA  CB   sing N N 301 
LYS CA  HA   sing N N 302 
LYS C   O    doub N N 303 
LYS C   OXT  sing N N 304 
LYS CB  CG   sing N N 305 
LYS CB  HB2  sing N N 306 
LYS CB  HB3  sing N N 307 
LYS CG  CD   sing N N 308 
LYS CG  HG2  sing N N 309 
LYS CG  HG3  sing N N 310 
LYS CD  CE   sing N N 311 
LYS CD  HD2  sing N N 312 
LYS CD  HD3  sing N N 313 
LYS CE  NZ   sing N N 314 
LYS CE  HE2  sing N N 315 
LYS CE  HE3  sing N N 316 
LYS NZ  HZ1  sing N N 317 
LYS NZ  HZ2  sing N N 318 
LYS NZ  HZ3  sing N N 319 
LYS OXT HXT  sing N N 320 
MET N   CA   sing N N 321 
MET N   H    sing N N 322 
MET N   H2   sing N N 323 
MET CA  C    sing N N 324 
MET CA  CB   sing N N 325 
MET CA  HA   sing N N 326 
MET C   O    doub N N 327 
MET C   OXT  sing N N 328 
MET CB  CG   sing N N 329 
MET CB  HB2  sing N N 330 
MET CB  HB3  sing N N 331 
MET CG  SD   sing N N 332 
MET CG  HG2  sing N N 333 
MET CG  HG3  sing N N 334 
MET SD  CE   sing N N 335 
MET CE  HE1  sing N N 336 
MET CE  HE2  sing N N 337 
MET CE  HE3  sing N N 338 
MET OXT HXT  sing N N 339 
PHE N   CA   sing N N 340 
PHE N   H    sing N N 341 
PHE N   H2   sing N N 342 
PHE CA  C    sing N N 343 
PHE CA  CB   sing N N 344 
PHE CA  HA   sing N N 345 
PHE C   O    doub N N 346 
PHE C   OXT  sing N N 347 
PHE CB  CG   sing N N 348 
PHE CB  HB2  sing N N 349 
PHE CB  HB3  sing N N 350 
PHE CG  CD1  doub Y N 351 
PHE CG  CD2  sing Y N 352 
PHE CD1 CE1  sing Y N 353 
PHE CD1 HD1  sing N N 354 
PHE CD2 CE2  doub Y N 355 
PHE CD2 HD2  sing N N 356 
PHE CE1 CZ   doub Y N 357 
PHE CE1 HE1  sing N N 358 
PHE CE2 CZ   sing Y N 359 
PHE CE2 HE2  sing N N 360 
PHE CZ  HZ   sing N N 361 
PHE OXT HXT  sing N N 362 
PRO N   CA   sing N N 363 
PRO N   CD   sing N N 364 
PRO N   H    sing N N 365 
PRO CA  C    sing N N 366 
PRO CA  CB   sing N N 367 
PRO CA  HA   sing N N 368 
PRO C   O    doub N N 369 
PRO C   OXT  sing N N 370 
PRO CB  CG   sing N N 371 
PRO CB  HB2  sing N N 372 
PRO CB  HB3  sing N N 373 
PRO CG  CD   sing N N 374 
PRO CG  HG2  sing N N 375 
PRO CG  HG3  sing N N 376 
PRO CD  HD2  sing N N 377 
PRO CD  HD3  sing N N 378 
PRO OXT HXT  sing N N 379 
SER N   CA   sing N N 380 
SER N   H    sing N N 381 
SER N   H2   sing N N 382 
SER CA  C    sing N N 383 
SER CA  CB   sing N N 384 
SER CA  HA   sing N N 385 
SER C   O    doub N N 386 
SER C   OXT  sing N N 387 
SER CB  OG   sing N N 388 
SER CB  HB2  sing N N 389 
SER CB  HB3  sing N N 390 
SER OG  HG   sing N N 391 
SER OXT HXT  sing N N 392 
THR N   CA   sing N N 393 
THR N   H    sing N N 394 
THR N   H2   sing N N 395 
THR CA  C    sing N N 396 
THR CA  CB   sing N N 397 
THR CA  HA   sing N N 398 
THR C   O    doub N N 399 
THR C   OXT  sing N N 400 
THR CB  OG1  sing N N 401 
THR CB  CG2  sing N N 402 
THR CB  HB   sing N N 403 
THR OG1 HG1  sing N N 404 
THR CG2 HG21 sing N N 405 
THR CG2 HG22 sing N N 406 
THR CG2 HG23 sing N N 407 
THR OXT HXT  sing N N 408 
TRP N   CA   sing N N 409 
TRP N   H    sing N N 410 
TRP N   H2   sing N N 411 
TRP CA  C    sing N N 412 
TRP CA  CB   sing N N 413 
TRP CA  HA   sing N N 414 
TRP C   O    doub N N 415 
TRP C   OXT  sing N N 416 
TRP CB  CG   sing N N 417 
TRP CB  HB2  sing N N 418 
TRP CB  HB3  sing N N 419 
TRP CG  CD1  doub Y N 420 
TRP CG  CD2  sing Y N 421 
TRP CD1 NE1  sing Y N 422 
TRP CD1 HD1  sing N N 423 
TRP CD2 CE2  doub Y N 424 
TRP CD2 CE3  sing Y N 425 
TRP NE1 CE2  sing Y N 426 
TRP NE1 HE1  sing N N 427 
TRP CE2 CZ2  sing Y N 428 
TRP CE3 CZ3  doub Y N 429 
TRP CE3 HE3  sing N N 430 
TRP CZ2 CH2  doub Y N 431 
TRP CZ2 HZ2  sing N N 432 
TRP CZ3 CH2  sing Y N 433 
TRP CZ3 HZ3  sing N N 434 
TRP CH2 HH2  sing N N 435 
TRP OXT HXT  sing N N 436 
TYR N   CA   sing N N 437 
TYR N   H    sing N N 438 
TYR N   H2   sing N N 439 
TYR CA  C    sing N N 440 
TYR CA  CB   sing N N 441 
TYR CA  HA   sing N N 442 
TYR C   O    doub N N 443 
TYR C   OXT  sing N N 444 
TYR CB  CG   sing N N 445 
TYR CB  HB2  sing N N 446 
TYR CB  HB3  sing N N 447 
TYR CG  CD1  doub Y N 448 
TYR CG  CD2  sing Y N 449 
TYR CD1 CE1  sing Y N 450 
TYR CD1 HD1  sing N N 451 
TYR CD2 CE2  doub Y N 452 
TYR CD2 HD2  sing N N 453 
TYR CE1 CZ   doub Y N 454 
TYR CE1 HE1  sing N N 455 
TYR CE2 CZ   sing Y N 456 
TYR CE2 HE2  sing N N 457 
TYR CZ  OH   sing N N 458 
TYR OH  HH   sing N N 459 
TYR OXT HXT  sing N N 460 
VAL N   CA   sing N N 461 
VAL N   H    sing N N 462 
VAL N   H2   sing N N 463 
VAL CA  C    sing N N 464 
VAL CA  CB   sing N N 465 
VAL CA  HA   sing N N 466 
VAL C   O    doub N N 467 
VAL C   OXT  sing N N 468 
VAL CB  CG1  sing N N 469 
VAL CB  CG2  sing N N 470 
VAL CB  HB   sing N N 471 
VAL CG1 HG11 sing N N 472 
VAL CG1 HG12 sing N N 473 
VAL CG1 HG13 sing N N 474 
VAL CG2 HG21 sing N N 475 
VAL CG2 HG22 sing N N 476 
VAL CG2 HG23 sing N N 477 
VAL OXT HXT  sing N N 478 
# 
_pdbx_initial_refinement_model.id               1 
_pdbx_initial_refinement_model.entity_id_list   ? 
_pdbx_initial_refinement_model.type             'experimental model' 
_pdbx_initial_refinement_model.source_name      PDB 
_pdbx_initial_refinement_model.accession_code   2W3L 
_pdbx_initial_refinement_model.details          ? 
# 
_atom_sites.entry_id                    6GL8 
_atom_sites.fract_transf_matrix[1][1]   -0.00513592 
_atom_sites.fract_transf_matrix[1][2]   -0.02803018 
_atom_sites.fract_transf_matrix[1][3]   0.00025920 
_atom_sites.fract_transf_matrix[2][1]   -0.00831158 
_atom_sites.fract_transf_matrix[2][2]   0.00170380 
_atom_sites.fract_transf_matrix[2][3]   0.01956125 
_atom_sites.fract_transf_matrix[3][1]   -0.01061940 
_atom_sites.fract_transf_matrix[3][2]   0.00190252 
_atom_sites.fract_transf_matrix[3][3]   -0.00467790 
_atom_sites.fract_transf_vector[1]      0.115089 
_atom_sites.fract_transf_vector[2]      0.007910 
_atom_sites.fract_transf_vector[3]      0.118455 
# 
loop_
_atom_type.symbol 
C 
N 
O 
S 
# 
loop_
_atom_site.group_PDB 
_atom_site.id 
_atom_site.type_symbol 
_atom_site.label_atom_id 
_atom_site.label_alt_id 
_atom_site.label_comp_id 
_atom_site.label_asym_id 
_atom_site.label_entity_id 
_atom_site.label_seq_id 
_atom_site.pdbx_PDB_ins_code 
_atom_site.Cartn_x 
_atom_site.Cartn_y 
_atom_site.Cartn_z 
_atom_site.occupancy 
_atom_site.B_iso_or_equiv 
_atom_site.pdbx_formal_charge 
_atom_site.auth_seq_id 
_atom_site.auth_comp_id 
_atom_site.auth_asym_id 
_atom_site.auth_atom_id 
_atom_site.pdbx_PDB_model_num 
ATOM   1    N N   . GLY A 1 14  ? 14.900  -2.236  14.612  1.00 32.08 ? 7   GLY A N   1 
ATOM   2    C CA  . GLY A 1 14  ? 14.858  -0.796  14.273  1.00 26.39 ? 7   GLY A CA  1 
ATOM   3    C C   . GLY A 1 14  ? 13.439  -0.263  14.162  1.00 24.24 ? 7   GLY A C   1 
ATOM   4    O O   . GLY A 1 14  ? 12.431  -1.031  14.000  1.00 24.93 ? 7   GLY A O   1 
ATOM   5    N N   . SER A 1 15  ? 13.367  1.071   14.141  1.00 19.04 ? 8   SER A N   1 
ATOM   6    C CA  . SER A 1 15  ? 12.119  1.808   13.960  1.00 18.77 ? 8   SER A CA  1 
ATOM   7    C C   . SER A 1 15  ? 12.302  2.695   12.739  1.00 20.98 ? 8   SER A C   1 
ATOM   8    O O   . SER A 1 15  ? 13.376  3.252   12.505  1.00 21.64 ? 8   SER A O   1 
ATOM   9    C CB  . SER A 1 15  ? 11.787  2.641   15.166  1.00 20.06 ? 8   SER A CB  1 
ATOM   10   O OG  . SER A 1 15  ? 11.472  1.833   16.298  1.00 22.13 ? 8   SER A OG  1 
ATOM   11   N N   . TYR A 1 16  ? 11.225  2.872   11.962  1.00 19.79 ? 9   TYR A N   1 
ATOM   12   C CA  . TYR A 1 16  ? 11.289  3.523   10.728  1.00 22.01 ? 9   TYR A CA  1 
ATOM   13   C C   . TYR A 1 16  ? 10.234  4.634   10.674  1.00 23.40 ? 9   TYR A C   1 
ATOM   14   O O   . TYR A 1 16  ? 9.422   4.847   11.565  1.00 24.16 ? 9   TYR A O   1 
ATOM   15   C CB  . TYR A 1 16  ? 11.095  2.489   9.619   1.00 20.97 ? 9   TYR A CB  1 
ATOM   16   C CG  . TYR A 1 16  ? 12.204  1.484   9.578   1.00 20.23 ? 9   TYR A CG  1 
ATOM   17   C CD1 . TYR A 1 16  ? 12.143  0.328   10.340  1.00 21.29 ? 9   TYR A CD1 1 
ATOM   18   C CD2 . TYR A 1 16  ? 13.385  1.800   8.932   1.00 22.07 ? 9   TYR A CD2 1 
ATOM   19   C CE1 . TYR A 1 16  ? 13.219  -0.555  10.387  1.00 22.64 ? 9   TYR A CE1 1 
ATOM   20   C CE2 . TYR A 1 16  ? 14.470  0.935   8.984   1.00 25.51 ? 9   TYR A CE2 1 
ATOM   21   C CZ  . TYR A 1 16  ? 14.381  -0.248  9.696   1.00 25.37 ? 9   TYR A CZ  1 
ATOM   22   O OH  . TYR A 1 16  ? 15.451  -1.094  9.753   1.00 28.37 ? 9   TYR A OH  1 
ATOM   23   N N   . ASP A 1 17  ? 10.152  5.269   9.527   1.00 21.39 ? 10  ASP A N   1 
ATOM   24   C CA  . ASP A 1 17  ? 9.227   6.328   9.297   1.00 19.93 ? 10  ASP A CA  1 
ATOM   25   C C   . ASP A 1 17  ? 8.161   5.753   8.369   1.00 18.89 ? 10  ASP A C   1 
ATOM   26   O O   . ASP A 1 17  ? 8.424   5.526   7.201   1.00 18.39 ? 10  ASP A O   1 
ATOM   27   C CB  . ASP A 1 17  ? 9.940   7.542   8.729   1.00 18.30 ? 10  ASP A CB  1 
ATOM   28   C CG  . ASP A 1 17  ? 9.061   8.740   8.459   1.00 21.75 ? 10  ASP A CG  1 
ATOM   29   O OD1 . ASP A 1 17  ? 7.896   8.531   8.127   1.00 20.97 ? 10  ASP A OD1 1 
ATOM   30   O OD2 . ASP A 1 17  ? 9.556   9.888   8.539   1.00 24.69 ? 10  ASP A OD2 1 
ATOM   31   N N   . ASN A 1 18  ? 7.000   5.452   8.934   1.00 19.08 ? 11  ASN A N   1 
ATOM   32   C CA  . ASN A 1 18  ? 6.008   4.710   8.204   1.00 20.49 ? 11  ASN A CA  1 
ATOM   33   C C   . ASN A 1 18  ? 5.484   5.559   7.034   1.00 16.77 ? 11  ASN A C   1 
ATOM   34   O O   . ASN A 1 18  ? 5.195   5.031   5.953   1.00 16.50 ? 11  ASN A O   1 
ATOM   35   C CB  . ASN A 1 18  ? 4.911   4.175   9.131   1.00 22.22 ? 11  ASN A CB  1 
ATOM   36   C CG  . ASN A 1 18  ? 5.240   2.888   9.844   1.00 24.33 ? 11  ASN A CG  1 
ATOM   37   O OD1 . ASN A 1 18  ? 5.676   1.913   9.221   1.00 25.72 ? 11  ASN A OD1 1 
ATOM   38   N ND2 . ASN A 1 18  ? 4.810   2.801   11.104  1.00 29.59 ? 11  ASN A ND2 1 
ATOM   39   N N   . ARG A 1 19  ? 5.379   6.869   7.165   1.00 15.77 ? 12  ARG A N   1 
ATOM   40   C CA  . ARG A 1 19  ? 5.028   7.735   6.066   1.00 15.61 ? 12  ARG A CA  1 
ATOM   41   C C   . ARG A 1 19  ? 5.997   7.516   4.898   1.00 16.48 ? 12  ARG A C   1 
ATOM   42   O O   . ARG A 1 19  ? 5.597   7.436   3.709   1.00 16.99 ? 12  ARG A O   1 
ATOM   43   C CB  . ARG A 1 19  ? 4.983   9.213   6.455   1.00 17.28 ? 12  ARG A CB  1 
ATOM   44   C CG  . ARG A 1 19  ? 4.516   10.101  5.320   1.00 21.26 ? 12  ARG A CG  1 
ATOM   45   C CD  . ARG A 1 19  ? 4.533   11.547  5.717   1.00 25.67 ? 12  ARG A CD  1 
ATOM   46   N NE  . ARG A 1 19  ? 3.895   12.376  4.716   1.00 26.80 ? 12  ARG A NE  1 
ATOM   47   C CZ  . ARG A 1 19  ? 4.530   13.148  3.851   1.00 32.04 ? 12  ARG A CZ  1 
ATOM   48   N NH1 . ARG A 1 19  ? 3.840   13.982  3.093   1.00 37.41 ? 12  ARG A NH1 1 
ATOM   49   N NH2 . ARG A 1 19  ? 5.836   13.064  3.716   1.00 35.14 ? 12  ARG A NH2 1 
ATOM   50   N N   . GLU A 1 20  ? 7.293   7.513   5.150   1.00 16.43 ? 13  GLU A N   1 
ATOM   51   C CA  . GLU A 1 20  ? 8.271   7.296   4.107   1.00 17.27 ? 13  GLU A CA  1 
ATOM   52   C C   . GLU A 1 20  ? 8.094   5.917   3.468   1.00 16.04 ? 13  GLU A C   1 
ATOM   53   O O   . GLU A 1 20  ? 8.237   5.789   2.214   1.00 17.15 ? 13  GLU A O   1 
ATOM   54   C CB  . GLU A 1 20  ? 9.698   7.398   4.671   1.00 22.57 ? 13  GLU A CB  1 
ATOM   55   C CG  . GLU A 1 20  ? 10.822  7.069   3.692   1.00 31.26 ? 13  GLU A CG  1 
ATOM   56   C CD  . GLU A 1 20  ? 12.159  6.651   4.313   1.00 45.15 ? 13  GLU A CD  1 
ATOM   57   O OE1 . GLU A 1 20  ? 12.449  7.111   5.448   1.00 55.82 ? 13  GLU A OE1 1 
ATOM   58   O OE2 . GLU A 1 20  ? 12.934  5.873   3.662   1.00 50.32 ? 13  GLU A OE2 1 
ATOM   59   N N   . ILE A 1 21  ? 7.751   4.900   4.234   1.00 14.94 ? 14  ILE A N   1 
ATOM   60   C CA  . ILE A 1 21  ? 7.535   3.590   3.676   1.00 14.33 ? 14  ILE A CA  1 
ATOM   61   C C   . ILE A 1 21  ? 6.366   3.641   2.695   1.00 14.89 ? 14  ILE A C   1 
ATOM   62   O O   . ILE A 1 21  ? 6.440   3.129   1.554   1.00 16.19 ? 14  ILE A O   1 
ATOM   63   C CB  . ILE A 1 21  ? 7.326   2.561   4.791   1.00 17.25 ? 14  ILE A CB  1 
ATOM   64   C CG1 . ILE A 1 21  ? 8.595   2.420   5.638   1.00 19.98 ? 14  ILE A CG1 1 
ATOM   65   C CG2 . ILE A 1 21  ? 6.879   1.220   4.218   1.00 17.81 ? 14  ILE A CG2 1 
ATOM   66   C CD1 . ILE A 1 21  ? 8.442   1.528   6.850   1.00 21.45 ? 14  ILE A CD1 1 
ATOM   67   N N   . VAL A 1 22  ? 5.279   4.274   3.096   1.00 13.34 ? 15  VAL A N   1 
ATOM   68   C CA  . VAL A 1 22  ? 4.106   4.421   2.196   1.00 14.17 ? 15  VAL A CA  1 
ATOM   69   C C   . VAL A 1 22  ? 4.473   5.202   0.931   1.00 13.91 ? 15  VAL A C   1 
ATOM   70   O O   . VAL A 1 22  ? 4.164   4.835   -0.203  1.00 13.60 ? 15  VAL A O   1 
ATOM   71   C CB  . VAL A 1 22  ? 2.949   5.096   2.941   1.00 13.24 ? 15  VAL A CB  1 
ATOM   72   C CG1 . VAL A 1 22  ? 1.848   5.536   1.991   1.00 14.03 ? 15  VAL A CG1 1 
ATOM   73   C CG2 . VAL A 1 22  ? 2.420   4.191   4.013   1.00 13.54 ? 15  VAL A CG2 1 
ATOM   74   N N   . MET A 1 23  ? 5.116   6.373   1.073   1.00 14.58 ? 16  MET A N   1 
ATOM   75   C CA  . MET A 1 23  ? 5.361   7.233   -0.059  1.00 16.38 ? 16  MET A CA  1 
ATOM   76   C C   . MET A 1 23  ? 6.287   6.547   -1.066  1.00 15.55 ? 16  MET A C   1 
ATOM   77   O O   . MET A 1 23  ? 6.024   6.603   -2.297  1.00 16.88 ? 16  MET A O   1 
ATOM   78   C CB  . MET A 1 23  ? 6.001   8.567   0.332   1.00 17.58 ? 16  MET A CB  1 
ATOM   79   C CG  . MET A 1 23  ? 5.226   9.327   1.376   1.00 22.55 ? 16  MET A CG  1 
ATOM   80   S SD  . MET A 1 23  ? 3.579   9.863   0.893   1.00 32.87 ? 16  MET A SD  1 
ATOM   81   C CE  . MET A 1 23  ? 3.933   11.428  0.090   1.00 31.59 ? 16  MET A CE  1 
ATOM   82   N N   . LYS A 1 24  ? 7.318   5.884   -0.581  1.00 15.99 ? 17  LYS A N   1 
ATOM   83   C CA  . LYS A 1 24  ? 8.279   5.200   -1.487  1.00 18.59 ? 17  LYS A CA  1 
ATOM   84   C C   . LYS A 1 24  ? 7.568   4.072   -2.231  1.00 19.04 ? 17  LYS A C   1 
ATOM   85   O O   . LYS A 1 24  ? 7.813   3.894   -3.452  1.00 19.64 ? 17  LYS A O   1 
ATOM   86   C CB  . LYS A 1 24  ? 9.517   4.762   -0.706  1.00 22.43 ? 17  LYS A CB  1 
ATOM   87   C CG  . LYS A 1 24  ? 10.432  5.916   -0.346  1.00 31.28 ? 17  LYS A CG  1 
ATOM   88   C CD  . LYS A 1 24  ? 11.748  5.460   0.252   1.00 39.62 ? 17  LYS A CD  1 
ATOM   89   C CE  . LYS A 1 24  ? 12.905  6.341   -0.171  1.00 44.13 ? 17  LYS A CE  1 
ATOM   90   N NZ  . LYS A 1 24  ? 12.742  7.726   0.330   1.00 50.81 ? 17  LYS A NZ  1 
ATOM   91   N N   . TYR A 1 25  ? 6.690   3.342   -1.555  1.00 15.81 ? 18  TYR A N   1 
ATOM   92   C CA  . TYR A 1 25  ? 6.014   2.190   -2.097  1.00 15.56 ? 18  TYR A CA  1 
ATOM   93   C C   . TYR A 1 25  ? 5.091   2.665   -3.208  1.00 16.14 ? 18  TYR A C   1 
ATOM   94   O O   . TYR A 1 25  ? 5.107   2.193   -4.338  1.00 16.34 ? 18  TYR A O   1 
ATOM   95   C CB  . TYR A 1 25  ? 5.213   1.456   -1.023  1.00 16.70 ? 18  TYR A CB  1 
ATOM   96   C CG  . TYR A 1 25  ? 4.461   0.267   -1.528  1.00 19.23 ? 18  TYR A CG  1 
ATOM   97   C CD1 . TYR A 1 25  ? 3.194   0.466   -2.041  1.00 18.56 ? 18  TYR A CD1 1 
ATOM   98   C CD2 . TYR A 1 25  ? 4.995   -0.994  -1.458  1.00 20.15 ? 18  TYR A CD2 1 
ATOM   99   C CE1 . TYR A 1 25  ? 2.498   -0.592  -2.574  1.00 20.40 ? 18  TYR A CE1 1 
ATOM   100  C CE2 . TYR A 1 25  ? 4.288   -2.070  -1.968  1.00 22.06 ? 18  TYR A CE2 1 
ATOM   101  C CZ  . TYR A 1 25  ? 3.049   -1.834  -2.535  1.00 21.02 ? 18  TYR A CZ  1 
ATOM   102  O OH  . TYR A 1 25  ? 2.303   -2.845  -3.075  1.00 29.47 ? 18  TYR A OH  1 
ATOM   103  N N   . ILE A 1 26  ? 4.306   3.703   -2.951  1.00 14.00 ? 19  ILE A N   1 
ATOM   104  C CA  A ILE A 1 26  ? 3.396   4.192   -3.968  0.50 14.81 ? 19  ILE A CA  1 
ATOM   105  C CA  B ILE A 1 26  ? 3.388   4.212   -3.970  0.50 14.36 ? 19  ILE A CA  1 
ATOM   106  C C   . ILE A 1 26  ? 4.172   4.833   -5.128  1.00 16.06 ? 19  ILE A C   1 
ATOM   107  O O   . ILE A 1 26  ? 3.805   4.656   -6.286  1.00 15.26 ? 19  ILE A O   1 
ATOM   108  C CB  A ILE A 1 26  ? 2.407   5.165   -3.301  0.50 14.72 ? 19  ILE A CB  1 
ATOM   109  C CB  B ILE A 1 26  ? 2.410   5.235   -3.360  0.50 13.67 ? 19  ILE A CB  1 
ATOM   110  C CG1 A ILE A 1 26  ? 1.527   4.439   -2.278  0.50 14.82 ? 19  ILE A CG1 1 
ATOM   111  C CG1 B ILE A 1 26  ? 1.457   4.594   -2.351  0.50 13.14 ? 19  ILE A CG1 1 
ATOM   112  C CG2 A ILE A 1 26  ? 1.618   5.961   -4.328  0.50 14.82 ? 19  ILE A CG2 1 
ATOM   113  C CG2 B ILE A 1 26  ? 1.649   5.989   -4.439  0.50 13.78 ? 19  ILE A CG2 1 
ATOM   114  C CD1 A ILE A 1 26  ? 0.576   3.428   -2.833  0.50 15.74 ? 19  ILE A CD1 1 
ATOM   115  C CD1 B ILE A 1 26  ? 0.634   5.616   -1.553  0.50 12.84 ? 19  ILE A CD1 1 
ATOM   116  N N   . HIS A 1 27  ? 5.182   5.647   -4.823  1.00 16.32 ? 20  HIS A N   1 
ATOM   117  C CA  . HIS A 1 27  ? 5.889   6.374   -5.902  1.00 17.84 ? 20  HIS A CA  1 
ATOM   118  C C   . HIS A 1 27  ? 6.472   5.376   -6.909  1.00 17.88 ? 20  HIS A C   1 
ATOM   119  O O   . HIS A 1 27  ? 6.356   5.587   -8.141  1.00 18.43 ? 20  HIS A O   1 
ATOM   120  C CB  . HIS A 1 27  ? 6.977   7.301   -5.360  1.00 19.26 ? 20  HIS A CB  1 
ATOM   121  C CG  . HIS A 1 27  ? 7.436   8.301   -6.378  1.00 21.19 ? 20  HIS A CG  1 
ATOM   122  N ND1 . HIS A 1 27  ? 8.414   8.011   -7.296  1.00 25.88 ? 20  HIS A ND1 1 
ATOM   123  C CD2 . HIS A 1 27  ? 6.998   9.542   -6.688  1.00 21.52 ? 20  HIS A CD2 1 
ATOM   124  C CE1 . HIS A 1 27  ? 8.578   9.039   -8.090  1.00 22.42 ? 20  HIS A CE1 1 
ATOM   125  N NE2 . HIS A 1 27  ? 7.729   9.999   -7.748  1.00 24.98 ? 20  HIS A NE2 1 
ATOM   126  N N   . TYR A 1 28  ? 7.004   4.285   -6.398  1.00 16.64 ? 21  TYR A N   1 
ATOM   127  C CA  . TYR A 1 28  ? 7.660   3.306   -7.292  1.00 19.85 ? 21  TYR A CA  1 
ATOM   128  C C   . TYR A 1 28  ? 6.603   2.640   -8.160  1.00 18.12 ? 21  TYR A C   1 
ATOM   129  O O   . TYR A 1 28  ? 6.784   2.516   -9.380  1.00 19.59 ? 21  TYR A O   1 
ATOM   130  C CB  . TYR A 1 28  ? 8.369   2.235   -6.464  1.00 21.48 ? 21  TYR A CB  1 
ATOM   131  C CG  . TYR A 1 28  ? 9.219   1.300   -7.282  1.00 27.55 ? 21  TYR A CG  1 
ATOM   132  C CD1 . TYR A 1 28  ? 8.652   0.165   -7.806  1.00 25.69 ? 21  TYR A CD1 1 
ATOM   133  C CD2 . TYR A 1 28  ? 10.560  1.547   -7.514  1.00 33.58 ? 21  TYR A CD2 1 
ATOM   134  C CE1 . TYR A 1 28  ? 9.382   -0.718  -8.575  1.00 32.84 ? 21  TYR A CE1 1 
ATOM   135  C CE2 . TYR A 1 28  ? 11.320  0.657   -8.263  1.00 34.47 ? 21  TYR A CE2 1 
ATOM   136  C CZ  . TYR A 1 28  ? 10.722  -0.476  -8.788  1.00 35.58 ? 21  TYR A CZ  1 
ATOM   137  O OH  . TYR A 1 28  ? 11.412  -1.384  -9.550  1.00 41.05 ? 21  TYR A OH  1 
ATOM   138  N N   . LYS A 1 29  ? 5.491   2.208   -7.569  1.00 15.87 ? 22  LYS A N   1 
ATOM   139  C CA  . LYS A 1 29  ? 4.459   1.515   -8.298  1.00 18.46 ? 22  LYS A CA  1 
ATOM   140  C C   . LYS A 1 29  ? 3.904   2.367   -9.432  1.00 19.18 ? 22  LYS A C   1 
ATOM   141  O O   . LYS A 1 29  ? 3.729   1.922   -10.586 1.00 19.52 ? 22  LYS A O   1 
ATOM   142  C CB  . LYS A 1 29  ? 3.339   1.157   -7.354  1.00 19.62 ? 22  LYS A CB  1 
ATOM   143  C CG  . LYS A 1 29  ? 2.205   0.417   -8.020  1.00 25.55 ? 22  LYS A CG  1 
ATOM   144  C CD  . LYS A 1 29  ? 1.380   -0.387  -7.068  1.00 28.91 ? 22  LYS A CD  1 
ATOM   145  C CE  . LYS A 1 29  ? 0.616   -1.478  -7.788  1.00 31.16 ? 22  LYS A CE  1 
ATOM   146  N NZ  . LYS A 1 29  ? 1.225   -2.811  -7.562  1.00 33.92 ? 22  LYS A NZ  1 
ATOM   147  N N   . LEU A 1 30  ? 3.665   3.641   -9.158  1.00 16.15 ? 23  LEU A N   1 
ATOM   148  C CA  . LEU A 1 30  ? 3.154   4.543   -10.140 1.00 15.87 ? 23  LEU A CA  1 
ATOM   149  C C   . LEU A 1 30  ? 4.199   4.861   -11.217 1.00 18.09 ? 23  LEU A C   1 
ATOM   150  O O   . LEU A 1 30  ? 3.837   4.938   -12.425 1.00 18.17 ? 23  LEU A O   1 
ATOM   151  C CB  . LEU A 1 30  ? 2.712   5.823   -9.436  1.00 16.42 ? 23  LEU A CB  1 
ATOM   152  C CG  . LEU A 1 30  ? 1.478   5.664   -8.578  1.00 15.88 ? 23  LEU A CG  1 
ATOM   153  C CD1 . LEU A 1 30  ? 1.137   6.979   -7.893  1.00 17.47 ? 23  LEU A CD1 1 
ATOM   154  C CD2 . LEU A 1 30  ? 0.306   5.220   -9.417  1.00 17.94 ? 23  LEU A CD2 1 
ATOM   155  N N   . SER A 1 31  ? 5.444   5.091   -10.844 1.00 18.33 ? 24  SER A N   1 
ATOM   156  C CA  A SER A 1 31  ? 6.479   5.421   -11.833 0.50 19.83 ? 24  SER A CA  1 
ATOM   157  C CA  B SER A 1 31  ? 6.502   5.403   -11.814 0.50 20.16 ? 24  SER A CA  1 
ATOM   158  C C   . SER A 1 31  ? 6.611   4.268   -12.838 1.00 21.50 ? 24  SER A C   1 
ATOM   159  O O   . SER A 1 31  ? 6.654   4.497   -14.063 1.00 23.83 ? 24  SER A O   1 
ATOM   160  C CB  A SER A 1 31  ? 7.783   5.800   -11.182 0.50 21.27 ? 24  SER A CB  1 
ATOM   161  C CB  B SER A 1 31  ? 7.804   5.655   -11.130 0.50 22.16 ? 24  SER A CB  1 
ATOM   162  O OG  A SER A 1 31  ? 8.414   4.691   -10.558 0.50 22.35 ? 24  SER A OG  1 
ATOM   163  O OG  B SER A 1 31  ? 8.809   5.994   -12.074 0.50 24.28 ? 24  SER A OG  1 
ATOM   164  N N   . GLN A 1 32  ? 6.610   3.028   -12.357 1.00 20.90 ? 25  GLN A N   1 
ATOM   165  C CA  A GLN A 1 32  ? 6.634   1.781   -13.190 0.50 22.12 ? 25  GLN A CA  1 
ATOM   166  C CA  B GLN A 1 32  ? 6.769   1.927   -13.306 0.50 20.77 ? 25  GLN A CA  1 
ATOM   167  C C   . GLN A 1 32  ? 5.567   1.878   -14.276 1.00 22.88 ? 25  GLN A C   1 
ATOM   168  O O   . GLN A 1 32  ? 5.672   1.336   -15.382 1.00 24.04 ? 25  GLN A O   1 
ATOM   169  C CB  A GLN A 1 32  ? 6.216   0.521   -12.409 0.50 23.70 ? 25  GLN A CB  1 
ATOM   170  C CB  B GLN A 1 32  ? 7.026   0.639   -12.521 0.50 21.90 ? 25  GLN A CB  1 
ATOM   171  C CG  A GLN A 1 32  ? 7.318   -0.316  -11.765 0.50 27.68 ? 25  GLN A CG  1 
ATOM   172  C CG  B GLN A 1 32  ? 8.295   0.662   -11.664 0.50 25.13 ? 25  GLN A CG  1 
ATOM   173  C CD  A GLN A 1 32  ? 6.954   -1.791  -11.708 0.50 27.60 ? 25  GLN A CD  1 
ATOM   174  C CD  B GLN A 1 32  ? 9.567   0.140   -12.292 0.50 31.31 ? 25  GLN A CD  1 
ATOM   175  O OE1 A GLN A 1 32  ? 5.858   -2.185  -11.301 0.50 28.11 ? 25  GLN A OE1 1 
ATOM   176  O OE1 B GLN A 1 32  ? 9.590   -0.913  -12.927 0.50 36.60 ? 25  GLN A OE1 1 
ATOM   177  N NE2 A GLN A 1 32  ? 7.872   -2.637  -12.146 0.50 29.07 ? 25  GLN A NE2 1 
ATOM   178  N NE2 B GLN A 1 32  ? 10.658  0.869   -12.097 0.50 31.93 ? 25  GLN A NE2 1 
ATOM   179  N N   . ARG A 1 33  ? 4.413   2.437   -13.930 1.00 20.45 ? 26  ARG A N   1 
ATOM   180  C CA  A ARG A 1 33  ? 3.257   2.394   -14.801 0.50 20.18 ? 26  ARG A CA  1 
ATOM   181  C CA  B ARG A 1 33  ? 3.206   2.433   -14.729 0.50 20.67 ? 26  ARG A CA  1 
ATOM   182  C C   . ARG A 1 33  ? 3.095   3.691   -15.602 1.00 20.55 ? 26  ARG A C   1 
ATOM   183  O O   . ARG A 1 33  ? 2.059   3.907   -16.199 1.00 22.65 ? 26  ARG A O   1 
ATOM   184  C CB  A ARG A 1 33  ? 2.020   2.047   -13.974 0.50 20.60 ? 26  ARG A CB  1 
ATOM   185  C CB  B ARG A 1 33  ? 1.985   2.342   -13.809 0.50 22.08 ? 26  ARG A CB  1 
ATOM   186  C CG  A ARG A 1 33  ? 2.066   0.605   -13.498 0.50 19.60 ? 26  ARG A CG  1 
ATOM   187  C CG  B ARG A 1 33  ? 1.635   0.921   -13.395 0.50 21.39 ? 26  ARG A CG  1 
ATOM   188  C CD  A ARG A 1 33  ? 1.344   0.295   -12.215 0.50 21.38 ? 26  ARG A CD  1 
ATOM   189  C CD  B ARG A 1 33  ? 1.462   0.138   -14.678 0.50 24.09 ? 26  ARG A CD  1 
ATOM   190  N NE  A ARG A 1 33  ? 1.535   -1.102  -11.862 0.50 21.16 ? 26  ARG A NE  1 
ATOM   191  N NE  B ARG A 1 33  ? 0.900   -1.179  -14.475 0.50 26.71 ? 26  ARG A NE  1 
ATOM   192  C CZ  A ARG A 1 33  ? 2.641   -1.606  -11.307 0.50 20.10 ? 26  ARG A CZ  1 
ATOM   193  C CZ  B ARG A 1 33  ? 0.644   -1.988  -15.479 0.50 30.20 ? 26  ARG A CZ  1 
ATOM   194  N NH1 A ARG A 1 33  ? 3.691   -0.848  -11.045 0.50 14.87 ? 26  ARG A NH1 1 
ATOM   195  N NH1 B ARG A 1 33  ? 0.205   -3.218  -15.264 0.50 33.57 ? 26  ARG A NH1 1 
ATOM   196  N NH2 A ARG A 1 33  ? 2.696   -2.904  -11.046 0.50 23.51 ? 26  ARG A NH2 1 
ATOM   197  N NH2 B ARG A 1 33  ? 0.867   -1.540  -16.699 0.50 23.69 ? 26  ARG A NH2 1 
ATOM   198  N N   . GLY A 1 34  ? 4.120   4.519   -15.603 1.00 22.63 ? 27  GLY A N   1 
ATOM   199  C CA  . GLY A 1 34  ? 4.123   5.733   -16.472 1.00 23.42 ? 27  GLY A CA  1 
ATOM   200  C C   . GLY A 1 34  ? 3.459   6.979   -15.890 1.00 26.09 ? 27  GLY A C   1 
ATOM   201  O O   . GLY A 1 34  ? 3.040   7.919   -16.695 1.00 26.27 ? 27  GLY A O   1 
ATOM   202  N N   . TYR A 1 35  ? 3.387   7.055   -14.547 1.00 22.81 ? 28  TYR A N   1 
ATOM   203  C CA  . TYR A 1 35  ? 2.932   8.277   -13.856 1.00 22.39 ? 28  TYR A CA  1 
ATOM   204  C C   . TYR A 1 35  ? 3.985   8.716   -12.851 1.00 20.54 ? 28  TYR A C   1 
ATOM   205  O O   . TYR A 1 35  ? 4.251   7.993   -11.875 1.00 19.77 ? 28  TYR A O   1 
ATOM   206  C CB  . TYR A 1 35  ? 1.576   8.088   -13.164 1.00 21.17 ? 28  TYR A CB  1 
ATOM   207  C CG  . TYR A 1 35  ? 1.088   9.336   -12.457 1.00 21.74 ? 28  TYR A CG  1 
ATOM   208  C CD1 . TYR A 1 35  ? 0.709   10.482  -13.143 1.00 25.11 ? 28  TYR A CD1 1 
ATOM   209  C CD2 . TYR A 1 35  ? 1.058   9.413   -11.083 1.00 19.68 ? 28  TYR A CD2 1 
ATOM   210  C CE1 . TYR A 1 35  ? 0.242   11.607  -12.480 1.00 26.01 ? 28  TYR A CE1 1 
ATOM   211  C CE2 . TYR A 1 35  ? 0.546   10.519  -10.415 1.00 21.86 ? 28  TYR A CE2 1 
ATOM   212  C CZ  . TYR A 1 35  ? 0.180   11.644  -11.108 1.00 25.69 ? 28  TYR A CZ  1 
ATOM   213  O OH  . TYR A 1 35  ? -0.220  12.764  -10.405 1.00 26.68 ? 28  TYR A OH  1 
ATOM   214  N N   . GLU A 1 36  ? 4.532   9.932   -13.040 1.00 22.62 ? 29  GLU A N   1 
ATOM   215  C CA  . GLU A 1 36  ? 5.441   10.533  -12.092 1.00 21.11 ? 29  GLU A CA  1 
ATOM   216  C C   . GLU A 1 36  ? 4.605   11.299  -11.068 1.00 20.80 ? 29  GLU A C   1 
ATOM   217  O O   . GLU A 1 36  ? 3.950   12.286  -11.381 1.00 22.85 ? 29  GLU A O   1 
ATOM   218  C CB  . GLU A 1 36  ? 6.487   11.435  -12.780 1.00 24.06 ? 29  GLU A CB  1 
ATOM   219  C CG  . GLU A 1 36  ? 7.631   10.675  -13.439 1.00 30.05 ? 29  GLU A CG  1 
ATOM   220  C CD  . GLU A 1 36  ? 8.342   9.676   -12.539 1.00 36.13 ? 29  GLU A CD  1 
ATOM   221  O OE1 . GLU A 1 36  ? 8.816   10.095  -11.476 1.00 37.14 ? 29  GLU A OE1 1 
ATOM   222  O OE2 . GLU A 1 36  ? 8.331   8.466   -12.869 1.00 40.57 ? 29  GLU A OE2 1 
ATOM   223  N N   . TRP A 1 37  ? 4.603   10.784  -9.843  1.00 20.47 ? 30  TRP A N   1 
ATOM   224  C CA  . TRP A 1 37  ? 3.839   11.398  -8.766  1.00 19.58 ? 30  TRP A CA  1 
ATOM   225  C C   . TRP A 1 37  ? 4.752   12.394  -8.060  1.00 19.76 ? 30  TRP A C   1 
ATOM   226  O O   . TRP A 1 37  ? 5.377   12.109  -7.074  1.00 21.40 ? 30  TRP A O   1 
ATOM   227  C CB  . TRP A 1 37  ? 3.295   10.301  -7.852  1.00 17.37 ? 30  TRP A CB  1 
ATOM   228  C CG  . TRP A 1 37  ? 2.602   10.817  -6.637  1.00 15.39 ? 30  TRP A CG  1 
ATOM   229  C CD1 . TRP A 1 37  ? 1.674   11.807  -6.563  1.00 20.26 ? 30  TRP A CD1 1 
ATOM   230  C CD2 . TRP A 1 37  ? 2.732   10.259  -5.322  1.00 16.27 ? 30  TRP A CD2 1 
ATOM   231  N NE1 . TRP A 1 37  ? 1.236   11.915  -5.275  1.00 20.68 ? 30  TRP A NE1 1 
ATOM   232  C CE2 . TRP A 1 37  ? 1.895   11.014  -4.485  1.00 16.34 ? 30  TRP A CE2 1 
ATOM   233  C CE3 . TRP A 1 37  ? 3.503   9.237   -4.772  1.00 17.18 ? 30  TRP A CE3 1 
ATOM   234  C CZ2 . TRP A 1 37  ? 1.806   10.718  -3.125  1.00 18.16 ? 30  TRP A CZ2 1 
ATOM   235  C CZ3 . TRP A 1 37  ? 3.432   8.970   -3.426  1.00 17.85 ? 30  TRP A CZ3 1 
ATOM   236  C CH2 . TRP A 1 37  ? 2.551   9.681   -2.622  1.00 16.86 ? 30  TRP A CH2 1 
ATOM   237  N N   . ASP A 1 38  ? 4.732   13.604  -8.632  1.00 25.72 ? 31  ASP A N   1 
ATOM   238  C CA  . ASP A 1 38  ? 5.650   14.609  -8.185  1.00 27.86 ? 31  ASP A CA  1 
ATOM   239  C C   . ASP A 1 38  ? 5.276   15.042  -6.778  1.00 26.95 ? 31  ASP A C   1 
ATOM   240  O O   . ASP A 1 38  ? 6.183   15.296  -6.029  1.00 27.45 ? 31  ASP A O   1 
ATOM   241  C CB  . ASP A 1 38  ? 5.680   15.806  -9.118  1.00 31.39 ? 31  ASP A CB  1 
ATOM   242  C CG  . ASP A 1 38  ? 6.260   15.480  -10.479 1.00 37.07 ? 31  ASP A CG  1 
ATOM   243  O OD1 . ASP A 1 38  ? 7.249   14.699  -10.542 1.00 39.29 ? 31  ASP A OD1 1 
ATOM   244  O OD2 . ASP A 1 38  ? 5.698   15.997  -11.450 1.00 36.42 ? 31  ASP A OD2 1 
ATOM   245  N N   . ALA A 1 39  ? 3.980   15.022  -6.427  1.00 26.33 ? 32  ALA A N   1 
ATOM   246  C CA  . ALA A 1 39  ? 3.621   15.505  -5.076  1.00 27.00 ? 32  ALA A CA  1 
ATOM   247  C C   . ALA A 1 39  ? 4.245   14.581  -4.041  1.00 28.43 ? 32  ALA A C   1 
ATOM   248  O O   . ALA A 1 39  ? 4.416   14.978  -2.899  1.00 31.62 ? 32  ALA A O   1 
ATOM   249  C CB  . ALA A 1 39  ? 2.132   15.625  -4.876  1.00 27.99 ? 32  ALA A CB  1 
ATOM   250  N N   . GLY A 1 40  ? 4.552   13.333  -4.437  1.00 29.88 ? 33  GLY A N   1 
ATOM   251  C CA  . GLY A 1 40  ? 5.011   12.325  -3.520  1.00 26.17 ? 33  GLY A CA  1 
ATOM   252  C C   . GLY A 1 40  ? 6.448   11.913  -3.722  1.00 32.54 ? 33  GLY A C   1 
ATOM   253  O O   . GLY A 1 40  ? 6.900   10.953  -3.107  1.00 32.06 ? 33  GLY A O   1 
ATOM   254  N N   . ALA A 1 41  ? 7.177   12.662  -4.561  1.00 29.61 ? 34  ALA A N   1 
ATOM   255  C CA  . ALA A 1 41  ? 8.577   12.357  -4.861  1.00 33.53 ? 34  ALA A CA  1 
ATOM   256  C C   . ALA A 1 41  ? 9.442   12.622  -3.619  1.00 40.82 ? 34  ALA A C   1 
ATOM   257  O O   . ALA A 1 41  ? 9.141   13.516  -2.847  1.00 37.36 ? 34  ALA A O   1 
ATOM   258  C CB  . ALA A 1 41  ? 9.023   13.199  -6.015  1.00 32.57 ? 34  ALA A CB  1 
ATOM   259  N N   . ASP A 1 42  ? 10.501  11.821  -3.453  1.00 45.00 ? 35  ASP A N   1 
ATOM   260  C CA  . ASP A 1 42  ? 11.447  11.874  -2.335  1.00 55.05 ? 35  ASP A CA  1 
ATOM   261  C C   . ASP A 1 42  ? 11.553  13.298  -1.766  1.00 58.51 ? 35  ASP A C   1 
ATOM   262  O O   . ASP A 1 42  ? 12.341  14.113  -2.245  1.00 59.76 ? 35  ASP A O   1 
ATOM   263  C CB  . ASP A 1 42  ? 12.819  11.353  -2.781  1.00 61.26 ? 35  ASP A CB  1 
ATOM   264  C CG  . ASP A 1 42  ? 13.236  10.081  -2.072  1.00 63.34 ? 35  ASP A CG  1 
ATOM   265  O OD1 . ASP A 1 42  ? 13.562  10.186  -0.876  1.00 67.14 ? 35  ASP A OD1 1 
ATOM   266  O OD2 . ASP A 1 42  ? 13.209  8.994   -2.712  1.00 64.33 ? 35  ASP A OD2 1 
ATOM   267  N N   . GLU A 1 55  ? 19.474  -0.340  6.374   1.00 52.87 ? 48  GLU A N   1 
ATOM   268  C CA  . GLU A 1 55  ? 18.376  -1.162  6.901   1.00 46.63 ? 48  GLU A CA  1 
ATOM   269  C C   . GLU A 1 55  ? 17.062  -0.742  6.210   1.00 43.07 ? 48  GLU A C   1 
ATOM   270  O O   . GLU A 1 55  ? 16.305  -1.603  5.711   1.00 32.16 ? 48  GLU A O   1 
ATOM   271  C CB  . GLU A 1 55  ? 18.322  -1.087  8.436   1.00 48.37 ? 48  GLU A CB  1 
ATOM   272  C CG  . GLU A 1 55  ? 19.220  -0.029  9.079   1.00 53.77 ? 48  GLU A CG  1 
ATOM   273  C CD  . GLU A 1 55  ? 18.495  0.964   9.983   1.00 57.62 ? 48  GLU A CD  1 
ATOM   274  O OE1 . GLU A 1 55  ? 18.316  0.652   11.178  1.00 62.22 ? 48  GLU A OE1 1 
ATOM   275  O OE2 . GLU A 1 55  ? 18.081  2.044   9.484   1.00 53.63 ? 48  GLU A OE2 1 
ATOM   276  N N   . SER A 1 56  ? 16.808  0.570   6.157   1.00 38.65 ? 49  SER A N   1 
ATOM   277  C CA  . SER A 1 56  ? 15.689  1.181   5.398   1.00 40.10 ? 49  SER A CA  1 
ATOM   278  C C   . SER A 1 56  ? 15.589  0.613   3.978   1.00 35.93 ? 49  SER A C   1 
ATOM   279  O O   . SER A 1 56  ? 14.516  0.242   3.500   1.00 30.00 ? 49  SER A O   1 
ATOM   280  C CB  . SER A 1 56  ? 15.830  2.678   5.349   1.00 41.94 ? 49  SER A CB  1 
ATOM   281  O OG  . SER A 1 56  ? 15.726  3.194   6.659   1.00 49.06 ? 49  SER A OG  1 
ATOM   282  N N   . GLU A 1 57  ? 16.710  0.580   3.262   1.00 31.73 ? 50  GLU A N   1 
ATOM   283  C CA  . GLU A 1 57  ? 16.674  0.179   1.866   1.00 30.97 ? 50  GLU A CA  1 
ATOM   284  C C   . GLU A 1 57  ? 16.119  -1.245  1.720   1.00 27.38 ? 50  GLU A C   1 
ATOM   285  O O   . GLU A 1 57  ? 15.318  -1.510  0.856   1.00 26.58 ? 50  GLU A O   1 
ATOM   286  C CB  . GLU A 1 57  ? 18.069  0.254   1.244   1.00 32.49 ? 50  GLU A CB  1 
ATOM   287  N N   . VAL A 1 58  ? 16.557  -2.151  2.578   1.00 27.01 ? 92  VAL A N   1 
ATOM   288  C CA  . VAL A 1 58  ? 16.133  -3.547  2.514   1.00 26.98 ? 92  VAL A CA  1 
ATOM   289  C C   . VAL A 1 58  ? 14.631  -3.648  2.863   1.00 25.90 ? 92  VAL A C   1 
ATOM   290  O O   . VAL A 1 58  ? 13.919  -4.414  2.261   1.00 23.82 ? 92  VAL A O   1 
ATOM   291  C CB  . VAL A 1 58  ? 16.984  -4.412  3.464   1.00 28.50 ? 92  VAL A CB  1 
ATOM   292  C CG1 . VAL A 1 58  ? 16.617  -5.871  3.372   1.00 29.29 ? 92  VAL A CG1 1 
ATOM   293  C CG2 . VAL A 1 58  ? 18.479  -4.222  3.199   1.00 32.49 ? 92  VAL A CG2 1 
ATOM   294  N N   . VAL A 1 59  ? 14.182  -2.870  3.841   1.00 24.08 ? 93  VAL A N   1 
ATOM   295  C CA  . VAL A 1 59  ? 12.748  -2.807  4.159   1.00 22.00 ? 93  VAL A CA  1 
ATOM   296  C C   . VAL A 1 59  ? 11.963  -2.409  2.910   1.00 23.52 ? 93  VAL A C   1 
ATOM   297  O O   . VAL A 1 59  ? 11.015  -3.124  2.584   1.00 20.55 ? 93  VAL A O   1 
ATOM   298  C CB  . VAL A 1 59  ? 12.428  -1.888  5.346   1.00 24.28 ? 93  VAL A CB  1 
ATOM   299  C CG1 . VAL A 1 59  ? 10.920  -1.774  5.468   1.00 21.20 ? 93  VAL A CG1 1 
ATOM   300  C CG2 . VAL A 1 59  ? 13.038  -2.368  6.641   1.00 24.61 ? 93  VAL A CG2 1 
ATOM   301  N N   . HIS A 1 60  ? 12.323  -1.304  2.225   1.00 21.48 ? 94  HIS A N   1 
ATOM   302  C CA  . HIS A 1 60  ? 11.586  -0.854  1.061   1.00 23.00 ? 94  HIS A CA  1 
ATOM   303  C C   . HIS A 1 60  ? 11.563  -1.952  -0.013  1.00 21.06 ? 94  HIS A C   1 
ATOM   304  O O   . HIS A 1 60  ? 10.553  -2.269  -0.581  1.00 22.68 ? 94  HIS A O   1 
ATOM   305  C CB  . HIS A 1 60  ? 12.168  0.461   0.509   1.00 21.09 ? 94  HIS A CB  1 
ATOM   306  C CG  . HIS A 1 60  ? 12.109  1.618   1.447   1.00 25.39 ? 94  HIS A CG  1 
ATOM   307  N ND1 . HIS A 1 60  ? 10.937  2.036   2.043   1.00 26.00 ? 94  HIS A ND1 1 
ATOM   308  C CD2 . HIS A 1 60  ? 13.064  2.522   1.804   1.00 27.30 ? 94  HIS A CD2 1 
ATOM   309  C CE1 . HIS A 1 60  ? 11.195  3.086   2.820   1.00 29.45 ? 94  HIS A CE1 1 
ATOM   310  N NE2 . HIS A 1 60  ? 12.499  3.387   2.707   1.00 30.47 ? 94  HIS A NE2 1 
ATOM   311  N N   . LYS A 1 61  ? 12.726  -2.562  -0.266  1.00 22.08 ? 95  LYS A N   1 
ATOM   312  C CA  . LYS A 1 61  ? 12.801  -3.540  -1.353  1.00 23.35 ? 95  LYS A CA  1 
ATOM   313  C C   . LYS A 1 61  ? 12.035  -4.829  -1.018  1.00 19.80 ? 95  LYS A C   1 
ATOM   314  O O   . LYS A 1 61  ? 11.283  -5.385  -1.843  1.00 21.78 ? 95  LYS A O   1 
ATOM   315  C CB  . LYS A 1 61  ? 14.274  -3.908  -1.535  1.00 29.07 ? 95  LYS A CB  1 
ATOM   316  C CG  . LYS A 1 61  ? 14.547  -4.908  -2.638  1.00 33.86 ? 95  LYS A CG  1 
ATOM   317  C CD  . LYS A 1 61  ? 16.030  -4.884  -3.044  1.00 38.07 ? 95  LYS A CD  1 
ATOM   318  C CE  . LYS A 1 61  ? 16.310  -5.468  -4.413  1.00 44.49 ? 95  LYS A CE  1 
ATOM   319  N NZ  . LYS A 1 61  ? 17.696  -5.980  -4.505  1.00 48.49 ? 95  LYS A NZ  1 
ATOM   320  N N   . THR A 1 62  ? 12.118  -5.241  0.245   1.00 19.92 ? 96  THR A N   1 
ATOM   321  C CA  . THR A 1 62  ? 11.452  -6.476  0.638   1.00 21.12 ? 96  THR A CA  1 
ATOM   322  C C   . THR A 1 62  ? 9.921   -6.326  0.598   1.00 18.82 ? 96  THR A C   1 
ATOM   323  O O   . THR A 1 62  ? 9.183   -7.200  0.218   1.00 19.54 ? 96  THR A O   1 
ATOM   324  C CB  . THR A 1 62  ? 11.858  -6.945  2.030   1.00 21.95 ? 96  THR A CB  1 
ATOM   325  O OG1 . THR A 1 62  ? 13.295  -7.021  2.088   1.00 24.94 ? 96  THR A OG1 1 
ATOM   326  C CG2 . THR A 1 62  ? 11.237  -8.286  2.362   1.00 24.25 ? 96  THR A CG2 1 
ATOM   327  N N   . LEU A 1 63  ? 9.437   -5.143  0.981   1.00 19.60 ? 97  LEU A N   1 
ATOM   328  C CA  . LEU A 1 63  ? 8.022   -4.877  0.948   1.00 18.60 ? 97  LEU A CA  1 
ATOM   329  C C   . LEU A 1 63  ? 7.495   -4.835  -0.483  1.00 19.59 ? 97  LEU A C   1 
ATOM   330  O O   . LEU A 1 63  ? 6.460   -5.367  -0.778  1.00 19.49 ? 97  LEU A O   1 
ATOM   331  C CB  . LEU A 1 63  ? 7.731   -3.572  1.689   1.00 17.99 ? 97  LEU A CB  1 
ATOM   332  C CG  . LEU A 1 63  ? 6.267   -3.155  1.728   1.00 18.28 ? 97  LEU A CG  1 
ATOM   333  C CD1 . LEU A 1 63  ? 5.393   -4.214  2.392   1.00 18.06 ? 97  LEU A CD1 1 
ATOM   334  C CD2 . LEU A 1 63  ? 6.142   -1.824  2.458   1.00 18.36 ? 97  LEU A CD2 1 
ATOM   335  N N   . ARG A 1 64  ? 8.246   -4.203  -1.386  1.00 19.73 ? 98  ARG A N   1 
ATOM   336  C CA  . ARG A 1 64  ? 7.872   -4.162  -2.777  1.00 23.44 ? 98  ARG A CA  1 
ATOM   337  C C   . ARG A 1 64  ? 7.755   -5.573  -3.377  1.00 21.88 ? 98  ARG A C   1 
ATOM   338  O O   . ARG A 1 64  ? 6.784   -5.931  -4.024  1.00 23.59 ? 98  ARG A O   1 
ATOM   339  C CB  . ARG A 1 64  ? 8.911   -3.372  -3.574  1.00 28.63 ? 98  ARG A CB  1 
ATOM   340  C CG  . ARG A 1 64  ? 8.626   -3.409  -5.062  1.00 30.83 ? 98  ARG A CG  1 
ATOM   341  C CD  . ARG A 1 64  ? 9.379   -2.376  -5.858  1.00 36.43 ? 98  ARG A CD  1 
ATOM   342  N NE  . ARG A 1 64  ? 10.804  -2.629  -5.852  1.00 36.85 ? 98  ARG A NE  1 
ATOM   343  C CZ  . ARG A 1 64  ? 11.688  -1.957  -5.130  1.00 42.99 ? 98  ARG A CZ  1 
ATOM   344  N NH1 . ARG A 1 64  ? 11.292  -0.960  -4.357  1.00 44.22 ? 98  ARG A NH1 1 
ATOM   345  N NH2 . ARG A 1 64  ? 12.964  -2.287  -5.183  1.00 47.56 ? 98  ARG A NH2 1 
ATOM   346  N N   . GLU A 1 65  ? 8.794   -6.370  -3.124  1.00 21.68 ? 99  GLU A N   1 
ATOM   347  C CA  . GLU A 1 65  ? 8.844   -7.738  -3.624  1.00 23.20 ? 99  GLU A CA  1 
ATOM   348  C C   . GLU A 1 65  ? 7.723   -8.575  -3.027  1.00 23.30 ? 99  GLU A C   1 
ATOM   349  O O   . GLU A 1 65  ? 7.129   -9.327  -3.738  1.00 22.46 ? 99  GLU A O   1 
ATOM   350  C CB  . GLU A 1 65  ? 10.201  -8.357  -3.338  1.00 27.87 ? 99  GLU A CB  1 
ATOM   351  C CG  . GLU A 1 65  ? 11.275  -7.665  -4.159  1.00 33.21 ? 99  GLU A CG  1 
ATOM   352  C CD  . GLU A 1 65  ? 12.690  -8.133  -3.909  1.00 42.50 ? 99  GLU A CD  1 
ATOM   353  O OE1 . GLU A 1 65  ? 12.852  -9.243  -3.381  1.00 48.80 ? 99  GLU A OE1 1 
ATOM   354  O OE2 . GLU A 1 65  ? 13.626  -7.379  -4.269  1.00 48.39 ? 99  GLU A OE2 1 
ATOM   355  N N   . ALA A 1 66  ? 7.393   -8.367  -1.733  1.00 18.86 ? 100 ALA A N   1 
ATOM   356  C CA  . ALA A 1 66  ? 6.326   -9.115  -1.103  1.00 18.58 ? 100 ALA A CA  1 
ATOM   357  C C   . ALA A 1 66  ? 4.981   -8.768  -1.751  1.00 19.70 ? 100 ALA A C   1 
ATOM   358  O O   . ALA A 1 66  ? 4.105   -9.606  -1.936  1.00 17.52 ? 100 ALA A O   1 
ATOM   359  C CB  . ALA A 1 66  ? 6.278   -8.899  0.400   1.00 19.56 ? 100 ALA A CB  1 
ATOM   360  N N   . GLY A 1 67  ? 4.788   -7.466  -2.021  1.00 18.76 ? 101 GLY A N   1 
ATOM   361  C CA  . GLY A 1 67  ? 3.606   -7.062  -2.685  1.00 19.62 ? 101 GLY A CA  1 
ATOM   362  C C   . GLY A 1 67  ? 3.499   -7.599  -4.102  1.00 20.77 ? 101 GLY A C   1 
ATOM   363  O O   . GLY A 1 67  ? 2.420   -7.988  -4.514  1.00 20.50 ? 101 GLY A O   1 
ATOM   364  N N   . ASP A 1 68  ? 4.633   -7.600  -4.797  1.00 21.99 ? 102 ASP A N   1 
ATOM   365  C CA  . ASP A 1 68  ? 4.646   -8.150  -6.180  1.00 24.07 ? 102 ASP A CA  1 
ATOM   366  C C   . ASP A 1 68  ? 4.326   -9.651  -6.135  1.00 23.91 ? 102 ASP A C   1 
ATOM   367  O O   . ASP A 1 68  ? 3.569   -10.162 -6.948  1.00 25.53 ? 102 ASP A O   1 
ATOM   368  C CB  . ASP A 1 68  ? 5.977   -7.902  -6.881  1.00 26.03 ? 102 ASP A CB  1 
ATOM   369  C CG  . ASP A 1 68  ? 6.258   -6.460  -7.256  1.00 28.52 ? 102 ASP A CG  1 
ATOM   370  O OD1 . ASP A 1 68  ? 5.299   -5.665  -7.401  1.00 35.18 ? 102 ASP A OD1 1 
ATOM   371  O OD2 . ASP A 1 68  ? 7.480   -6.129  -7.363  1.00 36.93 ? 102 ASP A OD2 1 
ATOM   372  N N   . ASP A 1 69  ? 4.850   -10.347 -5.131  1.00 23.53 ? 103 ASP A N   1 
ATOM   373  C CA  . ASP A 1 69  ? 4.567   -11.789 -4.967  1.00 24.87 ? 103 ASP A CA  1 
ATOM   374  C C   . ASP A 1 69  ? 3.076   -12.031 -4.694  1.00 22.40 ? 103 ASP A C   1 
ATOM   375  O O   . ASP A 1 69  ? 2.466   -12.942 -5.175  1.00 22.51 ? 103 ASP A O   1 
ATOM   376  C CB  . ASP A 1 69  ? 5.436   -12.385 -3.862  1.00 27.42 ? 103 ASP A CB  1 
ATOM   377  C CG  . ASP A 1 69  ? 6.902   -12.506 -4.247  1.00 37.40 ? 103 ASP A CG  1 
ATOM   378  O OD1 . ASP A 1 69  ? 7.191   -12.408 -5.458  1.00 44.30 ? 103 ASP A OD1 1 
ATOM   379  O OD2 . ASP A 1 69  ? 7.741   -12.673 -3.328  1.00 41.74 ? 103 ASP A OD2 1 
ATOM   380  N N   . PHE A 1 70  ? 2.462   -11.168 -3.878  1.00 21.25 ? 104 PHE A N   1 
ATOM   381  C CA  . PHE A 1 70  ? 1.076   -11.256 -3.550  1.00 20.48 ? 104 PHE A CA  1 
ATOM   382  C C   . PHE A 1 70  ? 0.205   -10.992 -4.801  1.00 19.65 ? 104 PHE A C   1 
ATOM   383  O O   . PHE A 1 70  ? -0.750  -11.702 -5.023  1.00 21.44 ? 104 PHE A O   1 
ATOM   384  C CB  . PHE A 1 70  ? 0.778   -10.269 -2.419  1.00 19.51 ? 104 PHE A CB  1 
ATOM   385  C CG  . PHE A 1 70  ? -0.626  -10.344 -1.874  1.00 20.34 ? 104 PHE A CG  1 
ATOM   386  C CD1 . PHE A 1 70  ? -1.018  -11.395 -1.068  1.00 23.73 ? 104 PHE A CD1 1 
ATOM   387  C CD2 . PHE A 1 70  ? -1.583  -9.399  -2.201  1.00 18.00 ? 104 PHE A CD2 1 
ATOM   388  C CE1 . PHE A 1 70  ? -2.298  -11.455 -0.537  1.00 24.46 ? 104 PHE A CE1 1 
ATOM   389  C CE2 . PHE A 1 70  ? -2.878  -9.485  -1.716  1.00 19.11 ? 104 PHE A CE2 1 
ATOM   390  C CZ  . PHE A 1 70  ? -3.228  -10.481 -0.861  1.00 20.94 ? 104 PHE A CZ  1 
ATOM   391  N N   . SER A 1 71  ? 0.575   -9.981  -5.580  1.00 20.97 ? 105 SER A N   1 
ATOM   392  C CA  . SER A 1 71  ? -0.046  -9.642  -6.874  1.00 23.94 ? 105 SER A CA  1 
ATOM   393  C C   . SER A 1 71  ? 0.034   -10.862 -7.813  1.00 26.21 ? 105 SER A C   1 
ATOM   394  O O   . SER A 1 71  ? -0.976  -11.213 -8.404  1.00 25.58 ? 105 SER A O   1 
ATOM   395  C CB  . SER A 1 71  ? 0.610   -8.390  -7.442  1.00 27.61 ? 105 SER A CB  1 
ATOM   396  O OG  . SER A 1 71  ? 0.052   -7.968  -8.701  1.00 34.32 ? 105 SER A OG  1 
ATOM   397  N N   . ARG A 1 72  ? 1.193   -11.524 -7.856  1.00 23.74 ? 106 ARG A N   1 
ATOM   398  C CA  . ARG A 1 72  ? 1.356   -12.720 -8.735  1.00 26.06 ? 106 ARG A CA  1 
ATOM   399  C C   . ARG A 1 72  ? 0.488   -13.875 -8.231  1.00 26.51 ? 106 ARG A C   1 
ATOM   400  O O   . ARG A 1 72  ? -0.197  -14.575 -9.005  1.00 28.39 ? 106 ARG A O   1 
ATOM   401  C CB  . ARG A 1 72  ? 2.816   -13.158 -8.767  1.00 28.82 ? 106 ARG A CB  1 
ATOM   402  C CG  . ARG A 1 72  ? 3.072   -14.331 -9.708  1.00 36.59 ? 106 ARG A CG  1 
ATOM   403  C CD  . ARG A 1 72  ? 3.752   -15.507 -9.026  1.00 45.72 ? 106 ARG A CD  1 
ATOM   404  N NE  . ARG A 1 72  ? 5.021   -15.149 -8.383  1.00 48.87 ? 106 ARG A NE  1 
ATOM   405  C CZ  . ARG A 1 72  ? 5.201   -14.999 -7.067  1.00 51.58 ? 106 ARG A CZ  1 
ATOM   406  N NH1 . ARG A 1 72  ? 4.201   -15.189 -6.218  1.00 51.52 ? 106 ARG A NH1 1 
ATOM   407  N NH2 . ARG A 1 72  ? 6.390   -14.650 -6.606  1.00 56.39 ? 106 ARG A NH2 1 
ATOM   408  N N   . ARG A 1 73  ? 0.535   -14.095 -6.916  1.00 24.03 ? 107 ARG A N   1 
ATOM   409  C CA  . ARG A 1 73  ? -0.154  -15.159 -6.286  1.00 25.12 ? 107 ARG A CA  1 
ATOM   410  C C   . ARG A 1 73  ? -1.651  -15.076 -6.578  1.00 26.65 ? 107 ARG A C   1 
ATOM   411  O O   . ARG A 1 73  ? -2.305  -16.118 -6.720  1.00 26.37 ? 107 ARG A O   1 
ATOM   412  C CB  . ARG A 1 73  ? 0.115   -15.094 -4.782  1.00 28.02 ? 107 ARG A CB  1 
ATOM   413  C CG  . ARG A 1 73  ? -0.624  -16.111 -3.927  1.00 27.07 ? 107 ARG A CG  1 
ATOM   414  C CD  . ARG A 1 73  ? -0.122  -16.160 -2.477  1.00 29.79 ? 107 ARG A CD  1 
ATOM   415  N NE  . ARG A 1 73  ? 1.273   -16.535 -2.316  1.00 31.74 ? 107 ARG A NE  1 
ATOM   416  C CZ  . ARG A 1 73  ? 1.731   -17.802 -2.248  1.00 38.54 ? 107 ARG A CZ  1 
ATOM   417  N NH1 . ARG A 1 73  ? 0.886   -18.825 -2.236  1.00 37.49 ? 107 ARG A NH1 1 
ATOM   418  N NH2 . ARG A 1 73  ? 3.030   -18.046 -2.175  1.00 38.43 ? 107 ARG A NH2 1 
ATOM   419  N N   . TYR A 1 74  ? -2.194  -13.846 -6.619  1.00 23.29 ? 108 TYR A N   1 
ATOM   420  C CA  . TYR A 1 74  ? -3.642  -13.603 -6.826  1.00 23.61 ? 108 TYR A CA  1 
ATOM   421  C C   . TYR A 1 74  ? -3.862  -12.842 -8.144  1.00 25.72 ? 108 TYR A C   1 
ATOM   422  O O   . TYR A 1 74  ? -4.745  -11.979 -8.217  1.00 26.24 ? 108 TYR A O   1 
ATOM   423  C CB  . TYR A 1 74  ? -4.212  -12.852 -5.620  1.00 23.32 ? 108 TYR A CB  1 
ATOM   424  C CG  . TYR A 1 74  ? -4.266  -13.736 -4.391  1.00 23.88 ? 108 TYR A CG  1 
ATOM   425  C CD1 . TYR A 1 74  ? -5.107  -14.828 -4.326  1.00 24.84 ? 108 TYR A CD1 1 
ATOM   426  C CD2 . TYR A 1 74  ? -3.433  -13.515 -3.317  1.00 25.44 ? 108 TYR A CD2 1 
ATOM   427  C CE1 . TYR A 1 74  ? -5.118  -15.678 -3.234  1.00 28.30 ? 108 TYR A CE1 1 
ATOM   428  C CE2 . TYR A 1 74  ? -3.443  -14.325 -2.201  1.00 25.51 ? 108 TYR A CE2 1 
ATOM   429  C CZ  . TYR A 1 74  ? -4.290  -15.408 -2.163  1.00 25.14 ? 108 TYR A CZ  1 
ATOM   430  O OH  . TYR A 1 74  ? -4.287  -16.181 -1.043  1.00 31.10 ? 108 TYR A OH  1 
ATOM   431  N N   . ARG A 1 75  ? -3.075  -13.158 -9.176  1.00 27.35 ? 109 ARG A N   1 
ATOM   432  C CA  . ARG A 1 75  ? -3.031  -12.352 -10.385 1.00 32.19 ? 109 ARG A CA  1 
ATOM   433  C C   . ARG A 1 75  ? -4.442  -12.166 -10.969 1.00 33.33 ? 109 ARG A C   1 
ATOM   434  O O   . ARG A 1 75  ? -4.794  -11.084 -11.407 1.00 30.76 ? 109 ARG A O   1 
ATOM   435  C CB  . ARG A 1 75  ? -2.091  -12.995 -11.410 1.00 39.16 ? 109 ARG A CB  1 
ATOM   436  C CG  . ARG A 1 75  ? -1.794  -12.100 -12.607 1.00 46.84 ? 109 ARG A CG  1 
ATOM   437  C CD  . ARG A 1 75  ? -0.321  -12.054 -12.961 1.00 57.11 ? 109 ARG A CD  1 
ATOM   438  N NE  . ARG A 1 75  ? 0.112   -13.245 -13.683 1.00 66.82 ? 109 ARG A NE  1 
ATOM   439  C CZ  . ARG A 1 75  ? 1.366   -13.692 -13.725 1.00 70.69 ? 109 ARG A CZ  1 
ATOM   440  N NH1 . ARG A 1 75  ? 2.306   -13.113 -12.998 1.00 71.23 ? 109 ARG A NH1 1 
ATOM   441  N NH2 . ARG A 1 75  ? 1.675   -14.722 -14.494 1.00 74.69 ? 109 ARG A NH2 1 
ATOM   442  N N   . ARG A 1 76  ? -5.241  -13.225 -11.000 1.00 30.98 ? 110 ARG A N   1 
ATOM   443  C CA  . ARG A 1 76  ? -6.519  -13.112 -11.723 1.00 31.87 ? 110 ARG A CA  1 
ATOM   444  C C   . ARG A 1 76  ? -7.584  -12.420 -10.849 1.00 35.05 ? 110 ARG A C   1 
ATOM   445  O O   . ARG A 1 76  ? -8.505  -11.791 -11.361 1.00 31.77 ? 110 ARG A O   1 
ATOM   446  C CB  . ARG A 1 76  ? -6.927  -14.497 -12.225 1.00 32.58 ? 110 ARG A CB  1 
ATOM   447  C CG  . ARG A 1 76  ? -7.240  -15.462 -11.099 1.00 32.16 ? 110 ARG A CG  1 
ATOM   448  C CD  . ARG A 1 76  ? -8.052  -16.637 -11.606 1.00 34.48 ? 110 ARG A CD  1 
ATOM   449  N NE  . ARG A 1 76  ? -8.267  -17.531 -10.488 1.00 36.52 ? 110 ARG A NE  1 
ATOM   450  C CZ  . ARG A 1 76  ? -8.544  -18.827 -10.571 1.00 36.84 ? 110 ARG A CZ  1 
ATOM   451  N NH1 . ARG A 1 76  ? -8.396  -19.472 -11.724 1.00 38.04 ? 110 ARG A NH1 1 
ATOM   452  N NH2 . ARG A 1 76  ? -8.962  -19.459 -9.483  1.00 32.94 ? 110 ARG A NH2 1 
ATOM   453  N N   . ASP A 1 77  ? -7.451  -12.519 -9.522  1.00 29.98 ? 111 ASP A N   1 
ATOM   454  C CA  . ASP A 1 77  ? -8.328  -11.793 -8.631  1.00 29.88 ? 111 ASP A CA  1 
ATOM   455  C C   . ASP A 1 77  ? -8.012  -10.292 -8.677  1.00 27.67 ? 111 ASP A C   1 
ATOM   456  O O   . ASP A 1 77  ? -8.963  -9.520  -8.655  1.00 25.34 ? 111 ASP A O   1 
ATOM   457  C CB  . ASP A 1 77  ? -8.309  -12.385 -7.226  1.00 33.54 ? 111 ASP A CB  1 
ATOM   458  C CG  . ASP A 1 77  ? -8.689  -13.847 -7.311  1.00 39.58 ? 111 ASP A CG  1 
ATOM   459  O OD1 . ASP A 1 77  ? -9.523  -14.168 -8.199  1.00 42.98 ? 111 ASP A OD1 1 
ATOM   460  O OD2 . ASP A 1 77  ? -8.079  -14.649 -6.594  1.00 39.69 ? 111 ASP A OD2 1 
ATOM   461  N N   . PHE A 1 78  ? -6.731  -9.941  -8.816  1.00 26.02 ? 112 PHE A N   1 
ATOM   462  C CA  . PHE A 1 78  ? -6.324  -8.537  -8.954  1.00 23.75 ? 112 PHE A CA  1 
ATOM   463  C C   . PHE A 1 78  ? -6.912  -7.951  -10.241 1.00 29.03 ? 112 PHE A C   1 
ATOM   464  O O   . PHE A 1 78  ? -7.438  -6.847  -10.242 1.00 26.70 ? 112 PHE A O   1 
ATOM   465  C CB  . PHE A 1 78  ? -4.812  -8.376  -8.885  1.00 23.64 ? 112 PHE A CB  1 
ATOM   466  C CG  . PHE A 1 78  ? -4.311  -8.134  -7.486  1.00 23.20 ? 112 PHE A CG  1 
ATOM   467  C CD1 . PHE A 1 78  ? -4.521  -6.911  -6.876  1.00 22.84 ? 112 PHE A CD1 1 
ATOM   468  C CD2 . PHE A 1 78  ? -3.720  -9.137  -6.763  1.00 23.50 ? 112 PHE A CD2 1 
ATOM   469  C CE1 . PHE A 1 78  ? -4.085  -6.698  -5.576  1.00 22.33 ? 112 PHE A CE1 1 
ATOM   470  C CE2 . PHE A 1 78  ? -3.297  -8.916  -5.462  1.00 23.51 ? 112 PHE A CE2 1 
ATOM   471  C CZ  . PHE A 1 78  ? -3.479  -7.694  -4.877  1.00 21.80 ? 112 PHE A CZ  1 
ATOM   472  N N   . ALA A 1 79  ? -6.759  -8.697  -11.343 1.00 31.10 ? 113 ALA A N   1 
ATOM   473  C CA  . ALA A 1 79  ? -7.226  -8.304  -12.667 1.00 35.39 ? 113 ALA A CA  1 
ATOM   474  C C   . ALA A 1 79  ? -8.717  -7.971  -12.605 1.00 36.81 ? 113 ALA A C   1 
ATOM   475  O O   . ALA A 1 79  ? -9.216  -6.993  -13.170 1.00 39.89 ? 113 ALA A O   1 
ATOM   476  C CB  . ALA A 1 79  ? -6.969  -9.448  -13.629 1.00 31.65 ? 113 ALA A CB  1 
ATOM   477  N N   . GLU A 1 80  ? -9.429  -8.822  -11.884 1.00 36.43 ? 114 GLU A N   1 
ATOM   478  C CA  . GLU A 1 80  ? -10.849 -8.764  -11.753 1.00 41.75 ? 114 GLU A CA  1 
ATOM   479  C C   . GLU A 1 80  ? -11.261 -7.598  -10.850 1.00 41.06 ? 114 GLU A C   1 
ATOM   480  O O   . GLU A 1 80  ? -12.283 -6.978  -11.058 1.00 38.37 ? 114 GLU A O   1 
ATOM   481  C CB  . GLU A 1 80  ? -11.297 -10.106 -11.180 1.00 40.59 ? 114 GLU A CB  1 
ATOM   482  C CG  . GLU A 1 80  ? -12.763 -10.156 -10.840 1.00 42.54 ? 114 GLU A CG  1 
ATOM   483  C CD  . GLU A 1 80  ? -13.681 -10.120 -12.053 1.00 51.17 ? 114 GLU A CD  1 
ATOM   484  O OE1 . GLU A 1 80  ? -13.182 -10.329 -13.180 1.00 50.10 ? 114 GLU A OE1 1 
ATOM   485  O OE2 . GLU A 1 80  ? -14.899 -9.892  -11.863 1.00 56.95 ? 114 GLU A OE2 1 
ATOM   486  N N   . MET A 1 81  ? -10.453 -7.313  -9.825  1.00 40.47 ? 115 MET A N   1 
ATOM   487  C CA  . MET A 1 81  ? -10.840 -6.326  -8.805  1.00 40.46 ? 115 MET A CA  1 
ATOM   488  C C   . MET A 1 81  ? -11.126 -4.956  -9.423  1.00 46.85 ? 115 MET A C   1 
ATOM   489  O O   . MET A 1 81  ? -11.995 -4.220  -8.961  1.00 49.55 ? 115 MET A O   1 
ATOM   490  C CB  . MET A 1 81  ? -9.724  -6.146  -7.775  1.00 42.70 ? 115 MET A CB  1 
ATOM   491  C CG  . MET A 1 81  ? -9.776  -4.807  -7.049  1.00 36.94 ? 115 MET A CG  1 
ATOM   492  S SD  . MET A 1 81  ? -8.643  -4.762  -5.617  1.00 42.17 ? 115 MET A SD  1 
ATOM   493  C CE  . MET A 1 81  ? -7.469  -5.989  -6.153  1.00 23.66 ? 115 MET A CE  1 
ATOM   494  N N   . SER A 1 82  ? -10.331 -4.602  -10.426 1.00 51.84 ? 116 SER A N   1 
ATOM   495  C CA  . SER A 1 82  ? -10.426 -3.335  -11.150 1.00 57.95 ? 116 SER A CA  1 
ATOM   496  C C   . SER A 1 82  ? -11.876 -2.825  -11.287 1.00 65.93 ? 116 SER A C   1 
ATOM   497  O O   . SER A 1 82  ? -12.146 -1.653  -10.999 1.00 63.71 ? 116 SER A O   1 
ATOM   498  C CB  . SER A 1 82  ? -9.762  -3.531  -12.470 1.00 58.49 ? 116 SER A CB  1 
ATOM   499  O OG  . SER A 1 82  ? -8.616  -4.354  -12.285 1.00 57.54 ? 116 SER A OG  1 
ATOM   500  N N   . SER A 1 83  ? -12.786 -3.720  -11.712 1.00 60.67 ? 117 SER A N   1 
ATOM   501  C CA  . SER A 1 83  ? -14.221 -3.464  -11.969 1.00 59.95 ? 117 SER A CA  1 
ATOM   502  C C   . SER A 1 83  ? -15.046 -3.339  -10.679 1.00 60.05 ? 117 SER A C   1 
ATOM   503  O O   . SER A 1 83  ? -16.074 -2.679  -10.661 1.00 58.04 ? 117 SER A O   1 
ATOM   504  C CB  . SER A 1 83  ? -14.774 -4.569  -12.822 1.00 59.55 ? 117 SER A CB  1 
ATOM   505  O OG  . SER A 1 83  ? -13.752 -5.097  -13.654 1.00 64.51 ? 117 SER A OG  1 
ATOM   506  N N   . GLN A 1 84  ? -14.616 -4.008  -9.612  1.00 61.54 ? 118 GLN A N   1 
ATOM   507  C CA  . GLN A 1 84  ? -15.370 -4.061  -8.348  1.00 57.76 ? 118 GLN A CA  1 
ATOM   508  C C   . GLN A 1 84  ? -15.487 -2.680  -7.674  1.00 52.15 ? 118 GLN A C   1 
ATOM   509  O O   . GLN A 1 84  ? -16.529 -2.383  -7.085  1.00 51.80 ? 118 GLN A O   1 
ATOM   510  C CB  . GLN A 1 84  ? -14.727 -5.085  -7.409  1.00 57.19 ? 118 GLN A CB  1 
ATOM   511  C CG  . GLN A 1 84  ? -14.906 -6.517  -7.896  1.00 56.07 ? 118 GLN A CG  1 
ATOM   512  C CD  . GLN A 1 84  ? -14.549 -7.513  -6.826  1.00 54.31 ? 118 GLN A CD  1 
ATOM   513  O OE1 . GLN A 1 84  ? -15.104 -7.497  -5.725  1.00 61.40 ? 118 GLN A OE1 1 
ATOM   514  N NE2 . GLN A 1 84  ? -13.624 -8.401  -7.149  1.00 57.37 ? 118 GLN A NE2 1 
ATOM   515  N N   . LEU A 1 85  ? -14.463 -1.815  -7.764  1.00 46.16 ? 119 LEU A N   1 
ATOM   516  C CA  . LEU A 1 85  ? -14.438 -0.607  -6.880  1.00 42.49 ? 119 LEU A CA  1 
ATOM   517  C C   . LEU A 1 85  ? -15.178 0.613   -7.472  1.00 38.77 ? 119 LEU A C   1 
ATOM   518  O O   . LEU A 1 85  ? -15.681 1.434   -6.703  1.00 46.94 ? 119 LEU A O   1 
ATOM   519  C CB  . LEU A 1 85  ? -12.986 -0.274  -6.534  1.00 41.50 ? 119 LEU A CB  1 
ATOM   520  C CG  . LEU A 1 85  ? -12.327 -1.211  -5.514  1.00 40.70 ? 119 LEU A CG  1 
ATOM   521  C CD1 . LEU A 1 85  ? -10.808 -1.034  -5.518  1.00 40.70 ? 119 LEU A CD1 1 
ATOM   522  C CD2 . LEU A 1 85  ? -12.896 -1.003  -4.110  1.00 40.96 ? 119 LEU A CD2 1 
ATOM   523  N N   . HIS A 1 86  ? -15.266 0.751   -8.803  1.00 41.03 ? 120 HIS A N   1 
ATOM   524  C CA  . HIS A 1 86  ? -15.829 1.989   -9.480  1.00 39.69 ? 120 HIS A CA  1 
ATOM   525  C C   . HIS A 1 86  ? -15.514 3.269   -8.694  1.00 32.69 ? 120 HIS A C   1 
ATOM   526  O O   . HIS A 1 86  ? -16.397 3.968   -8.270  1.00 41.09 ? 120 HIS A O   1 
ATOM   527  C CB  . HIS A 1 86  ? -17.358 1.948   -9.714  1.00 47.57 ? 120 HIS A CB  1 
ATOM   528  C CG  . HIS A 1 86  ? -18.076 0.726   -9.270  1.00 50.28 ? 120 HIS A CG  1 
ATOM   529  N ND1 . HIS A 1 86  ? -17.949 -0.471  -9.937  1.00 55.20 ? 120 HIS A ND1 1 
ATOM   530  C CD2 . HIS A 1 86  ? -18.970 0.528   -8.275  1.00 53.99 ? 120 HIS A CD2 1 
ATOM   531  C CE1 . HIS A 1 86  ? -18.692 -1.380  -9.338  1.00 59.62 ? 120 HIS A CE1 1 
ATOM   532  N NE2 . HIS A 1 86  ? -19.332 -0.792  -8.313  1.00 58.35 ? 120 HIS A NE2 1 
ATOM   533  N N   . LEU A 1 87  ? -14.234 3.564   -8.490  1.00 31.72 ? 121 LEU A N   1 
ATOM   534  C CA  . LEU A 1 87  ? -13.853 4.694   -7.697  1.00 27.17 ? 121 LEU A CA  1 
ATOM   535  C C   . LEU A 1 87  ? -14.401 6.013   -8.266  1.00 24.59 ? 121 LEU A C   1 
ATOM   536  O O   . LEU A 1 87  ? -14.455 6.217   -9.484  1.00 24.59 ? 121 LEU A O   1 
ATOM   537  C CB  . LEU A 1 87  ? -12.315 4.778   -7.658  1.00 30.13 ? 121 LEU A CB  1 
ATOM   538  C CG  . LEU A 1 87  ? -11.580 3.644   -6.939  1.00 34.23 ? 121 LEU A CG  1 
ATOM   539  C CD1 . LEU A 1 87  ? -10.076 3.882   -6.946  1.00 35.62 ? 121 LEU A CD1 1 
ATOM   540  C CD2 . LEU A 1 87  ? -12.084 3.477   -5.508  1.00 35.68 ? 121 LEU A CD2 1 
ATOM   541  N N   . THR A 1 88  ? -14.793 6.912   -7.376  1.00 22.20 ? 122 THR A N   1 
ATOM   542  C CA  . THR A 1 88  ? -14.998 8.322   -7.665  1.00 21.04 ? 122 THR A CA  1 
ATOM   543  C C   . THR A 1 88  ? -14.350 9.128   -6.554  1.00 21.68 ? 122 THR A C   1 
ATOM   544  O O   . THR A 1 88  ? -14.109 8.603   -5.456  1.00 20.13 ? 122 THR A O   1 
ATOM   545  C CB  . THR A 1 88  ? -16.472 8.717   -7.802  1.00 24.49 ? 122 THR A CB  1 
ATOM   546  O OG1 . THR A 1 88  ? -17.001 8.748   -6.464  1.00 23.44 ? 122 THR A OG1 1 
ATOM   547  C CG2 . THR A 1 88  ? -17.269 7.798   -8.693  1.00 27.13 ? 122 THR A CG2 1 
ATOM   548  N N   . PRO A 1 89  ? -14.028 10.422  -6.724  1.00 19.49 ? 123 PRO A N   1 
ATOM   549  C CA  . PRO A 1 89  ? -13.434 11.214  -5.663  1.00 21.25 ? 123 PRO A CA  1 
ATOM   550  C C   . PRO A 1 89  ? -14.272 11.198  -4.374  1.00 20.40 ? 123 PRO A C   1 
ATOM   551  O O   . PRO A 1 89  ? -13.707 11.192  -3.284  1.00 22.26 ? 123 PRO A O   1 
ATOM   552  C CB  . PRO A 1 89  ? -13.414 12.639  -6.244  1.00 21.72 ? 123 PRO A CB  1 
ATOM   553  C CG  . PRO A 1 89  ? -13.243 12.368  -7.701  1.00 22.94 ? 123 PRO A CG  1 
ATOM   554  C CD  . PRO A 1 89  ? -14.057 11.150  -8.028  1.00 22.18 ? 123 PRO A CD  1 
ATOM   555  N N   . PHE A 1 90  ? -15.606 11.246  -4.513  1.00 22.20 ? 124 PHE A N   1 
ATOM   556  C CA  . PHE A 1 90  ? -16.425 11.406  -3.345  1.00 22.17 ? 124 PHE A CA  1 
ATOM   557  C C   . PHE A 1 90  ? -16.591 10.068  -2.619  1.00 20.79 ? 124 PHE A C   1 
ATOM   558  O O   . PHE A 1 90  ? -16.858 10.106  -1.420  1.00 21.48 ? 124 PHE A O   1 
ATOM   559  C CB  . PHE A 1 90  ? -17.783 12.019  -3.706  1.00 25.28 ? 124 PHE A CB  1 
ATOM   560  C CG  . PHE A 1 90  ? -18.386 12.850  -2.602  1.00 29.63 ? 124 PHE A CG  1 
ATOM   561  C CD1 . PHE A 1 90  ? -17.902 14.120  -2.315  1.00 34.91 ? 124 PHE A CD1 1 
ATOM   562  C CD2 . PHE A 1 90  ? -19.438 12.359  -1.833  1.00 31.69 ? 124 PHE A CD2 1 
ATOM   563  C CE1 . PHE A 1 90  ? -18.472 14.888  -1.305  1.00 40.15 ? 124 PHE A CE1 1 
ATOM   564  C CE2 . PHE A 1 90  ? -19.985 13.122  -0.811  1.00 31.43 ? 124 PHE A CE2 1 
ATOM   565  C CZ  . PHE A 1 90  ? -19.499 14.378  -0.545  1.00 36.00 ? 124 PHE A CZ  1 
ATOM   566  N N   . THR A 1 91  ? -16.449 8.939   -3.304  1.00 17.66 ? 125 THR A N   1 
ATOM   567  C CA  . THR A 1 91  ? -16.627 7.595   -2.667  1.00 18.62 ? 125 THR A CA  1 
ATOM   568  C C   . THR A 1 91  ? -15.301 6.939   -2.261  1.00 17.91 ? 125 THR A C   1 
ATOM   569  O O   . THR A 1 91  ? -15.337 5.877   -1.660  1.00 17.52 ? 125 THR A O   1 
ATOM   570  C CB  . THR A 1 91  ? -17.429 6.652   -3.553  1.00 18.97 ? 125 THR A CB  1 
ATOM   571  O OG1 . THR A 1 91  ? -16.704 6.484   -4.785  1.00 19.73 ? 125 THR A OG1 1 
ATOM   572  C CG2 . THR A 1 91  ? -18.826 7.188   -3.824  1.00 20.91 ? 125 THR A CG2 1 
ATOM   573  N N   . ALA A 1 92  ? -14.176 7.474   -2.727  1.00 17.48 ? 126 ALA A N   1 
ATOM   574  C CA  . ALA A 1 92  ? -12.888 6.744   -2.620  1.00 18.12 ? 126 ALA A CA  1 
ATOM   575  C C   . ALA A 1 92  ? -12.543 6.437   -1.180  1.00 16.63 ? 126 ALA A C   1 
ATOM   576  O O   . ALA A 1 92  ? -11.994 5.333   -0.907  1.00 16.79 ? 126 ALA A O   1 
ATOM   577  C CB  . ALA A 1 92  ? -11.781 7.571   -3.215  1.00 17.86 ? 126 ALA A CB  1 
ATOM   578  N N   . ARG A 1 93  ? -12.761 7.361   -0.254  1.00 17.13 ? 127 ARG A N   1 
ATOM   579  C CA  . ARG A 1 93  ? -12.328 7.087   1.114   1.00 17.10 ? 127 ARG A CA  1 
ATOM   580  C C   . ARG A 1 93  ? -13.151 5.965   1.713   1.00 16.57 ? 127 ARG A C   1 
ATOM   581  O O   . ARG A 1 93  ? -12.627 5.098   2.422   1.00 16.16 ? 127 ARG A O   1 
ATOM   582  C CB  . ARG A 1 93  ? -12.315 8.333   1.977   1.00 17.80 ? 127 ARG A CB  1 
ATOM   583  C CG  . ARG A 1 93  ? -11.582 8.142   3.281   1.00 18.45 ? 127 ARG A CG  1 
ATOM   584  C CD  . ARG A 1 93  ? -11.383 9.445   4.006   1.00 21.13 ? 127 ARG A CD  1 
ATOM   585  N NE  . ARG A 1 93  ? -10.578 9.258   5.176   1.00 21.36 ? 127 ARG A NE  1 
ATOM   586  C CZ  . ARG A 1 93  ? -10.120 10.222  5.940   1.00 26.22 ? 127 ARG A CZ  1 
ATOM   587  N NH1 . ARG A 1 93  ? -10.502 11.470  5.724   1.00 28.99 ? 127 ARG A NH1 1 
ATOM   588  N NH2 . ARG A 1 93  ? -9.323  9.915   6.950   1.00 29.58 ? 127 ARG A NH2 1 
ATOM   589  N N   . GLY A 1 94  ? -14.452 6.002   1.492   1.00 16.65 ? 128 GLY A N   1 
ATOM   590  C CA  . GLY A 1 94  ? -15.282 4.947   1.995   1.00 16.98 ? 128 GLY A CA  1 
ATOM   591  C C   . GLY A 1 94  ? -14.909 3.607   1.402   1.00 16.97 ? 128 GLY A C   1 
ATOM   592  O O   . GLY A 1 94  ? -14.929 2.599   2.110   1.00 17.90 ? 128 GLY A O   1 
ATOM   593  N N   . ARG A 1 95  ? -14.591 3.538   0.096   1.00 16.95 ? 129 ARG A N   1 
ATOM   594  C CA  . ARG A 1 95  ? -14.209 2.297   -0.513  1.00 18.39 ? 129 ARG A CA  1 
ATOM   595  C C   . ARG A 1 95  ? -12.904 1.771   0.120   1.00 16.44 ? 129 ARG A C   1 
ATOM   596  O O   . ARG A 1 95  ? -12.772 0.563   0.414   1.00 17.56 ? 129 ARG A O   1 
ATOM   597  C CB  . ARG A 1 95  ? -13.950 2.433   -2.015  1.00 22.81 ? 129 ARG A CB  1 
ATOM   598  C CG  . ARG A 1 95  ? -15.166 2.855   -2.821  1.00 31.05 ? 129 ARG A CG  1 
ATOM   599  C CD  . ARG A 1 95  ? -15.888 1.666   -3.409  1.00 32.46 ? 129 ARG A CD  1 
ATOM   600  N NE  . ARG A 1 95  ? -17.013 2.173   -4.192  1.00 39.28 ? 129 ARG A NE  1 
ATOM   601  C CZ  . ARG A 1 95  ? -18.249 2.342   -3.726  1.00 36.33 ? 129 ARG A CZ  1 
ATOM   602  N NH1 . ARG A 1 95  ? -19.163 2.943   -4.474  1.00 40.07 ? 129 ARG A NH1 1 
ATOM   603  N NH2 . ARG A 1 95  ? -18.587 1.837   -2.553  1.00 37.74 ? 129 ARG A NH2 1 
ATOM   604  N N   . PHE A 1 96  ? -11.956 2.676   0.291   1.00 14.34 ? 130 PHE A N   1 
ATOM   605  C CA  . PHE A 1 96  ? -10.653 2.319   0.878   1.00 13.63 ? 130 PHE A CA  1 
ATOM   606  C C   . PHE A 1 96  ? -10.828 1.781   2.292   1.00 13.73 ? 130 PHE A C   1 
ATOM   607  O O   . PHE A 1 96  ? -10.345 0.692   2.655   1.00 13.51 ? 130 PHE A O   1 
ATOM   608  C CB  . PHE A 1 96  ? -9.742  3.538   0.898   1.00 14.51 ? 130 PHE A CB  1 
ATOM   609  C CG  . PHE A 1 96  ? -8.429  3.377   1.663   1.00 15.15 ? 130 PHE A CG  1 
ATOM   610  C CD1 . PHE A 1 96  ? -7.305  2.895   1.026   1.00 17.59 ? 130 PHE A CD1 1 
ATOM   611  C CD2 . PHE A 1 96  ? -8.304  3.746   2.976   1.00 16.15 ? 130 PHE A CD2 1 
ATOM   612  C CE1 . PHE A 1 96  ? -6.099  2.722   1.705   1.00 15.86 ? 130 PHE A CE1 1 
ATOM   613  C CE2 . PHE A 1 96  ? -7.126  3.565   3.675   1.00 15.83 ? 130 PHE A CE2 1 
ATOM   614  C CZ  . PHE A 1 96  ? -6.015  3.080   3.021   1.00 15.76 ? 130 PHE A CZ  1 
ATOM   615  N N   . ALA A 1 97  ? -11.530 2.561   3.135   1.00 12.46 ? 131 ALA A N   1 
ATOM   616  C CA  . ALA A 1 97  ? -11.623 2.261   4.546   1.00 13.88 ? 131 ALA A CA  1 
ATOM   617  C C   . ALA A 1 97  ? -12.372 0.945   4.753   1.00 14.40 ? 131 ALA A C   1 
ATOM   618  O O   . ALA A 1 97  ? -12.100 0.160   5.641   1.00 14.88 ? 131 ALA A O   1 
ATOM   619  C CB  . ALA A 1 97  ? -12.289 3.393   5.303   1.00 15.99 ? 131 ALA A CB  1 
ATOM   620  N N   . THR A 1 98  ? -13.381 0.682   3.955   1.00 14.45 ? 132 THR A N   1 
ATOM   621  C CA  . THR A 1 98  ? -14.189 -0.535  4.061   1.00 14.65 ? 132 THR A CA  1 
ATOM   622  C C   . THR A 1 98  ? -13.278 -1.748  3.903   1.00 14.28 ? 132 THR A C   1 
ATOM   623  O O   . THR A 1 98  ? -13.379 -2.724  4.661   1.00 15.28 ? 132 THR A O   1 
ATOM   624  C CB  . THR A 1 98  ? -15.305 -0.585  3.010   1.00 16.32 ? 132 THR A CB  1 
ATOM   625  O OG1 . THR A 1 98  ? -16.192 0.496   3.325   1.00 18.73 ? 132 THR A OG1 1 
ATOM   626  C CG2 . THR A 1 98  ? -16.028 -1.914  2.973   1.00 18.38 ? 132 THR A CG2 1 
ATOM   627  N N   . VAL A 1 99  ? -12.405 -1.702  2.901   1.00 13.99 ? 133 VAL A N   1 
ATOM   628  C CA  . VAL A 1 99  ? -11.503 -2.846  2.649   1.00 13.92 ? 133 VAL A CA  1 
ATOM   629  C C   . VAL A 1 99  ? -10.455 -2.965  3.759   1.00 13.43 ? 133 VAL A C   1 
ATOM   630  O O   . VAL A 1 99  ? -10.209 -4.047  4.273   1.00 14.45 ? 133 VAL A O   1 
ATOM   631  C CB  . VAL A 1 99  ? -10.832 -2.703  1.294   1.00 14.32 ? 133 VAL A CB  1 
ATOM   632  C CG1 . VAL A 1 99  ? -9.688  -3.695  1.100   1.00 15.45 ? 133 VAL A CG1 1 
ATOM   633  C CG2 . VAL A 1 99  ? -11.869 -2.820  0.173   1.00 14.62 ? 133 VAL A CG2 1 
ATOM   634  N N   . VAL A 1 100 ? -9.879  -1.853  4.180   1.00 11.84 ? 134 VAL A N   1 
ATOM   635  C CA  . VAL A 1 100 ? -8.887  -1.891  5.233   1.00 11.92 ? 134 VAL A CA  1 
ATOM   636  C C   . VAL A 1 100 ? -9.513  -2.490  6.480   1.00 13.41 ? 134 VAL A C   1 
ATOM   637  O O   . VAL A 1 100 ? -8.891  -3.299  7.200   1.00 13.41 ? 134 VAL A O   1 
ATOM   638  C CB  . VAL A 1 100 ? -8.255  -0.526  5.492   1.00 12.85 ? 134 VAL A CB  1 
ATOM   639  C CG1 . VAL A 1 100 ? -7.330  -0.553  6.703   1.00 13.07 ? 134 VAL A CG1 1 
ATOM   640  C CG2 . VAL A 1 100 ? -7.505  -0.072  4.235   1.00 15.00 ? 134 VAL A CG2 1 
ATOM   641  N N   . GLU A 1 101 ? -10.711 -2.034  6.875   1.00 12.68 ? 135 GLU A N   1 
ATOM   642  C CA  . GLU A 1 101 ? -11.394 -2.575  8.035   1.00 13.86 ? 135 GLU A CA  1 
ATOM   643  C C   . GLU A 1 101 ? -11.605 -4.078  7.891   1.00 12.96 ? 135 GLU A C   1 
ATOM   644  O O   . GLU A 1 101 ? -11.356 -4.795  8.864   1.00 14.46 ? 135 GLU A O   1 
ATOM   645  C CB  . GLU A 1 101 ? -12.736 -1.845  8.249   1.00 14.48 ? 135 GLU A CB  1 
ATOM   646  C CG  . GLU A 1 101 ? -13.454 -2.258  9.513   1.00 14.95 ? 135 GLU A CG  1 
ATOM   647  C CD  . GLU A 1 101 ? -14.764 -1.517  9.691   1.00 18.48 ? 135 GLU A CD  1 
ATOM   648  O OE1 . GLU A 1 101 ? -14.777 -0.295  9.483   1.00 17.98 ? 135 GLU A OE1 1 
ATOM   649  O OE2 . GLU A 1 101 ? -15.759 -2.180  10.009  1.00 22.14 ? 135 GLU A OE2 1 
ATOM   650  N N   . GLU A 1 102 ? -11.991 -4.558  6.714   1.00 13.39 ? 136 GLU A N   1 
ATOM   651  C CA  . GLU A 1 102 ? -12.151 -5.992  6.520   1.00 15.19 ? 136 GLU A CA  1 
ATOM   652  C C   . GLU A 1 102 ? -10.824 -6.712  6.720   1.00 14.86 ? 136 GLU A C   1 
ATOM   653  O O   . GLU A 1 102 ? -10.818 -7.823  7.284   1.00 15.59 ? 136 GLU A O   1 
ATOM   654  C CB  . GLU A 1 102 ? -12.655 -6.274  5.119   1.00 16.25 ? 136 GLU A CB  1 
ATOM   655  C CG  . GLU A 1 102 ? -14.103 -5.900  4.894   1.00 20.55 ? 136 GLU A CG  1 
ATOM   656  C CD  . GLU A 1 102 ? -14.576 -5.929  3.445   1.00 25.97 ? 136 GLU A CD  1 
ATOM   657  O OE1 . GLU A 1 102 ? -13.744 -5.894  2.519   1.00 26.13 ? 136 GLU A OE1 1 
ATOM   658  O OE2 . GLU A 1 102 ? -15.804 -5.860  3.242   1.00 30.92 ? 136 GLU A OE2 1 
ATOM   659  N N   . LEU A 1 103 ? -9.744  -6.140  6.197   1.00 14.01 ? 137 LEU A N   1 
ATOM   660  C CA  . LEU A 1 103 ? -8.430  -6.837  6.244   1.00 13.66 ? 137 LEU A CA  1 
ATOM   661  C C   . LEU A 1 103 ? -8.045  -7.065  7.674   1.00 14.00 ? 137 LEU A C   1 
ATOM   662  O O   . LEU A 1 103 ? -7.395  -8.122  7.925   1.00 15.78 ? 137 LEU A O   1 
ATOM   663  C CB  . LEU A 1 103 ? -7.334  -6.005  5.586   1.00 14.86 ? 137 LEU A CB  1 
ATOM   664  C CG  . LEU A 1 103 ? -7.364  -5.998  4.062   1.00 15.53 ? 137 LEU A CG  1 
ATOM   665  C CD1 . LEU A 1 103 ? -6.311  -5.048  3.513   1.00 16.87 ? 137 LEU A CD1 1 
ATOM   666  C CD2 . LEU A 1 103 ? -7.086  -7.389  3.487   1.00 16.78 ? 137 LEU A CD2 1 
ATOM   667  N N   . PHE A 1 104 ? -8.316  -6.156  8.594   1.00 12.69 ? 138 PHE A N   1 
ATOM   668  C CA  . PHE A 1 104 ? -7.810  -6.236  9.980   1.00 13.25 ? 138 PHE A CA  1 
ATOM   669  C C   . PHE A 1 104 ? -8.860  -6.560  11.049  1.00 14.48 ? 138 PHE A C   1 
ATOM   670  O O   . PHE A 1 104 ? -8.548  -6.488  12.262  1.00 15.80 ? 138 PHE A O   1 
ATOM   671  C CB  . PHE A 1 104 ? -7.035  -4.954  10.321  1.00 13.19 ? 138 PHE A CB  1 
ATOM   672  C CG  . PHE A 1 104 ? -5.825  -4.774  9.445   1.00 13.27 ? 138 PHE A CG  1 
ATOM   673  C CD1 . PHE A 1 104 ? -4.736  -5.629  9.567   1.00 13.40 ? 138 PHE A CD1 1 
ATOM   674  C CD2 . PHE A 1 104 ? -5.774  -3.822  8.435   1.00 12.84 ? 138 PHE A CD2 1 
ATOM   675  C CE1 . PHE A 1 104 ? -3.644  -5.538  8.723   1.00 12.98 ? 138 PHE A CE1 1 
ATOM   676  C CE2 . PHE A 1 104 ? -4.658  -3.705  7.628   1.00 12.49 ? 138 PHE A CE2 1 
ATOM   677  C CZ  . PHE A 1 104 ? -3.594  -4.583  7.737   1.00 12.53 ? 138 PHE A CZ  1 
ATOM   678  N N   . ARG A 1 105 ? -10.061 -6.930  10.608  1.00 16.93 ? 139 ARG A N   1 
ATOM   679  C CA  . ARG A 1 105 ? -11.147 -7.151  11.539  1.00 18.75 ? 139 ARG A CA  1 
ATOM   680  C C   . ARG A 1 105 ? -10.813 -8.264  12.549  1.00 19.58 ? 139 ARG A C   1 
ATOM   681  O O   . ARG A 1 105 ? -11.228 -8.180  13.694  1.00 21.65 ? 139 ARG A O   1 
ATOM   682  C CB  . ARG A 1 105 ? -12.428 -7.502  10.787  1.00 21.35 ? 139 ARG A CB  1 
ATOM   683  C CG  . ARG A 1 105 ? -13.599 -7.761  11.731  1.00 25.71 ? 139 ARG A CG  1 
ATOM   684  C CD  . ARG A 1 105 ? -14.908 -8.181  11.109  1.00 33.15 ? 139 ARG A CD  1 
ATOM   685  N NE  . ARG A 1 105 ? -15.895 -8.258  12.195  1.00 42.80 ? 139 ARG A NE  1 
ATOM   686  C CZ  . ARG A 1 105 ? -15.679 -8.841  13.385  1.00 52.38 ? 139 ARG A CZ  1 
ATOM   687  N NH1 . ARG A 1 105 ? -16.468 -8.581  14.418  1.00 55.02 ? 139 ARG A NH1 1 
ATOM   688  N NH2 . ARG A 1 105 ? -14.664 -9.676  13.544  1.00 51.99 ? 139 ARG A NH2 1 
ATOM   689  N N   . ASP A 1 106 ? -10.055 -9.232  12.077  1.00 19.34 ? 140 ASP A N   1 
ATOM   690  C CA  . ASP A 1 106 ? -9.721  -10.436 12.863  1.00 20.79 ? 140 ASP A CA  1 
ATOM   691  C C   . ASP A 1 106 ? -8.292  -10.321 13.394  1.00 20.41 ? 140 ASP A C   1 
ATOM   692  O O   . ASP A 1 106 ? -7.767  -11.318 13.867  1.00 23.16 ? 140 ASP A O   1 
ATOM   693  C CB  . ASP A 1 106 ? -9.963  -11.690 12.029  1.00 22.23 ? 140 ASP A CB  1 
ATOM   694  C CG  . ASP A 1 106 ? -11.443 -11.854 11.727  1.00 28.37 ? 140 ASP A CG  1 
ATOM   695  O OD1 . ASP A 1 106 ? -12.259 -11.492 12.604  1.00 30.27 ? 140 ASP A OD1 1 
ATOM   696  O OD2 . ASP A 1 106 ? -11.761 -12.306 10.618  1.00 39.18 ? 140 ASP A OD2 1 
ATOM   697  N N   . GLY A 1 107 ? -7.691  -9.119  13.403  1.00 18.36 ? 141 GLY A N   1 
ATOM   698  C CA  . GLY A 1 107 ? -6.348  -8.902  13.955  1.00 16.74 ? 141 GLY A CA  1 
ATOM   699  C C   . GLY A 1 107 ? -5.325  -8.631  12.861  1.00 15.64 ? 141 GLY A C   1 
ATOM   700  O O   . GLY A 1 107 ? -5.629  -8.608  11.661  1.00 16.45 ? 141 GLY A O   1 
ATOM   701  N N   . VAL A 1 108 ? -4.082  -8.469  13.312  1.00 16.29 ? 142 VAL A N   1 
ATOM   702  C CA  . VAL A 1 108 ? -2.993  -8.057  12.426  1.00 15.75 ? 142 VAL A CA  1 
ATOM   703  C C   . VAL A 1 108 ? -2.028  -9.227  12.244  1.00 16.61 ? 142 VAL A C   1 
ATOM   704  O O   . VAL A 1 108 ? -1.726  -9.930  13.201  1.00 17.52 ? 142 VAL A O   1 
ATOM   705  C CB  . VAL A 1 108 ? -2.287  -6.817  12.974  1.00 16.62 ? 142 VAL A CB  1 
ATOM   706  C CG1 . VAL A 1 108 ? -1.213  -6.353  12.028  1.00 16.19 ? 142 VAL A CG1 1 
ATOM   707  C CG2 . VAL A 1 108 ? -3.246  -5.697  13.318  1.00 16.54 ? 142 VAL A CG2 1 
ATOM   708  N N   . ASN A 1 109 ? -1.505  -9.399  11.047  1.00 14.83 ? 143 ASN A N   1 
ATOM   709  C CA  . ASN A 1 109 ? -0.322  -10.207 10.827  1.00 15.80 ? 143 ASN A CA  1 
ATOM   710  C C   . ASN A 1 109 ? 0.366   -9.687  9.589   1.00 15.01 ? 143 ASN A C   1 
ATOM   711  O O   . ASN A 1 109 ? -0.205  -8.834  8.864   1.00 14.89 ? 143 ASN A O   1 
ATOM   712  C CB  . ASN A 1 109 ? -0.687  -11.691 10.636  1.00 16.09 ? 143 ASN A CB  1 
ATOM   713  C CG  . ASN A 1 109 ? -1.713  -11.950 9.564   1.00 17.95 ? 143 ASN A CG  1 
ATOM   714  O OD1 . ASN A 1 109 ? -1.473  -11.657 8.379   1.00 18.91 ? 143 ASN A OD1 1 
ATOM   715  N ND2 . ASN A 1 109 ? -2.855  -12.524 9.931   1.00 20.41 ? 143 ASN A ND2 1 
ATOM   716  N N   . TRP A 1 110 ? 1.599   -10.082 9.326   1.00 14.45 ? 144 TRP A N   1 
ATOM   717  C CA  . TRP A 1 110 ? 2.360   -9.544  8.208   1.00 14.19 ? 144 TRP A CA  1 
ATOM   718  C C   . TRP A 1 110 ? 1.690   -9.752  6.855   1.00 12.99 ? 144 TRP A C   1 
ATOM   719  O O   . TRP A 1 110 ? 1.753   -8.857  5.986   1.00 13.71 ? 144 TRP A O   1 
ATOM   720  C CB  . TRP A 1 110 ? 3.817   -10.057 8.198   1.00 14.26 ? 144 TRP A CB  1 
ATOM   721  C CG  . TRP A 1 110 ? 4.657   -9.552  9.325   1.00 14.69 ? 144 TRP A CG  1 
ATOM   722  C CD1 . TRP A 1 110 ? 5.255   -10.311 10.299  1.00 18.63 ? 144 TRP A CD1 1 
ATOM   723  C CD2 . TRP A 1 110 ? 5.074   -8.211  9.559   1.00 15.47 ? 144 TRP A CD2 1 
ATOM   724  N NE1 . TRP A 1 110 ? 5.964   -9.495  11.110  1.00 18.95 ? 144 TRP A NE1 1 
ATOM   725  C CE2 . TRP A 1 110 ? 5.899   -8.212  10.708  1.00 16.86 ? 144 TRP A CE2 1 
ATOM   726  C CE3 . TRP A 1 110 ? 4.831   -6.991  8.946   1.00 15.08 ? 144 TRP A CE3 1 
ATOM   727  C CZ2 . TRP A 1 110 ? 6.443   -7.040  11.215  1.00 19.02 ? 144 TRP A CZ2 1 
ATOM   728  C CZ3 . TRP A 1 110 ? 5.386   -5.830  9.441   1.00 15.64 ? 144 TRP A CZ3 1 
ATOM   729  C CH2 . TRP A 1 110 ? 6.189   -5.868  10.578  1.00 18.02 ? 144 TRP A CH2 1 
ATOM   730  N N   . GLY A 1 111 ? 1.043   -10.896 6.647   1.00 13.44 ? 145 GLY A N   1 
ATOM   731  C CA  . GLY A 1 111 ? 0.329   -11.138 5.412   1.00 13.99 ? 145 GLY A CA  1 
ATOM   732  C C   . GLY A 1 111 ? -0.725  -10.089 5.122   1.00 12.60 ? 145 GLY A C   1 
ATOM   733  O O   . GLY A 1 111 ? -0.841  -9.649  3.954   1.00 15.07 ? 145 GLY A O   1 
ATOM   734  N N   . ARG A 1 112 ? -1.490  -9.773  6.135   1.00 13.44 ? 146 ARG A N   1 
ATOM   735  C CA  . ARG A 1 112 ? -2.529  -8.740  5.960   1.00 13.25 ? 146 ARG A CA  1 
ATOM   736  C C   . ARG A 1 112 ? -1.908  -7.350  5.773   1.00 13.57 ? 146 ARG A C   1 
ATOM   737  O O   . ARG A 1 112 ? -2.450  -6.575  4.998   1.00 12.49 ? 146 ARG A O   1 
ATOM   738  C CB  . ARG A 1 112 ? -3.506  -8.780  7.115   1.00 14.34 ? 146 ARG A CB  1 
ATOM   739  C CG  . ARG A 1 112 ? -4.353  -10.048 7.154   1.00 15.93 ? 146 ARG A CG  1 
ATOM   740  C CD  . ARG A 1 112 ? -5.355  -10.108 6.037   1.00 16.89 ? 146 ARG A CD  1 
ATOM   741  N NE  . ARG A 1 112 ? -6.092  -11.384 5.931   1.00 18.46 ? 146 ARG A NE  1 
ATOM   742  C CZ  . ARG A 1 112 ? -7.291  -11.622 6.410   1.00 19.61 ? 146 ARG A CZ  1 
ATOM   743  N NH1 . ARG A 1 112 ? -7.999  -10.685 7.011   1.00 20.14 ? 146 ARG A NH1 1 
ATOM   744  N NH2 . ARG A 1 112 ? -7.797  -12.846 6.240   1.00 21.41 ? 146 ARG A NH2 1 
ATOM   745  N N   . ILE A 1 113 ? -0.746  -7.065  6.361   1.00 12.32 ? 147 ILE A N   1 
ATOM   746  C CA  . ILE A 1 113 ? -0.066  -5.833  6.114   1.00 11.75 ? 147 ILE A CA  1 
ATOM   747  C C   . ILE A 1 113 ? 0.395   -5.753  4.646   1.00 11.70 ? 147 ILE A C   1 
ATOM   748  O O   . ILE A 1 113 ? 0.244   -4.713  3.989   1.00 11.85 ? 147 ILE A O   1 
ATOM   749  C CB  . ILE A 1 113 ? 1.068   -5.592  7.108   1.00 13.06 ? 147 ILE A CB  1 
ATOM   750  C CG1 . ILE A 1 113 ? 0.456   -5.391  8.500   1.00 13.07 ? 147 ILE A CG1 1 
ATOM   751  C CG2 . ILE A 1 113 ? 1.914   -4.408  6.724   1.00 14.01 ? 147 ILE A CG2 1 
ATOM   752  C CD1 . ILE A 1 113 ? 1.487   -5.298  9.623   1.00 15.97 ? 147 ILE A CD1 1 
ATOM   753  N N   . VAL A 1 114 ? 0.950   -6.834  4.098   1.00 11.81 ? 148 VAL A N   1 
ATOM   754  C CA  . VAL A 1 114 ? 1.301   -6.840  2.689   1.00 12.15 ? 148 VAL A CA  1 
ATOM   755  C C   . VAL A 1 114 ? 0.070   -6.618  1.821   1.00 12.05 ? 148 VAL A C   1 
ATOM   756  O O   . VAL A 1 114 ? 0.111   -5.845  0.883   1.00 11.67 ? 148 VAL A O   1 
ATOM   757  C CB  . VAL A 1 114 ? 2.034   -8.154  2.332   1.00 13.06 ? 148 VAL A CB  1 
ATOM   758  C CG1 . VAL A 1 114 ? 2.222   -8.273  0.828   1.00 14.02 ? 148 VAL A CG1 1 
ATOM   759  C CG2 . VAL A 1 114 ? 3.342   -8.274  3.079   1.00 14.00 ? 148 VAL A CG2 1 
ATOM   760  N N   . ALA A 1 115 ? -1.031  -7.269  2.166   1.00 12.37 ? 149 ALA A N   1 
ATOM   761  C CA  . ALA A 1 115 ? -2.284  -7.108  1.405   1.00 12.25 ? 149 ALA A CA  1 
ATOM   762  C C   . ALA A 1 115 ? -2.713  -5.637  1.450   1.00 12.19 ? 149 ALA A C   1 
ATOM   763  O O   . ALA A 1 115 ? -3.262  -5.096  0.459   1.00 12.11 ? 149 ALA A O   1 
ATOM   764  C CB  . ALA A 1 115 ? -3.372  -8.004  1.907   1.00 12.24 ? 149 ALA A CB  1 
ATOM   765  N N   . PHE A 1 116 ? -2.559  -5.010  2.607   1.00 11.90 ? 150 PHE A N   1 
ATOM   766  C CA  . PHE A 1 116 ? -2.941  -3.576  2.788   1.00 11.68 ? 150 PHE A CA  1 
ATOM   767  C C   . PHE A 1 116 ? -2.095  -2.687  1.886   1.00 11.89 ? 150 PHE A C   1 
ATOM   768  O O   . PHE A 1 116 ? -2.624  -1.789  1.206   1.00 11.78 ? 150 PHE A O   1 
ATOM   769  C CB  . PHE A 1 116 ? -2.755  -3.234  4.263   1.00 11.56 ? 150 PHE A CB  1 
ATOM   770  C CG  . PHE A 1 116 ? -2.634  -1.769  4.604   1.00 11.81 ? 150 PHE A CG  1 
ATOM   771  C CD1 . PHE A 1 116 ? -3.746  -0.998  4.773   1.00 12.87 ? 150 PHE A CD1 1 
ATOM   772  C CD2 . PHE A 1 116 ? -1.404  -1.205  4.827   1.00 13.30 ? 150 PHE A CD2 1 
ATOM   773  C CE1 . PHE A 1 116 ? -3.583  0.339   5.122   1.00 12.72 ? 150 PHE A CE1 1 
ATOM   774  C CE2 . PHE A 1 116 ? -1.251  0.122   5.149   1.00 12.87 ? 150 PHE A CE2 1 
ATOM   775  C CZ  . PHE A 1 116 ? -2.362  0.869   5.364   1.00 12.33 ? 150 PHE A CZ  1 
ATOM   776  N N   . PHE A 1 117 ? -0.783  -2.851  1.847   1.00 11.87 ? 151 PHE A N   1 
ATOM   777  C CA  . PHE A 1 117 ? 0.080   -2.081  0.937   1.00 11.47 ? 151 PHE A CA  1 
ATOM   778  C C   . PHE A 1 117 ? -0.274  -2.319  -0.526  1.00 12.33 ? 151 PHE A C   1 
ATOM   779  O O   . PHE A 1 117 ? -0.427  -1.357  -1.298  1.00 13.15 ? 151 PHE A O   1 
ATOM   780  C CB  . PHE A 1 117 ? 1.559   -2.353  1.192   1.00 12.00 ? 151 PHE A CB  1 
ATOM   781  C CG  . PHE A 1 117 ? 2.104   -1.524  2.294   1.00 11.89 ? 151 PHE A CG  1 
ATOM   782  C CD1 . PHE A 1 117 ? 2.675   -0.286  2.020   1.00 13.13 ? 151 PHE A CD1 1 
ATOM   783  C CD2 . PHE A 1 117 ? 2.116   -1.952  3.613   1.00 12.42 ? 151 PHE A CD2 1 
ATOM   784  C CE1 . PHE A 1 117 ? 3.165   0.493   3.050   1.00 14.12 ? 151 PHE A CE1 1 
ATOM   785  C CE2 . PHE A 1 117 ? 2.631   -1.167  4.628   1.00 13.38 ? 151 PHE A CE2 1 
ATOM   786  C CZ  . PHE A 1 117 ? 3.153   0.064   4.327   1.00 13.39 ? 151 PHE A CZ  1 
ATOM   787  N N   . GLU A 1 118 ? -0.505  -3.566  -0.910  1.00 12.91 ? 152 GLU A N   1 
ATOM   788  C CA  . GLU A 1 118 ? -0.787  -3.846  -2.310  1.00 13.63 ? 152 GLU A CA  1 
ATOM   789  C C   . GLU A 1 118 ? -2.124  -3.226  -2.635  1.00 13.26 ? 152 GLU A C   1 
ATOM   790  O O   . GLU A 1 118 ? -2.294  -2.711  -3.779  1.00 15.31 ? 152 GLU A O   1 
ATOM   791  C CB  . GLU A 1 118 ? -0.782  -5.360  -2.575  1.00 17.61 ? 152 GLU A CB  1 
ATOM   792  C CG  . GLU A 1 118 ? -0.688  -5.683  -4.046  1.00 21.24 ? 152 GLU A CG  1 
ATOM   793  C CD  . GLU A 1 118 ? 0.530   -5.233  -4.832  1.00 23.85 ? 152 GLU A CD  1 
ATOM   794  O OE1 . GLU A 1 118 ? 0.444   -5.262  -6.067  1.00 33.54 ? 152 GLU A OE1 1 
ATOM   795  O OE2 . GLU A 1 118 ? 1.559   -4.845  -4.238  1.00 29.02 ? 152 GLU A OE2 1 
ATOM   796  N N   . PHE A 1 119 ? -3.103  -3.270  -1.738  1.00 11.67 ? 153 PHE A N   1 
ATOM   797  C CA  . PHE A 1 119 ? -4.409  -2.663  -2.020  1.00 12.88 ? 153 PHE A CA  1 
ATOM   798  C C   . PHE A 1 119 ? -4.301  -1.150  -2.203  1.00 13.84 ? 153 PHE A C   1 
ATOM   799  O O   . PHE A 1 119 ? -4.816  -0.619  -3.178  1.00 13.93 ? 153 PHE A O   1 
ATOM   800  C CB  . PHE A 1 119 ? -5.361  -2.975  -0.880  1.00 13.82 ? 153 PHE A CB  1 
ATOM   801  C CG  . PHE A 1 119 ? -6.693  -2.289  -1.030  1.00 15.34 ? 153 PHE A CG  1 
ATOM   802  C CD1 . PHE A 1 119 ? -7.557  -2.586  -2.059  1.00 17.36 ? 153 PHE A CD1 1 
ATOM   803  C CD2 . PHE A 1 119 ? -7.023  -1.296  -0.126  1.00 17.20 ? 153 PHE A CD2 1 
ATOM   804  C CE1 . PHE A 1 119 ? -8.754  -1.869  -2.171  1.00 17.06 ? 153 PHE A CE1 1 
ATOM   805  C CE2 . PHE A 1 119 ? -8.208  -0.614  -0.222  1.00 17.41 ? 153 PHE A CE2 1 
ATOM   806  C CZ  . PHE A 1 119 ? -9.062  -0.905  -1.240  1.00 17.40 ? 153 PHE A CZ  1 
ATOM   807  N N   . GLY A 1 120 ? -3.571  -0.461  -1.322  1.00 12.83 ? 154 GLY A N   1 
ATOM   808  C CA  . GLY A 1 120 ? -3.354  0.945   -1.508  1.00 13.00 ? 154 GLY A CA  1 
ATOM   809  C C   . GLY A 1 120 ? -2.701  1.237   -2.841  1.00 13.67 ? 154 GLY A C   1 
ATOM   810  O O   . GLY A 1 120 ? -3.066  2.230   -3.537  1.00 13.55 ? 154 GLY A O   1 
ATOM   811  N N   . GLY A 1 121 ? -1.698  0.464   -3.214  1.00 14.41 ? 155 GLY A N   1 
ATOM   812  C CA  . GLY A 1 121 ? -0.984  0.685   -4.447  1.00 15.97 ? 155 GLY A CA  1 
ATOM   813  C C   . GLY A 1 121 ? -1.922  0.476   -5.623  1.00 16.14 ? 155 GLY A C   1 
ATOM   814  O O   . GLY A 1 121 ? -1.970  1.316   -6.592  1.00 16.78 ? 155 GLY A O   1 
ATOM   815  N N   . VAL A 1 122 ? -2.769  -0.538  -5.604  1.00 16.56 ? 156 VAL A N   1 
ATOM   816  C CA  . VAL A 1 122 ? -3.719  -0.765  -6.674  1.00 17.53 ? 156 VAL A CA  1 
ATOM   817  C C   . VAL A 1 122 ? -4.713  0.395   -6.749  1.00 15.94 ? 156 VAL A C   1 
ATOM   818  O O   . VAL A 1 122 ? -5.124  0.843   -7.842  1.00 17.06 ? 156 VAL A O   1 
ATOM   819  C CB  . VAL A 1 122 ? -4.393  -2.150  -6.531  1.00 22.82 ? 156 VAL A CB  1 
ATOM   820  C CG1 . VAL A 1 122 ? -5.607  -2.302  -7.430  1.00 25.61 ? 156 VAL A CG1 1 
ATOM   821  C CG2 . VAL A 1 122 ? -3.356  -3.217  -6.801  1.00 25.66 ? 156 VAL A CG2 1 
ATOM   822  N N   . MET A 1 123 ? -5.164  0.909   -5.628  1.00 15.36 ? 157 MET A N   1 
ATOM   823  C CA  . MET A 1 123 ? -6.090  2.020   -5.604  1.00 15.01 ? 157 MET A CA  1 
ATOM   824  C C   . MET A 1 123 ? -5.432  3.244   -6.240  1.00 15.67 ? 157 MET A C   1 
ATOM   825  O O   . MET A 1 123 ? -6.125  3.964   -6.971  1.00 15.16 ? 157 MET A O   1 
ATOM   826  C CB  . MET A 1 123 ? -6.609  2.377   -4.216  1.00 18.12 ? 157 MET A CB  1 
ATOM   827  C CG  . MET A 1 123 ? -7.626  1.406   -3.654  1.00 22.89 ? 157 MET A CG  1 
ATOM   828  S SD  . MET A 1 123 ? -8.807  2.191   -2.433  1.00 28.44 ? 157 MET A SD  1 
ATOM   829  C CE  . MET A 1 123 ? -9.283  3.784   -3.090  1.00 24.22 ? 157 MET A CE  1 
ATOM   830  N N   . CYS A 1 124 ? -4.157  3.468   -6.013  1.00 13.66 ? 158 CYS A N   1 
ATOM   831  C CA  . CYS A 1 124 ? -3.472  4.609   -6.649  1.00 13.84 ? 158 CYS A CA  1 
ATOM   832  C C   . CYS A 1 124 ? -3.396  4.401   -8.164  1.00 14.95 ? 158 CYS A C   1 
ATOM   833  O O   . CYS A 1 124 ? -3.631  5.348   -8.903  1.00 13.91 ? 158 CYS A O   1 
ATOM   834  C CB  . CYS A 1 124 ? -2.102  4.812   -6.029  1.00 12.75 ? 158 CYS A CB  1 
ATOM   835  S SG  . CYS A 1 124 ? -2.144  5.389   -4.316  1.00 14.08 ? 158 CYS A SG  1 
ATOM   836  N N   . VAL A 1 125 ? -3.004  3.206   -8.606  1.00 14.45 ? 159 VAL A N   1 
ATOM   837  C CA  . VAL A 1 125 ? -2.964  2.909   -10.065 1.00 15.66 ? 159 VAL A CA  1 
ATOM   838  C C   . VAL A 1 125 ? -4.352  3.097   -10.651 1.00 15.31 ? 159 VAL A C   1 
ATOM   839  O O   . VAL A 1 125 ? -4.484  3.756   -11.719 1.00 16.76 ? 159 VAL A O   1 
ATOM   840  C CB  . VAL A 1 125 ? -2.433  1.491   -10.317 1.00 16.00 ? 159 VAL A CB  1 
ATOM   841  C CG1 . VAL A 1 125 ? -2.649  1.082   -11.773 1.00 18.29 ? 159 VAL A CG1 1 
ATOM   842  C CG2 . VAL A 1 125 ? -0.989  1.395   -9.934  1.00 17.13 ? 159 VAL A CG2 1 
ATOM   843  N N   . GLU A 1 126 ? -5.397  2.571   -10.046 1.00 16.34 ? 160 GLU A N   1 
ATOM   844  C CA  . GLU A 1 126 ? -6.742  2.735   -10.575 1.00 18.00 ? 160 GLU A CA  1 
ATOM   845  C C   . GLU A 1 126 ? -7.147  4.206   -10.615 1.00 18.28 ? 160 GLU A C   1 
ATOM   846  O O   . GLU A 1 126 ? -7.787  4.667   -11.586 1.00 17.29 ? 160 GLU A O   1 
ATOM   847  C CB  . GLU A 1 126 ? -7.715  1.887   -9.780  1.00 22.56 ? 160 GLU A CB  1 
ATOM   848  C CG  . GLU A 1 126 ? -7.646  0.451   -10.257 1.00 29.60 ? 160 GLU A CG  1 
ATOM   849  C CD  . GLU A 1 126 ? -7.935  0.369   -11.761 1.00 39.00 ? 160 GLU A CD  1 
ATOM   850  O OE1 . GLU A 1 126 ? -9.105  0.592   -12.147 1.00 49.45 ? 160 GLU A OE1 1 
ATOM   851  O OE2 . GLU A 1 126 ? -6.971  0.166   -12.566 1.00 43.60 ? 160 GLU A OE2 1 
ATOM   852  N N   . SER A 1 127 ? -6.754  5.009   -9.646  1.00 15.85 ? 161 SER A N   1 
ATOM   853  C CA  . SER A 1 127 ? -7.054  6.434   -9.623  1.00 15.15 ? 161 SER A CA  1 
ATOM   854  C C   . SER A 1 127 ? -6.404  7.100   -10.839 1.00 17.33 ? 161 SER A C   1 
ATOM   855  O O   . SER A 1 127 ? -7.078  7.925   -11.549 1.00 16.23 ? 161 SER A O   1 
ATOM   856  C CB  . SER A 1 127 ? -6.555  7.033   -8.323  1.00 17.34 ? 161 SER A CB  1 
ATOM   857  O OG  . SER A 1 127 ? -7.281  6.537   -7.207  1.00 17.49 ? 161 SER A OG  1 
ATOM   858  N N   . VAL A 1 128 ? -5.140  6.856   -11.115 1.00 14.38 ? 162 VAL A N   1 
ATOM   859  C CA  . VAL A 1 128 ? -4.513  7.387   -12.295 1.00 15.24 ? 162 VAL A CA  1 
ATOM   860  C C   . VAL A 1 128 ? -5.236  6.908   -13.538 1.00 16.26 ? 162 VAL A C   1 
ATOM   861  O O   . VAL A 1 128 ? -5.590  7.742   -14.399 1.00 15.56 ? 162 VAL A O   1 
ATOM   862  C CB  . VAL A 1 128 ? -3.025  7.026   -12.333 1.00 17.29 ? 162 VAL A CB  1 
ATOM   863  C CG1 . VAL A 1 128 ? -2.438  7.324   -13.713 1.00 18.40 ? 162 VAL A CG1 1 
ATOM   864  C CG2 . VAL A 1 128 ? -2.252  7.703   -11.228 1.00 17.97 ? 162 VAL A CG2 1 
ATOM   865  N N   . ASN A 1 129 ? -5.526  5.625   -13.651 1.00 15.36 ? 163 ASN A N   1 
ATOM   866  C CA  . ASN A 1 129 ? -6.132  5.081   -14.860 1.00 15.95 ? 163 ASN A CA  1 
ATOM   867  C C   . ASN A 1 129 ? -7.505  5.652   -15.116 1.00 15.70 ? 163 ASN A C   1 
ATOM   868  O O   . ASN A 1 129 ? -7.917  5.649   -16.326 1.00 18.57 ? 163 ASN A O   1 
ATOM   869  C CB  . ASN A 1 129 ? -6.268  3.561   -14.775 1.00 16.51 ? 163 ASN A CB  1 
ATOM   870  C CG  . ASN A 1 129 ? -4.937  2.872   -14.877 1.00 16.05 ? 163 ASN A CG  1 
ATOM   871  O OD1 . ASN A 1 129 ? -3.928  3.454   -15.246 1.00 19.86 ? 163 ASN A OD1 1 
ATOM   872  N ND2 . ASN A 1 129 ? -4.956  1.565   -14.549 1.00 21.21 ? 163 ASN A ND2 1 
ATOM   873  N N   . ARG A 1 130 ? -8.226  6.046   -14.091 1.00 14.91 ? 164 ARG A N   1 
ATOM   874  C CA  . ARG A 1 130 ? -9.582  6.573   -14.173 1.00 16.95 ? 164 ARG A CA  1 
ATOM   875  C C   . ARG A 1 130 ? -9.563  8.101   -14.176 1.00 14.79 ? 164 ARG A C   1 
ATOM   876  O O   . ARG A 1 130 ? -10.577 8.730   -13.955 1.00 17.00 ? 164 ARG A O   1 
ATOM   877  C CB  . ARG A 1 130 ? -10.473 6.020   -13.051 1.00 20.02 ? 164 ARG A CB  1 
ATOM   878  C CG  . ARG A 1 130 ? -10.665 4.524   -13.151 1.00 23.80 ? 164 ARG A CG  1 
ATOM   879  C CD  . ARG A 1 130 ? -11.333 3.900   -11.943 1.00 28.59 ? 164 ARG A CD  1 
ATOM   880  N NE  . ARG A 1 130 ? -12.581 4.553   -11.561 1.00 34.21 ? 164 ARG A NE  1 
ATOM   881  C CZ  . ARG A 1 130 ? -13.759 4.271   -12.096 1.00 36.33 ? 164 ARG A CZ  1 
ATOM   882  N NH1 . ARG A 1 130 ? -13.806 3.460   -13.138 1.00 35.63 ? 164 ARG A NH1 1 
ATOM   883  N NH2 . ARG A 1 130 ? -14.864 4.796   -11.598 1.00 35.16 ? 164 ARG A NH2 1 
ATOM   884  N N   . GLU A 1 131 ? -8.420  8.727   -14.474 1.00 14.72 ? 165 GLU A N   1 
ATOM   885  C CA  . GLU A 1 131 ? -8.358  10.179  -14.633 1.00 14.38 ? 165 GLU A CA  1 
ATOM   886  C C   . GLU A 1 131 ? -8.796  10.884  -13.360 1.00 15.87 ? 165 GLU A C   1 
ATOM   887  O O   . GLU A 1 131 ? -9.389  11.940  -13.371 1.00 18.11 ? 165 GLU A O   1 
ATOM   888  C CB  . GLU A 1 131 ? -9.196  10.645  -15.860 1.00 14.21 ? 165 GLU A CB  1 
ATOM   889  C CG  . GLU A 1 131 ? -8.639  10.130  -17.148 1.00 15.26 ? 165 GLU A CG  1 
ATOM   890  C CD  . GLU A 1 131 ? -9.100  8.777   -17.654 1.00 16.10 ? 165 GLU A CD  1 
ATOM   891  O OE1 . GLU A 1 131 ? -10.018 8.145   -17.113 1.00 16.57 ? 165 GLU A OE1 1 
ATOM   892  O OE2 . GLU A 1 131 ? -8.625  8.348   -18.759 1.00 18.04 ? 165 GLU A OE2 1 
ATOM   893  N N   . MET A 1 132 ? -8.295  10.342  -12.241 1.00 15.02 ? 166 MET A N   1 
ATOM   894  C CA  . MET A 1 132 ? -8.551  10.860  -10.906 1.00 17.54 ? 166 MET A CA  1 
ATOM   895  C C   . MET A 1 132 ? -7.247  10.836  -10.113 1.00 17.92 ? 166 MET A C   1 
ATOM   896  O O   . MET A 1 132 ? -7.218  10.528  -8.900  1.00 18.50 ? 166 MET A O   1 
ATOM   897  C CB  . MET A 1 132 ? -9.592  10.026  -10.147 1.00 21.50 ? 166 MET A CB  1 
ATOM   898  C CG  . MET A 1 132 ? -10.885 9.952   -10.795 1.00 24.46 ? 166 MET A CG  1 
ATOM   899  S SD  . MET A 1 132 ? -11.847 8.634   -9.956  1.00 25.27 ? 166 MET A SD  1 
ATOM   900  C CE  . MET A 1 132 ? -13.109 8.568   -11.236 1.00 28.08 ? 166 MET A CE  1 
ATOM   901  N N   . SER A 1 133 ? -6.161  11.279  -10.727 1.00 16.62 ? 167 SER A N   1 
ATOM   902  C CA  . SER A 1 133 ? -4.845  11.280  -10.122 1.00 15.96 ? 167 SER A CA  1 
ATOM   903  C C   . SER A 1 133 ? -4.781  12.045  -8.805  1.00 16.05 ? 167 SER A C   1 
ATOM   904  O O   . SER A 1 133 ? -3.934  11.635  -7.988  1.00 15.65 ? 167 SER A O   1 
ATOM   905  C CB  . SER A 1 133 ? -3.751  11.769  -11.042 1.00 17.77 ? 167 SER A CB  1 
ATOM   906  O OG  . SER A 1 133 ? -3.823  13.149  -11.201 1.00 18.41 ? 167 SER A OG  1 
ATOM   907  N N   . PRO A 1 134 ? -5.590  13.097  -8.491  1.00 16.49 ? 168 PRO A N   1 
ATOM   908  C CA  . PRO A 1 134 ? -5.480  13.718  -7.181  1.00 17.70 ? 168 PRO A CA  1 
ATOM   909  C C   . PRO A 1 134 ? -5.730  12.777  -6.011  1.00 16.78 ? 168 PRO A C   1 
ATOM   910  O O   . PRO A 1 134 ? -5.247  13.055  -4.904  1.00 17.61 ? 168 PRO A O   1 
ATOM   911  C CB  . PRO A 1 134 ? -6.524  14.839  -7.180  1.00 18.28 ? 168 PRO A CB  1 
ATOM   912  C CG  . PRO A 1 134 ? -6.641  15.166  -8.659  1.00 18.29 ? 168 PRO A CG  1 
ATOM   913  C CD  . PRO A 1 134 ? -6.559  13.819  -9.357  1.00 18.03 ? 168 PRO A CD  1 
ATOM   914  N N   . LEU A 1 135 ? -6.451  11.689  -6.258  1.00 15.21 ? 169 LEU A N   1 
ATOM   915  C CA  . LEU A 1 135 ? -6.727  10.750  -5.180  1.00 15.80 ? 169 LEU A CA  1 
ATOM   916  C C   . LEU A 1 135 ? -5.458  10.074  -4.680  1.00 15.39 ? 169 LEU A C   1 
ATOM   917  O O   . LEU A 1 135 ? -5.473  9.587   -3.532  1.00 15.76 ? 169 LEU A O   1 
ATOM   918  C CB  . LEU A 1 135 ? -7.715  9.678   -5.626  1.00 17.39 ? 169 LEU A CB  1 
ATOM   919  C CG  . LEU A 1 135 ? -9.169  10.091  -5.765  1.00 20.40 ? 169 LEU A CG  1 
ATOM   920  C CD1 . LEU A 1 135 ? -9.984  8.907   -6.271  1.00 20.80 ? 169 LEU A CD1 1 
ATOM   921  C CD2 . LEU A 1 135 ? -9.723  10.576  -4.436  1.00 25.77 ? 169 LEU A CD2 1 
ATOM   922  N N   . VAL A 1 136 ? -4.375  10.026  -5.459  1.00 14.84 ? 170 VAL A N   1 
ATOM   923  C CA  . VAL A 1 136 ? -3.161  9.385   -5.014  1.00 14.17 ? 170 VAL A CA  1 
ATOM   924  C C   . VAL A 1 136 ? -2.709  10.001  -3.688  1.00 13.90 ? 170 VAL A C   1 
ATOM   925  O O   . VAL A 1 136 ? -2.326  9.315   -2.763  1.00 13.34 ? 170 VAL A O   1 
ATOM   926  C CB  . VAL A 1 136 ? -2.064  9.469   -6.076  1.00 13.78 ? 170 VAL A CB  1 
ATOM   927  C CG1 . VAL A 1 136 ? -0.752  8.971   -5.525  1.00 13.65 ? 170 VAL A CG1 1 
ATOM   928  C CG2 . VAL A 1 136 ? -2.464  8.703   -7.331  1.00 14.36 ? 170 VAL A CG2 1 
ATOM   929  N N   . ASP A 1 137 ? -2.690  11.325  -3.639  1.00 14.83 ? 171 ASP A N   1 
ATOM   930  C CA  . ASP A 1 137 ? -2.208  12.015  -2.439  1.00 16.18 ? 171 ASP A CA  1 
ATOM   931  C C   . ASP A 1 137 ? -3.064  11.673  -1.212  1.00 14.60 ? 171 ASP A C   1 
ATOM   932  O O   . ASP A 1 137 ? -2.556  11.512  -0.125  1.00 15.92 ? 171 ASP A O   1 
ATOM   933  C CB  . ASP A 1 137 ? -2.199  13.523  -2.678  1.00 18.55 ? 171 ASP A CB  1 
ATOM   934  C CG  . ASP A 1 137 ? -1.286  13.782  -3.875  1.00 24.47 ? 171 ASP A CG  1 
ATOM   935  O OD1 . ASP A 1 137 ? -0.100  13.898  -3.661  1.00 30.55 ? 171 ASP A OD1 1 
ATOM   936  O OD2 . ASP A 1 137 ? -1.755  13.648  -4.995  1.00 31.93 ? 171 ASP A OD2 1 
ATOM   937  N N   . ASN A 1 138 ? -4.349  11.539  -1.439  1.00 14.28 ? 172 ASN A N   1 
ATOM   938  C CA  . ASN A 1 138 ? -5.304  11.229  -0.382  1.00 14.69 ? 172 ASN A CA  1 
ATOM   939  C C   . ASN A 1 138 ? -5.091  9.770   0.074   1.00 13.47 ? 172 ASN A C   1 
ATOM   940  O O   . ASN A 1 138 ? -5.043  9.535   1.302   1.00 13.47 ? 172 ASN A O   1 
ATOM   941  C CB  . ASN A 1 138 ? -6.734  11.422  -0.838  1.00 18.39 ? 172 ASN A CB  1 
ATOM   942  C CG  . ASN A 1 138 ? -7.087  12.855  -1.132  1.00 22.67 ? 172 ASN A CG  1 
ATOM   943  O OD1 . ASN A 1 138 ? -6.576  13.773  -0.507  1.00 31.35 ? 172 ASN A OD1 1 
ATOM   944  N ND2 . ASN A 1 138 ? -8.144  12.984  -1.906  1.00 30.73 ? 172 ASN A ND2 1 
ATOM   945  N N   . ILE A 1 139 ? -4.980  8.835   -0.854  1.00 12.40 ? 173 ILE A N   1 
ATOM   946  C CA  . ILE A 1 139 ? -4.768  7.452   -0.494  1.00 12.36 ? 173 ILE A CA  1 
ATOM   947  C C   . ILE A 1 139 ? -3.480  7.325   0.324   1.00 12.26 ? 173 ILE A C   1 
ATOM   948  O O   . ILE A 1 139 ? -3.447  6.582   1.352   1.00 12.40 ? 173 ILE A O   1 
ATOM   949  C CB  . ILE A 1 139 ? -4.754  6.565   -1.736  1.00 13.38 ? 173 ILE A CB  1 
ATOM   950  C CG1 . ILE A 1 139 ? -6.140  6.509   -2.394  1.00 13.48 ? 173 ILE A CG1 1 
ATOM   951  C CG2 . ILE A 1 139 ? -4.312  5.147   -1.353  1.00 14.13 ? 173 ILE A CG2 1 
ATOM   952  C CD1 . ILE A 1 139 ? -6.094  6.273   -3.878  1.00 14.78 ? 173 ILE A CD1 1 
ATOM   953  N N   . ALA A 1 140 ? -2.410  7.993   -0.081  1.00 12.21 ? 174 ALA A N   1 
ATOM   954  C CA  . ALA A 1 140 ? -1.169  7.900   0.666   1.00 12.65 ? 174 ALA A CA  1 
ATOM   955  C C   . ALA A 1 140 ? -1.355  8.409   2.091   1.00 13.73 ? 174 ALA A C   1 
ATOM   956  O O   . ALA A 1 140 ? -0.842  7.808   3.057   1.00 14.07 ? 174 ALA A O   1 
ATOM   957  C CB  . ALA A 1 140 ? -0.058  8.690   0.004   1.00 14.48 ? 174 ALA A CB  1 
ATOM   958  N N   . LEU A 1 141 ? -2.118  9.493   2.275   1.00 13.48 ? 175 LEU A N   1 
ATOM   959  C CA  . LEU A 1 141 ? -2.425  9.988   3.596   1.00 14.73 ? 175 LEU A CA  1 
ATOM   960  C C   . LEU A 1 141 ? -3.225  8.944   4.383   1.00 13.18 ? 175 LEU A C   1 
ATOM   961  O O   . LEU A 1 141 ? -2.920  8.697   5.552   1.00 14.35 ? 175 LEU A O   1 
ATOM   962  C CB  . LEU A 1 141 ? -3.182  11.317  3.470   1.00 16.85 ? 175 LEU A CB  1 
ATOM   963  C CG  . LEU A 1 141 ? -3.673  11.893  4.790   1.00 21.25 ? 175 LEU A CG  1 
ATOM   964  C CD1 . LEU A 1 141 ? -2.519  12.276  5.685   1.00 22.73 ? 175 LEU A CD1 1 
ATOM   965  C CD2 . LEU A 1 141 ? -4.639  13.059  4.545   1.00 22.19 ? 175 LEU A CD2 1 
ATOM   966  N N   . TRP A 1 142 ? -4.255  8.374   3.801   1.00 12.40 ? 176 TRP A N   1 
ATOM   967  C CA  . TRP A 1 142 ? -5.128  7.437   4.493   1.00 12.28 ? 176 TRP A CA  1 
ATOM   968  C C   . TRP A 1 142 ? -4.335  6.190   4.920   1.00 12.29 ? 176 TRP A C   1 
ATOM   969  O O   . TRP A 1 142 ? -4.548  5.685   6.008   1.00 13.05 ? 176 TRP A O   1 
ATOM   970  C CB  . TRP A 1 142 ? -6.352  7.029   3.669   1.00 12.99 ? 176 TRP A CB  1 
ATOM   971  C CG  . TRP A 1 142 ? -7.164  8.191   3.189   1.00 13.55 ? 176 TRP A CG  1 
ATOM   972  C CD1 . TRP A 1 142 ? -7.254  9.412   3.781   1.00 15.07 ? 176 TRP A CD1 1 
ATOM   973  C CD2 . TRP A 1 142 ? -7.914  8.228   1.968   1.00 16.09 ? 176 TRP A CD2 1 
ATOM   974  N NE1 . TRP A 1 142 ? -8.076  10.217  3.017   1.00 17.79 ? 176 TRP A NE1 1 
ATOM   975  C CE2 . TRP A 1 142 ? -8.493  9.519   1.945   1.00 15.17 ? 176 TRP A CE2 1 
ATOM   976  C CE3 . TRP A 1 142 ? -8.209  7.249   1.013   1.00 16.01 ? 176 TRP A CE3 1 
ATOM   977  C CZ2 . TRP A 1 142 ? -9.298  9.894   0.852   1.00 16.79 ? 176 TRP A CZ2 1 
ATOM   978  C CZ3 . TRP A 1 142 ? -8.994  7.648   -0.069  1.00 18.34 ? 176 TRP A CZ3 1 
ATOM   979  C CH2 . TRP A 1 142 ? -9.529  8.945   -0.113  1.00 17.70 ? 176 TRP A CH2 1 
ATOM   980  N N   . MET A 1 143 ? -3.381  5.777   4.092   1.00 12.53 ? 177 MET A N   1 
ATOM   981  C CA  . MET A 1 143 ? -2.571  4.619   4.451   1.00 12.11 ? 177 MET A CA  1 
ATOM   982  C C   . MET A 1 143 ? -1.647  4.996   5.611   1.00 12.14 ? 177 MET A C   1 
ATOM   983  O O   . MET A 1 143 ? -1.497  4.216   6.581   1.00 12.94 ? 177 MET A O   1 
ATOM   984  C CB  . MET A 1 143 ? -1.692  4.180   3.291   1.00 11.97 ? 177 MET A CB  1 
ATOM   985  C CG  . MET A 1 143 ? -2.472  3.539   2.168   1.00 11.35 ? 177 MET A CG  1 
ATOM   986  S SD  . MET A 1 143 ? -1.470  3.181   0.717   1.00 13.76 ? 177 MET A SD  1 
ATOM   987  C CE  . MET A 1 143 ? -0.499  1.801   1.336   1.00 14.36 ? 177 MET A CE  1 
ATOM   988  N N   . THR A 1 144 ? -1.007  6.173   5.535   1.00 11.58 ? 178 THR A N   1 
ATOM   989  C CA  . THR A 1 144 ? -0.112  6.583   6.604   1.00 14.63 ? 178 THR A CA  1 
ATOM   990  C C   . THR A 1 144 ? -0.863  6.735   7.917   1.00 14.42 ? 178 THR A C   1 
ATOM   991  O O   . THR A 1 144 ? -0.354  6.266   8.951   1.00 13.48 ? 178 THR A O   1 
ATOM   992  C CB  . THR A 1 144 ? 0.548   7.911   6.220   1.00 14.49 ? 178 THR A CB  1 
ATOM   993  O OG1 . THR A 1 144 ? 1.273   7.774   4.994   1.00 15.31 ? 178 THR A OG1 1 
ATOM   994  C CG2 . THR A 1 144 ? 1.484   8.408   7.299   1.00 17.31 ? 178 THR A CG2 1 
ATOM   995  N N   . GLU A 1 145 ? -2.052  7.346   7.876   1.00 13.64 ? 179 GLU A N   1 
ATOM   996  C CA  . GLU A 1 145 ? -2.837  7.587   9.124   1.00 14.13 ? 179 GLU A CA  1 
ATOM   997  C C   . GLU A 1 145 ? -3.128  6.216   9.726   1.00 14.02 ? 179 GLU A C   1 
ATOM   998  O O   . GLU A 1 145 ? -3.051  6.046   10.954  1.00 14.35 ? 179 GLU A O   1 
ATOM   999  C CB  . GLU A 1 145 ? -4.140  8.337   8.836   1.00 17.69 ? 179 GLU A CB  1 
ATOM   1000 C CG  . GLU A 1 145 ? -4.004  9.789   8.478   1.00 23.53 ? 179 GLU A CG  1 
ATOM   1001 C CD  . GLU A 1 145 ? -5.279  10.447  7.949   1.00 27.43 ? 179 GLU A CD  1 
ATOM   1002 O OE1 . GLU A 1 145 ? -5.370  11.705  8.045   1.00 35.84 ? 179 GLU A OE1 1 
ATOM   1003 O OE2 . GLU A 1 145 ? -6.166  9.745   7.406   1.00 36.24 ? 179 GLU A OE2 1 
ATOM   1004 N N   . TYR A 1 146 ? -3.533  5.250   8.924   1.00 12.34 ? 180 TYR A N   1 
ATOM   1005 C CA  . TYR A 1 146 ? -3.916  3.969   9.482   1.00 12.24 ? 180 TYR A CA  1 
ATOM   1006 C C   . TYR A 1 146 ? -2.693  3.224   10.045  1.00 13.19 ? 180 TYR A C   1 
ATOM   1007 O O   . TYR A 1 146 ? -2.777  2.593   11.148  1.00 13.35 ? 180 TYR A O   1 
ATOM   1008 C CB  . TYR A 1 146 ? -4.572  3.064   8.436   1.00 13.28 ? 180 TYR A CB  1 
ATOM   1009 C CG  . TYR A 1 146 ? -5.197  1.823   9.007   1.00 13.42 ? 180 TYR A CG  1 
ATOM   1010 C CD1 . TYR A 1 146 ? -6.378  1.884   9.706   1.00 13.30 ? 180 TYR A CD1 1 
ATOM   1011 C CD2 . TYR A 1 146 ? -4.593  0.610   8.898   1.00 14.55 ? 180 TYR A CD2 1 
ATOM   1012 C CE1 . TYR A 1 146 ? -6.953  0.751   10.234  1.00 14.25 ? 180 TYR A CE1 1 
ATOM   1013 C CE2 . TYR A 1 146 ? -5.139  -0.531  9.438   1.00 14.31 ? 180 TYR A CE2 1 
ATOM   1014 C CZ  . TYR A 1 146 ? -6.321  -0.454  10.123  1.00 14.36 ? 180 TYR A CZ  1 
ATOM   1015 O OH  . TYR A 1 146 ? -6.862  -1.624  10.609  1.00 19.53 ? 180 TYR A OH  1 
ATOM   1016 N N   . LEU A 1 147 ? -1.573  3.275   9.341   1.00 13.03 ? 181 LEU A N   1 
ATOM   1017 C CA  . LEU A 1 147 ? -0.371  2.679   9.929   1.00 16.65 ? 181 LEU A CA  1 
ATOM   1018 C C   . LEU A 1 147 ? -0.035  3.300   11.254  1.00 18.89 ? 181 LEU A C   1 
ATOM   1019 O O   . LEU A 1 147 ? 0.214   2.498   12.206  1.00 23.25 ? 181 LEU A O   1 
ATOM   1020 C CB  . LEU A 1 147 ? 0.759   2.993   8.982   1.00 18.38 ? 181 LEU A CB  1 
ATOM   1021 C CG  . LEU A 1 147 ? 0.927   1.979   7.904   1.00 20.21 ? 181 LEU A CG  1 
ATOM   1022 C CD1 . LEU A 1 147 ? 1.666   2.591   6.735   1.00 22.22 ? 181 LEU A CD1 1 
ATOM   1023 C CD2 . LEU A 1 147 ? 1.725   0.787   8.452   1.00 19.13 ? 181 LEU A CD2 1 
ATOM   1024 N N   . ASN A 1 148 ? -0.001  4.609   11.298  1.00 17.54 ? 182 ASN A N   1 
ATOM   1025 C CA  . ASN A 1 148 ? 0.363   5.468   12.525  1.00 22.80 ? 182 ASN A CA  1 
ATOM   1026 C C   . ASN A 1 148 ? -0.570  4.953   13.653  1.00 24.49 ? 182 ASN A C   1 
ATOM   1027 O O   . ASN A 1 148 ? -0.118  4.451   14.732  1.00 30.50 ? 182 ASN A O   1 
ATOM   1028 C CB  . ASN A 1 148 ? 0.241   6.983   12.257  1.00 25.18 ? 182 ASN A CB  1 
ATOM   1029 C CG  . ASN A 1 148 ? 1.214   7.673   11.307  1.00 23.19 ? 182 ASN A CG  1 
ATOM   1030 O OD1 . ASN A 1 148 ? 2.284   7.111   11.071  1.00 18.44 ? 182 ASN A OD1 1 
ATOM   1031 N ND2 . ASN A 1 148 ? 0.826   8.879   10.804  1.00 23.70 ? 182 ASN A ND2 1 
ATOM   1032 N N   . ARG A 1 149 ? -1.871  4.997   13.417  1.00 18.06 ? 183 ARG A N   1 
ATOM   1033 C CA  . ARG A 1 149 ? -2.879  4.930   14.488  1.00 19.04 ? 183 ARG A CA  1 
ATOM   1034 C C   . ARG A 1 149 ? -3.152  3.483   14.885  1.00 19.74 ? 183 ARG A C   1 
ATOM   1035 O O   . ARG A 1 149 ? -3.385  3.215   16.117  1.00 22.72 ? 183 ARG A O   1 
ATOM   1036 C CB  . ARG A 1 149 ? -4.169  5.590   13.995  1.00 20.17 ? 183 ARG A CB  1 
ATOM   1037 C CG  . ARG A 1 149 ? -5.314  5.476   14.995  1.00 23.59 ? 183 ARG A CG  1 
ATOM   1038 C CD  . ARG A 1 149 ? -6.519  6.266   14.504  1.00 26.68 ? 183 ARG A CD  1 
ATOM   1039 N NE  . ARG A 1 149 ? -7.011  5.917   13.180  1.00 27.67 ? 183 ARG A NE  1 
ATOM   1040 C CZ  . ARG A 1 149 ? -7.721  4.834   12.891  1.00 31.67 ? 183 ARG A CZ  1 
ATOM   1041 N NH1 . ARG A 1 149 ? -8.160  4.662   11.652  1.00 29.94 ? 183 ARG A NH1 1 
ATOM   1042 N NH2 . ARG A 1 149 ? -7.983  3.955   13.845  1.00 34.52 ? 183 ARG A NH2 1 
ATOM   1043 N N   . HIS A 1 150 ? -3.268  2.557   13.946  1.00 17.65 ? 184 HIS A N   1 
ATOM   1044 C CA  . HIS A 1 150 ? -3.814  1.267   14.201  1.00 18.54 ? 184 HIS A CA  1 
ATOM   1045 C C   . HIS A 1 150 ? -2.826  0.116   14.067  1.00 20.65 ? 184 HIS A C   1 
ATOM   1046 O O   . HIS A 1 150 ? -3.010  -0.927  14.690  1.00 26.48 ? 184 HIS A O   1 
ATOM   1047 C CB  . HIS A 1 150 ? -4.971  0.944   13.256  1.00 20.15 ? 184 HIS A CB  1 
ATOM   1048 C CG  . HIS A 1 150 ? -5.703  -0.305  13.642  1.00 26.26 ? 184 HIS A CG  1 
ATOM   1049 N ND1 . HIS A 1 150 ? -6.710  -0.322  14.615  1.00 30.06 ? 184 HIS A ND1 1 
ATOM   1050 C CD2 . HIS A 1 150 ? -5.537  -1.589  13.247  1.00 28.67 ? 184 HIS A CD2 1 
ATOM   1051 C CE1 . HIS A 1 150 ? -7.156  -1.566  14.752  1.00 33.58 ? 184 HIS A CE1 1 
ATOM   1052 N NE2 . HIS A 1 150 ? -6.437  -2.369  13.946  1.00 32.54 ? 184 HIS A NE2 1 
ATOM   1053 N N   . LEU A 1 151 ? -1.783  0.227   13.236  1.00 17.23 ? 185 LEU A N   1 
ATOM   1054 C CA  . LEU A 1 151 ? -0.883  -0.906  13.010  1.00 17.36 ? 185 LEU A CA  1 
ATOM   1055 C C   . LEU A 1 151 ? 0.465   -0.760  13.725  1.00 18.37 ? 185 LEU A C   1 
ATOM   1056 O O   . LEU A 1 151 ? 1.118   -1.770  13.936  1.00 18.95 ? 185 LEU A O   1 
ATOM   1057 C CB  . LEU A 1 151 ? -0.620  -1.075  11.527  1.00 16.50 ? 185 LEU A CB  1 
ATOM   1058 C CG  . LEU A 1 151 ? -1.816  -1.449  10.644  1.00 16.53 ? 185 LEU A CG  1 
ATOM   1059 C CD1 . LEU A 1 151 ? -1.418  -1.517  9.176   1.00 16.97 ? 185 LEU A CD1 1 
ATOM   1060 C CD2 . LEU A 1 151 ? -2.376  -2.777  11.039  1.00 17.60 ? 185 LEU A CD2 1 
ATOM   1061 N N   . HIS A 1 152 ? 0.874   0.478   14.001  1.00 20.69 ? 186 HIS A N   1 
ATOM   1062 C CA  . HIS A 1 152 ? 2.275   0.666   14.485  1.00 22.00 ? 186 HIS A CA  1 
ATOM   1063 C C   . HIS A 1 152 ? 2.526   -0.086  15.800  1.00 20.95 ? 186 HIS A C   1 
ATOM   1064 O O   . HIS A 1 152 ? 3.649   -0.628  15.984  1.00 21.38 ? 186 HIS A O   1 
ATOM   1065 C CB  . HIS A 1 152 ? 2.634   2.152   14.612  1.00 25.42 ? 186 HIS A CB  1 
ATOM   1066 C CG  . HIS A 1 152 ? 4.051   2.388   15.043  1.00 31.53 ? 186 HIS A CG  1 
ATOM   1067 N ND1 . HIS A 1 152 ? 4.474   2.173   16.356  1.00 35.33 ? 186 HIS A ND1 1 
ATOM   1068 C CD2 . HIS A 1 152 ? 5.120   2.870   14.367  1.00 44.61 ? 186 HIS A CD2 1 
ATOM   1069 C CE1 . HIS A 1 152 ? 5.763   2.466   16.451  1.00 40.17 ? 186 HIS A CE1 1 
ATOM   1070 N NE2 . HIS A 1 152 ? 6.187   2.900   15.234  1.00 34.80 ? 186 HIS A NE2 1 
ATOM   1071 N N   . THR A 1 153 ? 1.568   -0.093  16.735  1.00 20.49 ? 187 THR A N   1 
ATOM   1072 C CA  . THR A 1 153 ? 1.802   -0.824  18.019  1.00 21.89 ? 187 THR A CA  1 
ATOM   1073 C C   . THR A 1 153 ? 2.099   -2.303  17.755  1.00 19.66 ? 187 THR A C   1 
ATOM   1074 O O   . THR A 1 153 ? 3.037   -2.878  18.306  1.00 19.82 ? 187 THR A O   1 
ATOM   1075 C CB  . THR A 1 153 ? 0.639   -0.708  18.996  1.00 23.41 ? 187 THR A CB  1 
ATOM   1076 O OG1 . THR A 1 153 ? 0.627   0.688   19.302  1.00 30.61 ? 187 THR A OG1 1 
ATOM   1077 C CG2 . THR A 1 153 ? 0.838   -1.512  20.265  1.00 28.92 ? 187 THR A CG2 1 
ATOM   1078 N N   . TRP A 1 154 ? 1.272   -2.943  16.946  1.00 17.27 ? 188 TRP A N   1 
ATOM   1079 C CA  . TRP A 1 154 ? 1.484   -4.345  16.571  1.00 16.54 ? 188 TRP A CA  1 
ATOM   1080 C C   . TRP A 1 154 ? 2.846   -4.504  15.913  1.00 18.38 ? 188 TRP A C   1 
ATOM   1081 O O   . TRP A 1 154 ? 3.596   -5.413  16.230  1.00 17.61 ? 188 TRP A O   1 
ATOM   1082 C CB  . TRP A 1 154 ? 0.374   -4.860  15.653  1.00 16.30 ? 188 TRP A CB  1 
ATOM   1083 C CG  . TRP A 1 154 ? 0.477   -6.331  15.383  1.00 16.31 ? 188 TRP A CG  1 
ATOM   1084 C CD1 . TRP A 1 154 ? -0.120  -7.358  16.049  1.00 16.98 ? 188 TRP A CD1 1 
ATOM   1085 C CD2 . TRP A 1 154 ? 1.285   -6.940  14.361  1.00 16.17 ? 188 TRP A CD2 1 
ATOM   1086 N NE1 . TRP A 1 154 ? 0.233   -8.558  15.499  1.00 20.21 ? 188 TRP A NE1 1 
ATOM   1087 C CE2 . TRP A 1 154 ? 1.123   -8.335  14.473  1.00 19.38 ? 188 TRP A CE2 1 
ATOM   1088 C CE3 . TRP A 1 154 ? 2.125   -6.439  13.360  1.00 17.40 ? 188 TRP A CE3 1 
ATOM   1089 C CZ2 . TRP A 1 154 ? 1.810   -9.237  13.663  1.00 20.61 ? 188 TRP A CZ2 1 
ATOM   1090 C CZ3 . TRP A 1 154 ? 2.788   -7.330  12.546  1.00 17.24 ? 188 TRP A CZ3 1 
ATOM   1091 C CH2 . TRP A 1 154 ? 2.634   -8.708  12.697  1.00 20.27 ? 188 TRP A CH2 1 
ATOM   1092 N N   . ILE A 1 155 ? 3.185   -3.623  14.971  1.00 15.51 ? 189 ILE A N   1 
ATOM   1093 C CA  . ILE A 1 155 ? 4.528   -3.739  14.229  1.00 19.38 ? 189 ILE A CA  1 
ATOM   1094 C C   . ILE A 1 155 ? 5.656   -3.660  15.268  1.00 18.47 ? 189 ILE A C   1 
ATOM   1095 O O   . ILE A 1 155 ? 6.504   -4.525  15.253  1.00 19.58 ? 189 ILE A O   1 
ATOM   1096 C CB  . ILE A 1 155 ? 4.612   -2.664  13.135  1.00 18.16 ? 189 ILE A CB  1 
ATOM   1097 C CG1 . ILE A 1 155 ? 3.629   -2.988  11.999  1.00 18.02 ? 189 ILE A CG1 1 
ATOM   1098 C CG2 . ILE A 1 155 ? 6.030   -2.566  12.613  1.00 17.79 ? 189 ILE A CG2 1 
ATOM   1099 C CD1 . ILE A 1 155 ? 3.415   -1.905  10.948  1.00 17.91 ? 189 ILE A CD1 1 
ATOM   1100 N N   . GLN A 1 156 ? 5.611   -2.653  16.121  1.00 17.86 ? 190 GLN A N   1 
ATOM   1101 C CA  . GLN A 1 156 ? 6.670   -2.482  17.106  1.00 19.59 ? 190 GLN A CA  1 
ATOM   1102 C C   . GLN A 1 156 ? 6.687   -3.724  18.000  1.00 22.89 ? 190 GLN A C   1 
ATOM   1103 O O   . GLN A 1 156 ? 7.752   -4.236  18.258  1.00 25.18 ? 190 GLN A O   1 
ATOM   1104 C CB  . GLN A 1 156 ? 6.527   -1.194  17.889  1.00 21.17 ? 190 GLN A CB  1 
ATOM   1105 C CG  . GLN A 1 156 ? 7.680   -1.036  18.870  1.00 25.13 ? 190 GLN A CG  1 
ATOM   1106 C CD  . GLN A 1 156 ? 7.772   0.298   19.581  1.00 32.40 ? 190 GLN A CD  1 
ATOM   1107 O OE1 . GLN A 1 156 ? 7.179   1.304   19.200  1.00 33.95 ? 190 GLN A OE1 1 
ATOM   1108 N NE2 . GLN A 1 156 ? 8.552   0.320   20.655  1.00 34.96 ? 190 GLN A NE2 1 
ATOM   1109 N N   . ASP A 1 157 ? 5.519   -4.227  18.417  1.00 18.94 ? 191 ASP A N   1 
ATOM   1110 C CA  . ASP A 1 157 ? 5.497   -5.359  19.388  1.00 22.38 ? 191 ASP A CA  1 
ATOM   1111 C C   . ASP A 1 157 ? 6.075   -6.614  18.725  1.00 22.61 ? 191 ASP A C   1 
ATOM   1112 O O   . ASP A 1 157 ? 6.664   -7.470  19.445  1.00 28.53 ? 191 ASP A O   1 
ATOM   1113 C CB  . ASP A 1 157 ? 4.075   -5.638  19.880  1.00 21.24 ? 191 ASP A CB  1 
ATOM   1114 C CG  . ASP A 1 157 ? 3.573   -4.668  20.942  1.00 23.49 ? 191 ASP A CG  1 
ATOM   1115 O OD1 . ASP A 1 157 ? 4.333   -3.767  21.405  1.00 26.24 ? 191 ASP A OD1 1 
ATOM   1116 O OD2 . ASP A 1 157 ? 2.392   -4.753  21.267  1.00 26.90 ? 191 ASP A OD2 1 
ATOM   1117 N N   . ASN A 1 158 ? 5.884   -6.777  17.428  1.00 22.17 ? 192 ASN A N   1 
ATOM   1118 C CA  . ASN A 1 158 ? 6.116   -7.991  16.706  1.00 24.03 ? 192 ASN A CA  1 
ATOM   1119 C C   . ASN A 1 158 ? 7.513   -8.012  16.077  1.00 18.70 ? 192 ASN A C   1 
ATOM   1120 O O   . ASN A 1 158 ? 7.725   -8.807  15.150  1.00 21.91 ? 192 ASN A O   1 
ATOM   1121 C CB  . ASN A 1 158 ? 5.152   -8.168  15.518  1.00 30.18 ? 192 ASN A CB  1 
ATOM   1122 C CG  . ASN A 1 158 ? 3.905   -8.889  15.918  1.00 24.72 ? 192 ASN A CG  1 
ATOM   1123 O OD1 . ASN A 1 158 ? 3.839   -10.115 15.766  1.00 28.82 ? 192 ASN A OD1 1 
ATOM   1124 N ND2 . ASN A 1 158 ? 3.019   -8.189  16.603  1.00 27.94 ? 192 ASN A ND2 1 
ATOM   1125 N N   . GLY A 1 159 ? 8.430   -7.140  16.517  1.00 18.77 ? 193 GLY A N   1 
ATOM   1126 C CA  . GLY A 1 159 ? 9.806   -7.133  16.041  1.00 19.71 ? 193 GLY A CA  1 
ATOM   1127 C C   . GLY A 1 159 ? 10.125  -6.058  15.017  1.00 20.23 ? 193 GLY A C   1 
ATOM   1128 O O   . GLY A 1 159 ? 11.241  -5.970  14.541  1.00 22.57 ? 193 GLY A O   1 
ATOM   1129 N N   . GLY A 1 160 ? 9.117   -5.247  14.629  1.00 19.29 ? 194 GLY A N   1 
ATOM   1130 C CA  . GLY A 1 160 ? 9.319   -4.187  13.675  1.00 19.44 ? 194 GLY A CA  1 
ATOM   1131 C C   . GLY A 1 160 ? 9.482   -4.691  12.241  1.00 16.08 ? 194 GLY A C   1 
ATOM   1132 O O   . GLY A 1 160 ? 9.439   -5.854  11.911  1.00 16.51 ? 194 GLY A O   1 
ATOM   1133 N N   . TRP A 1 161 ? 9.790   -3.747  11.378  1.00 16.98 ? 195 TRP A N   1 
ATOM   1134 C CA  . TRP A 1 161 ? 9.984   -4.042  9.978   1.00 16.85 ? 195 TRP A CA  1 
ATOM   1135 C C   . TRP A 1 161 ? 11.206  -4.966  9.770   1.00 17.57 ? 195 TRP A C   1 
ATOM   1136 O O   . TRP A 1 161 ? 11.291  -5.677  8.768   1.00 18.51 ? 195 TRP A O   1 
ATOM   1137 C CB  . TRP A 1 161 ? 10.066  -2.742  9.190   1.00 16.19 ? 195 TRP A CB  1 
ATOM   1138 C CG  . TRP A 1 161 ? 8.732   -2.086  8.965   1.00 15.66 ? 195 TRP A CG  1 
ATOM   1139 C CD1 . TRP A 1 161 ? 8.260   -0.982  9.578   1.00 17.14 ? 195 TRP A CD1 1 
ATOM   1140 C CD2 . TRP A 1 161 ? 7.734   -2.513  8.027   1.00 15.52 ? 195 TRP A CD2 1 
ATOM   1141 N NE1 . TRP A 1 161 ? 6.998   -0.710  9.115   1.00 17.94 ? 195 TRP A NE1 1 
ATOM   1142 C CE2 . TRP A 1 161 ? 6.645   -1.631  8.178   1.00 16.82 ? 195 TRP A CE2 1 
ATOM   1143 C CE3 . TRP A 1 161 ? 7.657   -3.607  7.167   1.00 16.01 ? 195 TRP A CE3 1 
ATOM   1144 C CZ2 . TRP A 1 161 ? 5.510   -1.756  7.382   1.00 16.52 ? 195 TRP A CZ2 1 
ATOM   1145 C CZ3 . TRP A 1 161 ? 6.525   -3.742  6.403   1.00 17.79 ? 195 TRP A CZ3 1 
ATOM   1146 C CH2 . TRP A 1 161 ? 5.473   -2.838  6.532   1.00 17.78 ? 195 TRP A CH2 1 
ATOM   1147 N N   . ASP A 1 162 ? 12.176  -4.883  10.683  1.00 18.42 ? 196 ASP A N   1 
ATOM   1148 C CA  . ASP A 1 162 ? 13.299  -5.792  10.528  1.00 19.62 ? 196 ASP A CA  1 
ATOM   1149 C C   . ASP A 1 162 ? 12.847  -7.255  10.694  1.00 17.85 ? 196 ASP A C   1 
ATOM   1150 O O   . ASP A 1 162 ? 13.404  -8.118  10.039  1.00 20.45 ? 196 ASP A O   1 
ATOM   1151 C CB  . ASP A 1 162 ? 14.413  -5.476  11.527  1.00 21.69 ? 196 ASP A CB  1 
ATOM   1152 C CG  . ASP A 1 162 ? 15.045  -4.108  11.298  1.00 23.66 ? 196 ASP A CG  1 
ATOM   1153 O OD1 . ASP A 1 162 ? 15.006  -3.614  10.168  1.00 27.62 ? 196 ASP A OD1 1 
ATOM   1154 O OD2 . ASP A 1 162 ? 15.611  -3.565  12.250  1.00 33.61 ? 196 ASP A OD2 1 
ATOM   1155 N N   . ALA A 1 163 ? 11.853  -7.569  11.544  1.00 17.35 ? 197 ALA A N   1 
ATOM   1156 C CA  . ALA A 1 163 ? 11.320  -8.902  11.646  1.00 17.91 ? 197 ALA A CA  1 
ATOM   1157 C C   . ALA A 1 163 ? 10.621  -9.264  10.336  1.00 18.67 ? 197 ALA A C   1 
ATOM   1158 O O   . ALA A 1 163 ? 10.648  -10.432 9.935   1.00 20.82 ? 197 ALA A O   1 
ATOM   1159 C CB  . ALA A 1 163 ? 10.391  -9.056  12.812  1.00 17.73 ? 197 ALA A CB  1 
ATOM   1160 N N   . PHE A 1 164 ? 9.887   -8.304  9.726   1.00 17.40 ? 198 PHE A N   1 
ATOM   1161 C CA  . PHE A 1 164 ? 9.276   -8.574  8.455   1.00 17.33 ? 198 PHE A CA  1 
ATOM   1162 C C   . PHE A 1 164 ? 10.344  -9.028  7.437   1.00 17.41 ? 198 PHE A C   1 
ATOM   1163 O O   . PHE A 1 164 ? 10.140  -9.946  6.680   1.00 18.35 ? 198 PHE A O   1 
ATOM   1164 C CB  . PHE A 1 164 ? 8.525   -7.322  7.974   1.00 15.79 ? 198 PHE A CB  1 
ATOM   1165 C CG  . PHE A 1 164 ? 8.037   -7.392  6.544   1.00 15.98 ? 198 PHE A CG  1 
ATOM   1166 C CD1 . PHE A 1 164 ? 6.939   -8.150  6.206   1.00 16.74 ? 198 PHE A CD1 1 
ATOM   1167 C CD2 . PHE A 1 164 ? 8.729   -6.749  5.535   1.00 17.22 ? 198 PHE A CD2 1 
ATOM   1168 C CE1 . PHE A 1 164 ? 6.494   -8.234  4.893   1.00 17.01 ? 198 PHE A CE1 1 
ATOM   1169 C CE2 . PHE A 1 164 ? 8.237   -6.758  4.232   1.00 17.26 ? 198 PHE A CE2 1 
ATOM   1170 C CZ  . PHE A 1 164 ? 7.157   -7.532  3.914   1.00 18.07 ? 198 PHE A CZ  1 
ATOM   1171 N N   . VAL A 1 165 ? 11.412  -8.255  7.353   1.00 18.49 ? 199 VAL A N   1 
ATOM   1172 C CA  . VAL A 1 165 ? 12.523  -8.585  6.439   1.00 18.58 ? 199 VAL A CA  1 
ATOM   1173 C C   . VAL A 1 165 ? 13.031  -10.014 6.702   1.00 21.15 ? 199 VAL A C   1 
ATOM   1174 O O   . VAL A 1 165 ? 13.212  -10.740 5.736   1.00 23.96 ? 199 VAL A O   1 
ATOM   1175 C CB  . VAL A 1 165 ? 13.638  -7.539  6.533   1.00 22.31 ? 199 VAL A CB  1 
ATOM   1176 C CG1 . VAL A 1 165 ? 14.902  -8.011  5.802   1.00 25.30 ? 199 VAL A CG1 1 
ATOM   1177 C CG2 . VAL A 1 165 ? 13.166  -6.203  5.992   1.00 22.40 ? 199 VAL A CG2 1 
ATOM   1178 N N   . GLU A 1 166 ? 13.201  -10.410 7.962   1.00 21.23 ? 200 GLU A N   1 
ATOM   1179 C CA  . GLU A 1 166 ? 13.718  -11.757 8.234   1.00 26.19 ? 200 GLU A CA  1 
ATOM   1180 C C   . GLU A 1 166 ? 12.705  -12.817 7.771   1.00 27.96 ? 200 GLU A C   1 
ATOM   1181 O O   . GLU A 1 166 ? 13.067  -13.834 7.139   1.00 29.84 ? 200 GLU A O   1 
ATOM   1182 C CB  . GLU A 1 166 ? 14.075  -11.854 9.718   1.00 31.78 ? 200 GLU A CB  1 
ATOM   1183 C CG  . GLU A 1 166 ? 14.368  -13.278 10.172  1.00 37.49 ? 200 GLU A CG  1 
ATOM   1184 C CD  . GLU A 1 166 ? 15.271  -13.422 11.384  1.00 43.78 ? 200 GLU A CD  1 
ATOM   1185 O OE1 . GLU A 1 166 ? 15.589  -14.573 11.713  1.00 51.34 ? 200 GLU A OE1 1 
ATOM   1186 O OE2 . GLU A 1 166 ? 15.696  -12.389 11.954  1.00 49.43 ? 200 GLU A OE2 1 
ATOM   1187 N N   . LEU A 1 167 ? 11.405  -12.570 7.992   1.00 23.01 ? 201 LEU A N   1 
ATOM   1188 C CA  . LEU A 1 167 ? 10.379  -13.508 7.639   1.00 22.87 ? 201 LEU A CA  1 
ATOM   1189 C C   . LEU A 1 167 ? 10.243  -13.600 6.121   1.00 25.26 ? 201 LEU A C   1 
ATOM   1190 O O   . LEU A 1 167 ? 10.048  -14.711 5.599   1.00 26.64 ? 201 LEU A O   1 
ATOM   1191 C CB  . LEU A 1 167 ? 9.067   -13.096 8.310   1.00 23.64 ? 201 LEU A CB  1 
ATOM   1192 C CG  . LEU A 1 167 ? 9.054   -13.384 9.810   1.00 27.22 ? 201 LEU A CG  1 
ATOM   1193 C CD1 . LEU A 1 167 ? 7.918   -12.636 10.483  1.00 29.02 ? 201 LEU A CD1 1 
ATOM   1194 C CD2 . LEU A 1 167 ? 8.966   -14.884 10.103  1.00 30.29 ? 201 LEU A CD2 1 
ATOM   1195 N N   . TYR A 1 168 ? 10.346  -12.475 5.423   1.00 23.35 ? 202 TYR A N   1 
ATOM   1196 C CA  . TYR A 1 168 ? 10.064  -12.443 3.958   1.00 25.57 ? 202 TYR A CA  1 
ATOM   1197 C C   . TYR A 1 168 ? 11.339  -12.417 3.117   1.00 30.01 ? 202 TYR A C   1 
ATOM   1198 O O   . TYR A 1 168 ? 11.233  -12.405 1.887   1.00 42.12 ? 202 TYR A O   1 
ATOM   1199 C CB  . TYR A 1 168 ? 9.196   -11.234 3.595   1.00 24.94 ? 202 TYR A CB  1 
ATOM   1200 C CG  . TYR A 1 168 ? 7.732   -11.456 3.834   1.00 25.65 ? 202 TYR A CG  1 
ATOM   1201 C CD1 . TYR A 1 168 ? 7.189   -11.465 5.114   1.00 24.37 ? 202 TYR A CD1 1 
ATOM   1202 C CD2 . TYR A 1 168 ? 6.886   -11.658 2.754   1.00 27.36 ? 202 TYR A CD2 1 
ATOM   1203 C CE1 . TYR A 1 168 ? 5.843   -11.693 5.316   1.00 26.85 ? 202 TYR A CE1 1 
ATOM   1204 C CE2 . TYR A 1 168 ? 5.544   -11.867 2.931   1.00 26.49 ? 202 TYR A CE2 1 
ATOM   1205 C CZ  . TYR A 1 168 ? 5.029   -11.917 4.213   1.00 26.21 ? 202 TYR A CZ  1 
ATOM   1206 O OH  . TYR A 1 168 ? 3.691   -12.122 4.334   1.00 30.40 ? 202 TYR A OH  1 
ATOM   1207 N N   . GLY A 1 169 ? 12.509  -12.435 3.752   1.00 39.19 ? 203 GLY A N   1 
ATOM   1208 C CA  . GLY A 1 169 ? 13.795  -12.245 3.040   1.00 46.99 ? 203 GLY A CA  1 
ATOM   1209 C C   . GLY A 1 169 ? 14.665  -13.483 3.143   1.00 50.57 ? 203 GLY A C   1 
ATOM   1210 O O   . GLY A 1 169 ? 14.189  -14.574 2.863   1.00 60.21 ? 203 GLY A O   1 
HETATM 1211 C C1  . F3Q B 2 .   ? -11.142 -9.171  2.614   1.00 20.78 ? 301 F3Q A C1  1 
HETATM 1212 C C2  . F3Q B 2 .   ? -11.051 -9.692  3.993   1.00 22.99 ? 301 F3Q A C2  1 
HETATM 1213 C C3  . F3Q B 2 .   ? -8.941  -11.020 3.536   1.00 21.15 ? 301 F3Q A C3  1 
HETATM 1214 C C4  . F3Q B 2 .   ? -10.352 -11.043 4.134   1.00 22.45 ? 301 F3Q A C4  1 
HETATM 1215 C C5  . F3Q B 2 .   ? -9.906  -9.495  1.802   1.00 18.40 ? 301 F3Q A C5  1 
HETATM 1216 N N6  . F3Q B 2 .   ? -8.943  -10.322 2.270   1.00 19.98 ? 301 F3Q A N6  1 
HETATM 1217 C C7  . F3Q B 2 .   ? -7.981  -10.420 1.317   1.00 18.16 ? 301 F3Q A C7  1 
HETATM 1218 C C8  . F3Q B 2 .   ? -8.326  -9.649  0.275   1.00 17.48 ? 301 F3Q A C8  1 
HETATM 1219 C C9  . F3Q B 2 .   ? -9.596  -9.033  0.595   1.00 18.35 ? 301 F3Q A C9  1 
HETATM 1220 C C10 . F3Q B 2 .   ? -10.402 -8.117  -0.265  1.00 20.54 ? 301 F3Q A C10 1 
HETATM 1221 O O11 . F3Q B 2 .   ? -11.647 -8.116  -0.075  1.00 21.75 ? 301 F3Q A O11 1 
HETATM 1222 N N12 . F3Q B 2 .   ? -9.869  -7.346  -1.202  1.00 18.25 ? 301 F3Q A N12 1 
HETATM 1223 C C13 . F3Q B 2 .   ? -6.777  -11.275 1.488   1.00 19.18 ? 301 F3Q A C13 1 
HETATM 1224 C C14 . F3Q B 2 .   ? -5.747  -10.882 2.282   1.00 18.22 ? 301 F3Q A C14 1 
HETATM 1225 C C15 . F3Q B 2 .   ? -6.680  -12.502 0.850   1.00 20.50 ? 301 F3Q A C15 1 
HETATM 1226 C C16 . F3Q B 2 .   ? -4.531  -12.845 1.833   1.00 20.38 ? 301 F3Q A C16 1 
HETATM 1227 C C17 . F3Q B 2 .   ? -4.635  -11.627 2.466   1.00 19.27 ? 301 F3Q A C17 1 
HETATM 1228 O O18 . F3Q B 2 .   ? -3.552  -11.390 3.213   1.00 19.12 ? 301 F3Q A O18 1 
HETATM 1229 C C19 . F3Q B 2 .   ? -2.706  -12.464 2.981   1.00 20.74 ? 301 F3Q A C19 1 
HETATM 1230 O O20 . F3Q B 2 .   ? -3.334  -13.411 2.187   1.00 21.15 ? 301 F3Q A O20 1 
HETATM 1231 C C21 . F3Q B 2 .   ? -7.856  -13.008 0.029   1.00 22.22 ? 301 F3Q A C21 1 
HETATM 1232 N N22 . F3Q B 2 .   ? -7.888  -12.910 -1.259  1.00 21.18 ? 301 F3Q A N22 1 
HETATM 1233 O O23 . F3Q B 2 .   ? -8.781  -13.464 0.732   1.00 25.32 ? 301 F3Q A O23 1 
HETATM 1234 C C24 . F3Q B 2 .   ? -9.154  -13.279 -1.902  1.00 25.92 ? 301 F3Q A C24 1 
HETATM 1235 C C25 . F3Q B 2 .   ? -9.710  -11.966 -2.496  1.00 22.15 ? 301 F3Q A C25 1 
HETATM 1236 C C26 . F3Q B 2 .   ? -6.855  -12.299 -2.050  1.00 22.92 ? 301 F3Q A C26 1 
HETATM 1237 C C27 . F3Q B 2 .   ? -7.368  -11.362 -3.157  1.00 20.18 ? 301 F3Q A C27 1 
HETATM 1238 C C28 . F3Q B 2 .   ? -8.754  -11.165 -3.327  1.00 22.83 ? 301 F3Q A C28 1 
HETATM 1239 C C29 . F3Q B 2 .   ? -9.137  -10.284 -4.338  1.00 21.45 ? 301 F3Q A C29 1 
HETATM 1240 C C30 . F3Q B 2 .   ? -8.188  -9.598  -5.102  1.00 20.36 ? 301 F3Q A C30 1 
HETATM 1241 C C31 . F3Q B 2 .   ? -6.826  -9.805  -4.930  1.00 20.36 ? 301 F3Q A C31 1 
HETATM 1242 C C32 . F3Q B 2 .   ? -6.463  -10.676 -3.909  1.00 20.62 ? 301 F3Q A C32 1 
HETATM 1243 C C33 . F3Q B 2 .   ? -8.761  -14.268 -3.011  1.00 33.54 ? 301 F3Q A C33 1 
HETATM 1244 C C34 . F3Q B 2 .   ? -5.553  -13.282 1.033   1.00 20.14 ? 301 F3Q A C34 1 
HETATM 1245 N N35 . F3Q B 2 .   ? -9.574  -15.512 -2.932  1.00 44.67 ? 301 F3Q A N35 1 
HETATM 1246 C C36 . F3Q B 2 .   ? -9.638  -15.956 -1.528  1.00 50.18 ? 301 F3Q A C36 1 
HETATM 1247 C C37 . F3Q B 2 .   ? -10.391 -17.277 -1.402  1.00 57.93 ? 301 F3Q A C37 1 
HETATM 1248 O O38 . F3Q B 2 .   ? -9.745  -18.230 -2.300  1.00 66.85 ? 301 F3Q A O38 1 
HETATM 1249 C C39 . F3Q B 2 .   ? -9.789  -17.835 -3.714  1.00 58.59 ? 301 F3Q A C39 1 
HETATM 1250 C C40 . F3Q B 2 .   ? -9.018  -16.520 -3.873  1.00 51.30 ? 301 F3Q A C40 1 
HETATM 1251 C C41 . F3Q B 2 .   ? -8.451  -7.077  -1.307  1.00 16.73 ? 301 F3Q A C41 1 
HETATM 1252 C C42 . F3Q B 2 .   ? -10.707 -6.690  -2.141  1.00 20.26 ? 301 F3Q A C42 1 
HETATM 1253 C C43 . F3Q B 2 .   ? -7.745  -6.601  -0.202  1.00 14.77 ? 301 F3Q A C43 1 
HETATM 1254 C C44 . F3Q B 2 .   ? -6.428  -6.367  -0.344  1.00 14.45 ? 301 F3Q A C44 1 
HETATM 1255 C C45 . F3Q B 2 .   ? -5.712  -6.577  -1.491  1.00 14.26 ? 301 F3Q A C45 1 
HETATM 1256 C C46 . F3Q B 2 .   ? -6.357  -7.050  -2.637  1.00 15.63 ? 301 F3Q A C46 1 
HETATM 1257 C C47 . F3Q B 2 .   ? -7.729  -7.323  -2.488  1.00 17.90 ? 301 F3Q A C47 1 
HETATM 1258 C C48 . F3Q B 2 .   ? -10.669 -5.311  -2.298  1.00 21.84 ? 301 F3Q A C48 1 
HETATM 1259 C C49 . F3Q B 2 .   ? -11.489 -4.670  -3.246  1.00 22.96 ? 301 F3Q A C49 1 
HETATM 1260 C C50 . F3Q B 2 .   ? -12.383 -5.433  -4.029  1.00 24.63 ? 301 F3Q A C50 1 
HETATM 1261 C C51 . F3Q B 2 .   ? -12.438 -6.782  -3.859  1.00 25.45 ? 301 F3Q A C51 1 
HETATM 1262 C C52 . F3Q B 2 .   ? -11.616 -7.446  -2.934  1.00 24.92 ? 301 F3Q A C52 1 
HETATM 1263 O O53 . F3Q B 2 .   ? -4.365  -6.371  -1.627  1.00 16.39 ? 301 F3Q A O53 1 
HETATM 1264 O O   . HOH C 3 .   ? 3.271   5.310   12.070  1.00 27.17 ? 401 HOH A O   1 
HETATM 1265 O O   . HOH C 3 .   ? -14.088 -0.331  -10.959 1.00 52.26 ? 402 HOH A O   1 
HETATM 1266 O O   . HOH C 3 .   ? 14.467  -16.290 10.321  1.00 42.71 ? 403 HOH A O   1 
HETATM 1267 O O   . HOH C 3 .   ? 2.046   -11.275 17.033  1.00 24.57 ? 404 HOH A O   1 
HETATM 1268 O O   . HOH C 3 .   ? -0.900  14.693  -7.083  1.00 38.50 ? 405 HOH A O   1 
HETATM 1269 O O   . HOH C 3 .   ? -10.011 -16.562 -8.741  1.00 44.90 ? 406 HOH A O   1 
HETATM 1270 O O   . HOH C 3 .   ? 18.953  2.483   7.171   1.00 50.65 ? 407 HOH A O   1 
HETATM 1271 O O   . HOH C 3 .   ? -7.078  -16.731 -7.645  1.00 43.51 ? 408 HOH A O   1 
HETATM 1272 O O   . HOH C 3 .   ? 2.105   10.262  -16.989 1.00 28.87 ? 409 HOH A O   1 
HETATM 1273 O O   . HOH C 3 .   ? -11.476 -5.114  -14.823 1.00 40.09 ? 410 HOH A O   1 
HETATM 1274 O O   . HOH C 3 .   ? -1.352  12.547  -8.120  1.00 31.50 ? 411 HOH A O   1 
HETATM 1275 O O   . HOH C 3 .   ? -15.521 -4.552  10.966  1.00 28.80 ? 412 HOH A O   1 
HETATM 1276 O O   . HOH C 3 .   ? -6.868  8.111   11.837  1.00 41.80 ? 413 HOH A O   1 
HETATM 1277 O O   . HOH C 3 .   ? 2.851   -13.837 6.083   1.00 39.77 ? 414 HOH A O   1 
HETATM 1278 O O   . HOH C 3 .   ? -6.010  15.074  -3.467  1.00 42.96 ? 415 HOH A O   1 
HETATM 1279 O O   . HOH C 3 .   ? -1.403  -8.893  -10.646 1.00 43.74 ? 416 HOH A O   1 
HETATM 1280 O O   . HOH C 3 .   ? 0.314   2.402   -17.413 1.00 20.07 ? 417 HOH A O   1 
HETATM 1281 O O   . HOH C 3 .   ? 8.976   1.091   16.110  1.00 33.21 ? 418 HOH A O   1 
HETATM 1282 O O   . HOH C 3 .   ? 0.920   14.003  -1.252  1.00 37.90 ? 419 HOH A O   1 
HETATM 1283 O O   . HOH C 3 .   ? 7.885   0.620   -16.584 1.00 42.06 ? 420 HOH A O   1 
HETATM 1284 O O   . HOH C 3 .   ? -13.638 -6.405  -0.112  1.00 27.04 ? 421 HOH A O   1 
HETATM 1285 O O   . HOH C 3 .   ? -0.061  -15.805 -11.335 1.00 43.03 ? 422 HOH A O   1 
HETATM 1286 O O   . HOH C 3 .   ? 8.581   9.047   -2.395  1.00 38.10 ? 423 HOH A O   1 
HETATM 1287 O O   . HOH C 3 .   ? -3.562  -8.917  -12.272 1.00 44.35 ? 424 HOH A O   1 
HETATM 1288 O O   . HOH C 3 .   ? -7.497  4.635   -18.738 1.00 24.36 ? 425 HOH A O   1 
HETATM 1289 O O   . HOH C 3 .   ? 8.123   -12.060 -0.778  1.00 40.42 ? 426 HOH A O   1 
HETATM 1290 O O   . HOH C 3 .   ? 8.562   1.333   1.093   1.00 21.41 ? 427 HOH A O   1 
HETATM 1291 O O   . HOH C 3 .   ? 13.477  0.420   17.315  1.00 37.82 ? 428 HOH A O   1 
HETATM 1292 O O   . HOH C 3 .   ? 7.108   -10.804 13.514  1.00 23.04 ? 429 HOH A O   1 
HETATM 1293 O O   . HOH C 3 .   ? 13.431  -7.373  15.083  1.00 31.60 ? 430 HOH A O   1 
HETATM 1294 O O   . HOH C 3 .   ? -12.878 -10.460 -0.306  1.00 31.00 ? 431 HOH A O   1 
HETATM 1295 O O   . HOH C 3 .   ? -1.262  -5.689  -8.069  1.00 45.46 ? 432 HOH A O   1 
HETATM 1296 O O   . HOH C 3 .   ? 9.563   -2.069  -15.333 1.00 51.06 ? 433 HOH A O   1 
HETATM 1297 O O   . HOH C 3 .   ? -4.503  -16.744 -8.098  1.00 34.11 ? 434 HOH A O   1 
HETATM 1298 O O   . HOH C 3 .   ? 11.859  10.326  9.816   1.00 42.60 ? 435 HOH A O   1 
HETATM 1299 O O   . HOH C 3 .   ? -6.836  6.047   9.792   1.00 32.94 ? 436 HOH A O   1 
HETATM 1300 O O   . HOH C 3 .   ? -7.475  -9.892  10.216  1.00 22.60 ? 437 HOH A O   1 
HETATM 1301 O O   . HOH C 3 .   ? -9.347  -1.537  11.608  1.00 30.13 ? 438 HOH A O   1 
HETATM 1302 O O   . HOH C 3 .   ? 7.145   7.437   -15.041 1.00 42.63 ? 439 HOH A O   1 
HETATM 1303 O O   . HOH C 3 .   ? -2.012  -13.433 6.441   1.00 25.16 ? 440 HOH A O   1 
HETATM 1304 O O   . HOH C 3 .   ? 1.832   14.489  -10.594 1.00 43.24 ? 441 HOH A O   1 
HETATM 1305 O O   . HOH C 3 .   ? 17.787  -1.971  12.148  1.00 46.08 ? 442 HOH A O   1 
HETATM 1306 O O   . HOH C 3 .   ? -1.369  -2.025  16.533  1.00 25.91 ? 443 HOH A O   1 
HETATM 1307 O O   . HOH C 3 .   ? -18.152 4.691   -6.348  1.00 41.21 ? 444 HOH A O   1 
HETATM 1308 O O   . HOH C 3 .   ? 0.159   -3.596  -18.307 1.00 44.18 ? 445 HOH A O   1 
HETATM 1309 O O   . HOH C 3 .   ? 2.297   -11.825 2.027   1.00 30.51 ? 446 HOH A O   1 
HETATM 1310 O O   . HOH C 3 .   ? -1.244  -2.135  -13.117 1.00 44.09 ? 447 HOH A O   1 
HETATM 1311 O O   . HOH C 3 .   ? 12.580  -3.639  13.255  1.00 21.96 ? 448 HOH A O   1 
HETATM 1312 O O   . HOH C 3 .   ? -0.664  1.455   16.607  1.00 34.78 ? 449 HOH A O   1 
HETATM 1313 O O   . HOH C 3 .   ? -0.148  12.490  0.676   1.00 33.25 ? 450 HOH A O   1 
HETATM 1314 O O   . HOH C 3 .   ? -6.256  -14.799 -8.631  1.00 54.99 ? 451 HOH A O   1 
HETATM 1315 O O   . HOH C 3 .   ? -8.626  12.872  2.730   1.00 34.77 ? 452 HOH A O   1 
HETATM 1316 O O   . HOH C 3 .   ? -7.866  12.572  7.369   1.00 41.99 ? 453 HOH A O   1 
HETATM 1317 O O   . HOH C 3 .   ? -14.941 1.332   7.296   1.00 21.12 ? 454 HOH A O   1 
HETATM 1318 O O   . HOH C 3 .   ? -6.835  -5.073  14.077  1.00 31.23 ? 455 HOH A O   1 
HETATM 1319 O O   . HOH C 3 .   ? 5.552   8.113   -9.471  1.00 20.37 ? 456 HOH A O   1 
HETATM 1320 O O   . HOH C 3 .   ? -1.543  2.111   -15.283 1.00 22.66 ? 457 HOH A O   1 
HETATM 1321 O O   . HOH C 3 .   ? -9.181  -17.952 -7.205  1.00 42.80 ? 458 HOH A O   1 
HETATM 1322 O O   . HOH C 3 .   ? -13.088 -9.364  7.122   1.00 31.17 ? 459 HOH A O   1 
HETATM 1323 O O   . HOH C 3 .   ? 0.235   -2.282  -5.045  1.00 28.85 ? 460 HOH A O   1 
HETATM 1324 O O   . HOH C 3 .   ? -19.630 9.578   -6.468  1.00 34.51 ? 461 HOH A O   1 
HETATM 1325 O O   . HOH C 3 .   ? 3.402   -9.298  -9.562  1.00 42.33 ? 462 HOH A O   1 
HETATM 1326 O O   . HOH C 3 .   ? 8.080   12.159  -9.435  1.00 31.55 ? 463 HOH A O   1 
HETATM 1327 O O   . HOH C 3 .   ? 9.021   -6.979  20.829  1.00 41.64 ? 464 HOH A O   1 
HETATM 1328 O O   . HOH C 3 .   ? -2.132  -16.292 0.713   1.00 47.78 ? 465 HOH A O   1 
HETATM 1329 O O   . HOH C 3 .   ? -9.371  14.242  -11.807 1.00 38.43 ? 466 HOH A O   1 
HETATM 1330 O O   . HOH C 3 .   ? -14.547 -1.079  -0.980  1.00 32.99 ? 467 HOH A O   1 
HETATM 1331 O O   . HOH C 3 .   ? -0.271  -4.071  -9.563  1.00 43.34 ? 468 HOH A O   1 
HETATM 1332 O O   . HOH C 3 .   ? 3.687   -11.874 -0.326  1.00 25.82 ? 469 HOH A O   1 
HETATM 1333 O O   . HOH C 3 .   ? 9.959   -1.171  12.662  1.00 21.30 ? 470 HOH A O   1 
HETATM 1334 O O   . HOH C 3 .   ? 8.543   4.315   14.192  1.00 24.20 ? 471 HOH A O   1 
HETATM 1335 O O   . HOH C 3 .   ? 8.509   -0.353  -0.928  1.00 25.06 ? 472 HOH A O   1 
HETATM 1336 O O   . HOH C 3 .   ? -3.571  -8.588  16.086  1.00 26.04 ? 473 HOH A O   1 
HETATM 1337 O O   . HOH C 3 .   ? 10.020  5.688   -7.295  1.00 34.13 ? 474 HOH A O   1 
HETATM 1338 O O   . HOH C 3 .   ? 11.280  -12.409 11.853  1.00 42.81 ? 475 HOH A O   1 
HETATM 1339 O O   . HOH C 3 .   ? 6.437   -0.220  -4.976  1.00 24.42 ? 476 HOH A O   1 
HETATM 1340 O O   . HOH C 3 .   ? 10.514  -3.859  17.773  1.00 44.38 ? 477 HOH A O   1 
HETATM 1341 O O   . HOH C 3 .   ? -10.682 -3.780  11.419  1.00 20.50 ? 478 HOH A O   1 
HETATM 1342 O O   . HOH C 3 .   ? -10.015 -9.789  9.161   1.00 32.94 ? 479 HOH A O   1 
HETATM 1343 O O   . HOH C 3 .   ? 4.575   -11.862 13.645  1.00 25.82 ? 480 HOH A O   1 
HETATM 1344 O O   . HOH C 3 .   ? 6.400   3.581   20.741  1.00 24.58 ? 481 HOH A O   1 
HETATM 1345 O O   . HOH C 3 .   ? -8.108  -14.916 3.101   1.00 39.83 ? 482 HOH A O   1 
HETATM 1346 O O   . HOH C 3 .   ? -13.718 10.139  -0.624  1.00 23.74 ? 483 HOH A O   1 
HETATM 1347 O O   . HOH C 3 .   ? -11.535 -12.677 0.617   1.00 34.25 ? 484 HOH A O   1 
HETATM 1348 O O   . HOH C 3 .   ? 16.281  2.986   11.511  1.00 39.95 ? 485 HOH A O   1 
HETATM 1349 O O   . HOH C 3 .   ? 8.852   0.275   -3.489  1.00 27.64 ? 486 HOH A O   1 
HETATM 1350 O O   . HOH C 3 .   ? -7.221  5.417   7.030   1.00 21.17 ? 487 HOH A O   1 
HETATM 1351 O O   . HOH C 3 .   ? -11.785 13.329  -3.388  1.00 40.08 ? 488 HOH A O   1 
HETATM 1352 O O   . HOH C 3 .   ? -8.411  -17.699 0.203   1.00 52.48 ? 489 HOH A O   1 
HETATM 1353 O O   . HOH C 3 .   ? 10.096  5.198   -4.676  1.00 29.62 ? 490 HOH A O   1 
HETATM 1354 O O   . HOH C 3 .   ? 9.513   -10.071 -0.081  1.00 36.41 ? 491 HOH A O   1 
HETATM 1355 O O   . HOH C 3 .   ? 3.984   11.702  -15.284 1.00 34.21 ? 492 HOH A O   1 
HETATM 1356 O O   . HOH C 3 .   ? 4.533   -4.206  -4.713  1.00 33.23 ? 493 HOH A O   1 
HETATM 1357 O O   . HOH C 3 .   ? -15.672 -3.087  6.429   1.00 22.83 ? 494 HOH A O   1 
HETATM 1358 O O   . HOH C 3 .   ? 1.583   15.066  -8.109  1.00 31.61 ? 495 HOH A O   1 
HETATM 1359 O O   . HOH C 3 .   ? 11.423  4.574   6.530   1.00 40.48 ? 496 HOH A O   1 
HETATM 1360 O O   . HOH C 3 .   ? -1.994  8.241   12.639  1.00 34.82 ? 497 HOH A O   1 
HETATM 1361 O O   . HOH C 3 .   ? -5.999  -14.520 4.577   1.00 44.59 ? 498 HOH A O   1 
HETATM 1362 O O   . HOH C 3 .   ? -4.989  -13.745 8.268   1.00 25.54 ? 499 HOH A O   1 
HETATM 1363 O O   . HOH C 3 .   ? -3.974  -15.883 -10.575 1.00 38.27 ? 500 HOH A O   1 
HETATM 1364 O O   . HOH C 3 .   ? 10.945  -1.287  19.914  1.00 41.37 ? 501 HOH A O   1 
HETATM 1365 O O   . HOH C 3 .   ? -12.147 12.727  3.582   1.00 42.58 ? 502 HOH A O   1 
HETATM 1366 O O   . HOH C 3 .   ? -4.642  -13.939 5.417   1.00 25.04 ? 503 HOH A O   1 
HETATM 1367 O O   . HOH C 3 .   ? 2.609   -11.988 11.387  1.00 22.43 ? 504 HOH A O   1 
HETATM 1368 O O   . HOH C 3 .   ? 4.935   7.922   9.924   1.00 21.58 ? 505 HOH A O   1 
HETATM 1369 O O   . HOH C 3 .   ? -12.245 11.382  -14.154 1.00 31.11 ? 506 HOH A O   1 
HETATM 1370 O O   . HOH C 3 .   ? -2.633  -0.299  -15.038 1.00 36.53 ? 507 HOH A O   1 
HETATM 1371 O O   . HOH C 3 .   ? -17.075 12.347  -6.908  1.00 33.52 ? 508 HOH A O   1 
HETATM 1372 O O   . HOH C 3 .   ? 2.065   -13.802 -1.243  1.00 33.08 ? 509 HOH A O   1 
HETATM 1373 O O   . HOH C 3 .   ? 14.862  -14.318 -0.113  1.00 51.58 ? 510 HOH A O   1 
HETATM 1374 O O   . HOH C 3 .   ? -16.783 -0.183  6.258   1.00 33.16 ? 511 HOH A O   1 
HETATM 1375 O O   . HOH C 3 .   ? -11.143 11.933  -1.736  1.00 37.52 ? 512 HOH A O   1 
HETATM 1376 O O   . HOH C 3 .   ? 12.980  5.384   8.280   1.00 37.43 ? 513 HOH A O   1 
HETATM 1377 O O   . HOH C 3 .   ? -10.571 -12.262 7.759   1.00 41.51 ? 514 HOH A O   1 
HETATM 1378 O O   . HOH C 3 .   ? -5.795  7.484   10.498  1.00 37.03 ? 515 HOH A O   1 
HETATM 1379 O O   . HOH C 3 .   ? -11.545 2.010   -14.769 1.00 42.12 ? 516 HOH A O   1 
HETATM 1380 O O   . HOH C 3 .   ? -1.879  10.425  11.416  1.00 28.51 ? 517 HOH A O   1 
HETATM 1381 O O   . HOH C 3 .   ? 10.544  7.804   -3.988  1.00 37.74 ? 518 HOH A O   1 
HETATM 1382 O O   . HOH C 3 .   ? 16.784  -5.722  8.527   1.00 46.08 ? 519 HOH A O   1 
HETATM 1383 O O   . HOH C 3 .   ? 8.509   1.334   12.725  1.00 15.35 ? 520 HOH A O   1 
HETATM 1384 O O   . HOH C 3 .   ? -17.021 -0.675  -1.119  1.00 34.41 ? 521 HOH A O   1 
HETATM 1385 O O   . HOH C 3 .   ? -7.082  -12.531 9.590   1.00 29.22 ? 522 HOH A O   1 
HETATM 1386 O O   . HOH C 3 .   ? 15.397  5.027   10.561  1.00 50.05 ? 523 HOH A O   1 
HETATM 1387 O O   . HOH C 3 .   ? -4.250  -16.072 3.945   1.00 47.33 ? 524 HOH A O   1 
HETATM 1388 O O   . HOH C 3 .   ? -11.319 -16.929 -5.388  1.00 48.75 ? 525 HOH A O   1 
HETATM 1389 O O   . HOH C 3 .   ? -0.781  7.705   15.123  1.00 33.59 ? 526 HOH A O   1 
HETATM 1390 O O   . HOH C 3 .   ? 0.977   10.666  3.104   1.00 42.50 ? 527 HOH A O   1 
HETATM 1391 O O   . HOH C 3 .   ? 14.893  -8.830  13.019  1.00 44.21 ? 528 HOH A O   1 
HETATM 1392 O O   . HOH C 3 .   ? 4.695   3.766   19.376  1.00 48.82 ? 529 HOH A O   1 
HETATM 1393 O O   . HOH C 3 .   ? 0.078   -13.959 2.349   1.00 39.44 ? 530 HOH A O   1 
HETATM 1394 O O   . HOH C 3 .   ? -10.589 -9.856  -15.430 1.00 47.05 ? 531 HOH A O   1 
HETATM 1395 O O   . HOH C 3 .   ? 18.362  -2.573  15.140  1.00 50.42 ? 532 HOH A O   1 
HETATM 1396 O O   . HOH C 3 .   ? -4.552  -4.803  -10.207 1.00 36.39 ? 533 HOH A O   1 
HETATM 1397 O O   . HOH C 3 .   ? 5.809   -13.486 -0.340  1.00 38.25 ? 534 HOH A O   1 
HETATM 1398 O O   . HOH C 3 .   ? -14.119 14.874  -3.096  1.00 40.73 ? 535 HOH A O   1 
HETATM 1399 O O   . HOH C 3 .   ? -15.357 -5.521  8.322   1.00 28.61 ? 536 HOH A O   1 
HETATM 1400 O O   . HOH C 3 .   ? 6.577   -15.128 4.161   1.00 45.61 ? 537 HOH A O   1 
HETATM 1401 O O   . HOH C 3 .   ? -14.560 -9.410  4.126   1.00 41.76 ? 538 HOH A O   1 
HETATM 1402 O O   . HOH C 3 .   ? 7.275   1.959   23.972  1.00 34.11 ? 539 HOH A O   1 
HETATM 1403 O O   . HOH C 3 .   ? -4.963  9.287   12.777  1.00 49.65 ? 540 HOH A O   1 
HETATM 1404 O O   . HOH C 3 .   ? -3.118  -9.717  -14.737 1.00 43.22 ? 541 HOH A O   1 
HETATM 1405 O O   . HOH C 3 .   ? 13.073  7.928   10.917  1.00 37.10 ? 542 HOH A O   1 
HETATM 1406 O O   . HOH C 3 .   ? -14.922 -4.173  -1.224  1.00 36.31 ? 543 HOH A O   1 
HETATM 1407 O O   . HOH C 3 .   ? 5.180   -15.350 1.901   1.00 55.25 ? 544 HOH A O   1 
HETATM 1408 O O   . HOH C 3 .   ? -12.103 12.229  0.593   1.00 34.51 ? 545 HOH A O   1 
HETATM 1409 O O   . HOH C 3 .   ? -5.842  -6.023  16.431  1.00 42.73 ? 546 HOH A O   1 
HETATM 1410 O O   . HOH C 3 .   ? -2.318  -2.258  -10.130 1.00 40.81 ? 547 HOH A O   1 
HETATM 1411 O O   . HOH C 3 .   ? -13.080 -4.109  12.896  1.00 33.16 ? 548 HOH A O   1 
HETATM 1412 O O   . HOH C 3 .   ? -10.142 13.854  -9.328  1.00 41.48 ? 549 HOH A O   1 
HETATM 1413 O O   . HOH C 3 .   ? -10.869 0.454   16.071  1.00 34.44 ? 550 HOH A O   1 
HETATM 1414 O O   . HOH C 3 .   ? -15.900 -7.600  7.763   1.00 34.36 ? 551 HOH A O   1 
# 
